data_3MHG
#
_entry.id   3MHG
#
_cell.length_a   64.092
_cell.length_b   108.182
_cell.length_c   238.708
_cell.angle_alpha   90.00
_cell.angle_beta   90.00
_cell.angle_gamma   90.00
#
_symmetry.space_group_name_H-M   'P 21 21 21'
#
loop_
_entity.id
_entity.type
_entity.pdbx_description
1 polymer 'Tagatose 1,6-diphosphate aldolase 2'
2 non-polymer 1,3-DIHYDROXYACETONEPHOSPHATE
3 non-polymer 'CALCIUM ION'
4 water water
#
_entity_poly.entity_id   1
_entity_poly.type   'polypeptide(L)'
_entity_poly.pdbx_seq_one_letter_code
;TITLTENKRKSMEKLSVDGVISALAFDQRGALKRMMAQHQTKEPTVEQIEELKSLVSEELTPFASSILLDPEYGLPASRV
RSEEAGLLLAYEKTGYDATTTSRLPDCLDVWSAKRIKEAGAEAVKFLLYYDIDGDQDVNEQKKAYIERIGSECRAEDIPF
YLEILTYDEKIADNASPEFAKVKAHKVNEAMKVFSKERFGVDVLKVEVPVNMKFVEGFADGEVLFTKEEAAQAFRDQEAS
TDLPYIYLSAGVSAKLFQDTLVFAAESGAKFNGVLCGRATWAGSVKVYIEEGPQAAREWLRTEGFKNIDELNKVLDKTAS
PWTEKM
;
_entity_poly.pdbx_strand_id   A,B,C,D
#
loop_
_chem_comp.id
_chem_comp.type
_chem_comp.name
_chem_comp.formula
13P non-polymer 1,3-DIHYDROXYACETONEPHOSPHATE 'C3 H7 O6 P'
CA non-polymer 'CALCIUM ION' 'Ca 2'
#
# COMPACT_ATOMS: atom_id res chain seq x y z
N THR A 3 21.16 11.90 -2.40
CA THR A 3 22.62 11.92 -2.54
C THR A 3 23.04 11.95 -4.00
N LEU A 4 23.12 13.16 -4.55
CA LEU A 4 23.54 13.36 -5.93
C LEU A 4 25.00 12.96 -6.12
N THR A 5 25.31 12.35 -7.25
CA THR A 5 26.69 12.18 -7.65
C THR A 5 27.31 13.56 -7.85
N GLU A 6 28.63 13.60 -7.97
CA GLU A 6 29.34 14.86 -8.16
C GLU A 6 28.86 15.58 -9.42
N ASN A 7 28.74 14.86 -10.52
CA ASN A 7 28.32 15.45 -11.79
C ASN A 7 26.86 15.89 -11.83
N LYS A 8 25.98 15.15 -11.19
CA LYS A 8 24.58 15.54 -11.14
C LYS A 8 24.43 16.80 -10.28
N ARG A 9 25.18 16.87 -9.19
CA ARG A 9 25.12 18.05 -8.34
C ARG A 9 25.58 19.29 -9.10
N LYS A 10 26.67 19.15 -9.84
CA LYS A 10 27.20 20.27 -10.62
C LYS A 10 26.19 20.72 -11.65
N SER A 11 25.50 19.78 -12.28
CA SER A 11 24.47 20.12 -13.25
C SER A 11 23.29 20.82 -12.58
N MET A 12 22.89 20.30 -11.41
CA MET A 12 21.83 20.93 -10.64
C MET A 12 22.18 22.37 -10.26
N GLU A 13 23.44 22.59 -9.89
CA GLU A 13 23.89 23.95 -9.60
C GLU A 13 23.76 24.86 -10.80
N LYS A 14 24.07 24.34 -11.99
CA LYS A 14 24.01 25.14 -13.21
C LYS A 14 22.58 25.51 -13.61
N LEU A 15 21.61 24.76 -13.08
CA LEU A 15 20.22 25.00 -13.43
C LEU A 15 19.51 25.87 -12.42
N SER A 16 20.20 26.20 -11.32
CA SER A 16 19.59 26.89 -10.18
C SER A 16 20.41 28.09 -9.75
N VAL A 17 19.83 28.90 -8.86
CA VAL A 17 20.56 29.92 -8.11
C VAL A 17 20.23 29.81 -6.62
N ASP A 18 21.26 29.60 -5.80
CA ASP A 18 21.07 29.43 -4.35
C ASP A 18 19.97 28.41 -4.03
N GLY A 19 19.97 27.30 -4.76
CA GLY A 19 19.07 26.20 -4.47
C GLY A 19 17.66 26.37 -5.01
N VAL A 20 17.43 27.46 -5.73
CA VAL A 20 16.12 27.70 -6.30
C VAL A 20 16.13 27.66 -7.83
N ILE A 21 15.20 26.89 -8.40
CA ILE A 21 15.12 26.77 -9.84
C ILE A 21 14.14 27.79 -10.40
N SER A 22 14.66 28.77 -11.13
CA SER A 22 13.80 29.81 -11.71
C SER A 22 13.91 29.69 -13.22
N ALA A 23 13.39 28.58 -13.72
CA ALA A 23 13.62 28.19 -15.10
C ALA A 23 12.49 28.62 -16.03
N LEU A 24 12.89 28.94 -17.26
CA LEU A 24 11.97 29.30 -18.33
C LEU A 24 11.71 28.08 -19.19
N ALA A 25 10.45 27.77 -19.46
CA ALA A 25 10.14 26.60 -20.27
C ALA A 25 9.66 27.00 -21.65
N PHE A 26 10.32 26.48 -22.69
CA PHE A 26 9.89 26.72 -24.06
C PHE A 26 10.18 25.53 -24.97
N ASP A 27 9.73 24.35 -24.57
CA ASP A 27 9.92 23.16 -25.40
C ASP A 27 8.63 22.83 -26.16
N GLN A 28 7.66 23.71 -26.05
CA GLN A 28 6.39 23.53 -26.74
C GLN A 28 6.61 23.44 -28.25
N ARG A 29 5.96 22.48 -28.88
CA ARG A 29 6.13 22.27 -30.31
C ARG A 29 4.79 22.33 -31.03
N GLY A 30 4.05 21.22 -31.01
CA GLY A 30 2.74 21.16 -31.64
C GLY A 30 1.83 22.26 -31.14
N ALA A 31 1.86 22.50 -29.84
CA ALA A 31 1.01 23.53 -29.24
C ALA A 31 1.42 24.92 -29.72
N LEU A 32 2.72 25.14 -29.88
CA LEU A 32 3.21 26.43 -30.36
C LEU A 32 2.82 26.64 -31.81
N LYS A 33 2.89 25.58 -32.60
CA LYS A 33 2.58 25.68 -34.02
C LYS A 33 1.11 26.04 -34.20
N ARG A 34 0.25 25.43 -33.37
CA ARG A 34 -1.17 25.75 -33.40
C ARG A 34 -1.46 27.19 -33.00
N MET A 35 -0.72 27.73 -32.02
CA MET A 35 -0.85 29.13 -31.66
C MET A 35 -0.48 30.04 -32.84
N MET A 36 0.65 29.77 -33.47
CA MET A 36 1.10 30.59 -34.60
C MET A 36 0.08 30.55 -35.74
N ALA A 37 -0.50 29.38 -35.97
CA ALA A 37 -1.44 29.18 -37.07
C ALA A 37 -2.69 30.05 -36.92
N GLN A 38 -3.01 30.44 -35.70
CA GLN A 38 -4.18 31.28 -35.45
C GLN A 38 -4.02 32.66 -36.08
N HIS A 39 -2.78 33.08 -36.31
CA HIS A 39 -2.53 34.48 -36.62
C HIS A 39 -2.05 34.75 -38.05
N GLN A 40 -1.85 33.69 -38.83
CA GLN A 40 -1.44 33.85 -40.22
C GLN A 40 -2.12 32.80 -41.09
N THR A 41 -2.13 33.04 -42.40
CA THR A 41 -2.78 32.15 -43.35
C THR A 41 -1.91 30.92 -43.65
N LYS A 42 -0.63 31.17 -43.90
CA LYS A 42 0.28 30.10 -44.27
C LYS A 42 0.60 29.22 -43.05
N GLU A 43 1.02 27.99 -43.32
CA GLU A 43 1.46 27.08 -42.27
C GLU A 43 2.72 27.64 -41.63
N PRO A 44 2.75 27.68 -40.29
CA PRO A 44 3.97 28.16 -39.62
C PRO A 44 5.16 27.33 -40.06
N THR A 45 6.27 27.98 -40.38
CA THR A 45 7.43 27.28 -40.91
C THR A 45 8.40 26.85 -39.82
N VAL A 46 9.27 25.91 -40.15
CA VAL A 46 10.31 25.49 -39.22
C VAL A 46 11.14 26.70 -38.83
N GLU A 47 11.41 27.57 -39.80
CA GLU A 47 12.18 28.78 -39.55
C GLU A 47 11.53 29.71 -38.53
N GLN A 48 10.21 29.87 -38.62
CA GLN A 48 9.47 30.71 -37.69
C GLN A 48 9.50 30.15 -36.28
N ILE A 49 9.31 28.83 -36.15
CA ILE A 49 9.36 28.17 -34.86
C ILE A 49 10.75 28.32 -34.24
N GLU A 50 11.78 28.06 -35.03
CA GLU A 50 13.14 28.17 -34.54
C GLU A 50 13.46 29.61 -34.14
N GLU A 51 12.96 30.56 -34.91
CA GLU A 51 13.27 31.97 -34.64
C GLU A 51 12.61 32.48 -33.37
N LEU A 52 11.33 32.18 -33.17
CA LEU A 52 10.65 32.63 -31.97
C LEU A 52 11.32 32.05 -30.73
N LYS A 53 11.73 30.79 -30.80
CA LYS A 53 12.42 30.16 -29.68
C LYS A 53 13.73 30.88 -29.38
N SER A 54 14.47 31.24 -30.43
CA SER A 54 15.71 31.99 -30.25
C SER A 54 15.50 33.37 -29.64
N LEU A 55 14.43 34.05 -30.04
CA LEU A 55 14.12 35.37 -29.49
C LEU A 55 13.82 35.28 -27.99
N VAL A 56 13.01 34.30 -27.62
CA VAL A 56 12.65 34.11 -26.22
C VAL A 56 13.88 33.77 -25.39
N SER A 57 14.71 32.89 -25.92
CA SER A 57 15.92 32.48 -25.23
C SER A 57 16.86 33.68 -25.03
N GLU A 58 17.14 34.39 -26.11
CA GLU A 58 18.08 35.51 -26.06
C GLU A 58 17.60 36.63 -25.14
N GLU A 59 16.31 36.95 -25.20
CA GLU A 59 15.78 38.09 -24.47
C GLU A 59 15.48 37.81 -22.99
N LEU A 60 15.02 36.60 -22.67
CA LEU A 60 14.55 36.33 -21.32
C LEU A 60 15.46 35.47 -20.43
N THR A 61 16.41 34.73 -21.01
CA THR A 61 17.28 33.88 -20.20
C THR A 61 18.22 34.64 -19.25
N PRO A 62 18.48 35.93 -19.53
CA PRO A 62 19.26 36.67 -18.53
C PRO A 62 18.51 36.79 -17.19
N PHE A 63 17.22 36.48 -17.20
CA PHE A 63 16.39 36.59 -16.00
C PHE A 63 15.97 35.23 -15.44
N ALA A 64 16.54 34.18 -16.00
CA ALA A 64 16.22 32.81 -15.59
C ALA A 64 17.48 32.05 -15.18
N SER A 65 17.34 31.12 -14.25
CA SER A 65 18.48 30.30 -13.86
C SER A 65 18.79 29.24 -14.91
N SER A 66 17.79 28.89 -15.72
CA SER A 66 17.99 27.94 -16.80
C SER A 66 16.81 28.01 -17.77
N ILE A 67 16.97 27.38 -18.93
CA ILE A 67 15.90 27.31 -19.90
C ILE A 67 15.72 25.88 -20.41
N LEU A 68 14.47 25.47 -20.55
CA LEU A 68 14.13 24.17 -21.12
C LEU A 68 13.72 24.36 -22.57
N LEU A 69 14.41 23.67 -23.47
CA LEU A 69 14.10 23.74 -24.89
C LEU A 69 13.91 22.34 -25.44
N ASP A 70 13.33 22.22 -26.63
CA ASP A 70 13.23 20.93 -27.28
C ASP A 70 14.39 20.81 -28.25
N PRO A 71 14.87 19.59 -28.50
CA PRO A 71 16.01 19.38 -29.41
C PRO A 71 15.61 19.45 -30.89
N GLU A 72 14.31 19.46 -31.16
CA GLU A 72 13.83 19.49 -32.55
C GLU A 72 13.93 20.86 -33.21
N TYR A 73 13.55 21.91 -32.48
CA TYR A 73 13.61 23.27 -33.02
C TYR A 73 14.48 24.18 -32.16
N GLY A 74 14.82 23.73 -30.96
CA GLY A 74 15.39 24.62 -29.96
C GLY A 74 16.90 24.66 -29.83
N LEU A 75 17.62 23.90 -30.66
CA LEU A 75 19.06 23.86 -30.53
C LEU A 75 19.72 25.21 -30.85
N PRO A 76 19.26 25.89 -31.92
CA PRO A 76 19.74 27.25 -32.16
C PRO A 76 19.45 28.18 -30.98
N ALA A 77 18.23 28.14 -30.46
CA ALA A 77 17.89 28.94 -29.29
C ALA A 77 18.80 28.64 -28.11
N SER A 78 19.16 27.37 -27.95
CA SER A 78 19.99 26.97 -26.81
C SER A 78 21.35 27.63 -26.89
N ARG A 79 21.83 27.86 -28.10
CA ARG A 79 23.15 28.43 -28.28
C ARG A 79 23.20 29.96 -28.06
N VAL A 80 22.04 30.61 -28.01
CA VAL A 80 22.01 32.05 -27.72
C VAL A 80 21.49 32.39 -26.32
N ARG A 81 21.35 31.38 -25.47
CA ARG A 81 20.92 31.62 -24.09
C ARG A 81 21.99 32.38 -23.32
N SER A 82 21.60 33.05 -22.25
CA SER A 82 22.53 33.78 -21.39
C SER A 82 23.63 32.87 -20.88
N GLU A 83 24.85 33.40 -20.82
CA GLU A 83 26.00 32.66 -20.32
C GLU A 83 25.80 32.12 -18.90
N GLU A 84 24.93 32.77 -18.13
CA GLU A 84 24.70 32.36 -16.74
C GLU A 84 23.58 31.32 -16.60
N ALA A 85 22.86 31.04 -17.68
CA ALA A 85 21.71 30.14 -17.61
C ALA A 85 22.02 28.73 -18.09
N GLY A 86 21.54 27.73 -17.35
CA GLY A 86 21.73 26.35 -17.71
C GLY A 86 20.74 25.89 -18.76
N LEU A 87 20.90 24.65 -19.22
CA LEU A 87 20.06 24.13 -20.29
C LEU A 87 19.41 22.79 -19.94
N LEU A 88 18.10 22.69 -20.13
CA LEU A 88 17.44 21.38 -20.11
C LEU A 88 16.94 21.08 -21.52
N LEU A 89 16.97 19.83 -21.93
CA LEU A 89 16.38 19.44 -23.21
C LEU A 89 15.29 18.40 -23.03
N ALA A 90 14.16 18.61 -23.71
CA ALA A 90 13.05 17.66 -23.69
C ALA A 90 13.38 16.39 -24.47
N TYR A 91 12.83 15.27 -24.01
CA TYR A 91 13.16 13.96 -24.54
C TYR A 91 11.93 13.28 -25.14
N GLU A 92 10.74 13.77 -24.77
CA GLU A 92 9.51 13.14 -25.22
C GLU A 92 9.00 13.73 -26.54
N LYS A 93 8.30 12.90 -27.32
CA LYS A 93 7.57 13.39 -28.48
C LYS A 93 6.43 14.27 -28.00
N THR A 94 6.08 15.26 -28.81
CA THR A 94 5.09 16.25 -28.42
C THR A 94 3.67 15.68 -28.44
N GLY A 95 2.82 16.19 -27.56
CA GLY A 95 1.40 15.86 -27.56
C GLY A 95 1.03 14.43 -27.20
N TYR A 96 -0.20 14.04 -27.54
CA TYR A 96 -0.68 12.67 -27.32
C TYR A 96 -1.84 12.38 -28.26
N ASP A 97 -2.19 11.11 -28.37
CA ASP A 97 -3.31 10.69 -29.20
C ASP A 97 -4.63 10.90 -28.48
N ALA A 98 -5.45 11.82 -28.98
CA ALA A 98 -6.75 12.09 -28.39
C ALA A 98 -7.75 10.99 -28.74
N THR A 99 -7.37 10.12 -29.66
CA THR A 99 -8.23 9.01 -30.10
C THR A 99 -8.43 7.97 -29.01
N THR A 100 -7.43 7.81 -28.13
CA THR A 100 -7.51 6.82 -27.07
C THR A 100 -7.28 7.46 -25.70
N THR A 101 -7.29 6.66 -24.66
CA THR A 101 -7.19 7.18 -23.30
C THR A 101 -5.87 6.84 -22.62
N SER A 102 -5.00 6.14 -23.32
CA SER A 102 -3.79 5.59 -22.71
C SER A 102 -2.64 6.59 -22.63
N ARG A 103 -2.61 7.54 -23.56
CA ARG A 103 -1.56 8.56 -23.61
C ARG A 103 -0.17 7.98 -23.28
N LEU A 104 0.25 6.99 -24.05
CA LEU A 104 1.51 6.29 -23.78
C LEU A 104 2.72 7.14 -24.16
N PRO A 105 3.76 7.10 -23.31
CA PRO A 105 4.97 7.92 -23.52
C PRO A 105 5.83 7.39 -24.66
N ASP A 106 6.53 8.29 -25.35
CA ASP A 106 7.38 7.89 -26.48
C ASP A 106 8.52 8.89 -26.65
N CYS A 107 9.75 8.42 -26.49
CA CYS A 107 10.94 9.24 -26.68
C CYS A 107 11.11 9.67 -28.14
N LEU A 108 11.76 10.81 -28.35
CA LEU A 108 12.09 11.26 -29.70
C LEU A 108 12.93 10.19 -30.40
N ASP A 109 12.56 9.85 -31.63
CA ASP A 109 13.15 8.69 -32.32
C ASP A 109 14.67 8.70 -32.49
N VAL A 110 15.27 9.85 -32.76
CA VAL A 110 16.73 9.84 -32.94
C VAL A 110 17.49 10.44 -31.78
N TRP A 111 16.87 10.42 -30.59
CA TRP A 111 17.52 10.93 -29.39
C TRP A 111 17.73 9.84 -28.32
N SER A 112 18.66 10.12 -27.41
CA SER A 112 18.93 9.25 -26.26
C SER A 112 19.45 10.18 -25.17
N ALA A 113 19.52 9.69 -23.93
CA ALA A 113 20.07 10.52 -22.86
C ALA A 113 21.48 10.96 -23.21
N LYS A 114 22.23 10.05 -23.82
CA LYS A 114 23.60 10.32 -24.20
C LYS A 114 23.70 11.47 -25.20
N ARG A 115 22.86 11.46 -26.23
CA ARG A 115 22.85 12.53 -27.23
C ARG A 115 22.39 13.87 -26.65
N ILE A 116 21.45 13.82 -25.71
CA ILE A 116 21.01 15.04 -25.03
C ILE A 116 22.14 15.69 -24.24
N LYS A 117 22.88 14.87 -23.50
CA LYS A 117 24.10 15.32 -22.84
C LYS A 117 25.11 15.88 -23.85
N GLU A 118 25.31 15.15 -24.95
CA GLU A 118 26.23 15.58 -26.00
C GLU A 118 25.78 16.89 -26.67
N ALA A 119 24.48 17.18 -26.61
CA ALA A 119 23.95 18.43 -27.14
C ALA A 119 24.10 19.61 -26.18
N GLY A 120 24.74 19.37 -25.03
CA GLY A 120 25.06 20.44 -24.10
C GLY A 120 24.09 20.64 -22.94
N ALA A 121 23.14 19.72 -22.79
CA ALA A 121 22.15 19.83 -21.72
C ALA A 121 22.71 19.49 -20.35
N GLU A 122 22.21 20.18 -19.32
CA GLU A 122 22.54 19.84 -17.93
CA GLU A 122 22.53 19.86 -17.92
C GLU A 122 21.44 18.99 -17.31
N ALA A 123 20.42 18.68 -18.10
CA ALA A 123 19.32 17.84 -17.62
C ALA A 123 18.52 17.27 -18.77
N VAL A 124 17.98 16.07 -18.56
CA VAL A 124 17.03 15.47 -19.48
C VAL A 124 15.66 15.69 -18.88
N LYS A 125 14.75 16.26 -19.67
CA LYS A 125 13.39 16.46 -19.23
C LYS A 125 12.46 15.53 -20.02
N PHE A 126 11.51 14.91 -19.33
CA PHE A 126 10.56 14.03 -19.98
C PHE A 126 9.16 14.22 -19.41
N LEU A 127 8.17 14.35 -20.29
CA LEU A 127 6.79 14.54 -19.87
C LEU A 127 6.00 13.23 -19.93
N LEU A 128 5.36 12.88 -18.83
CA LEU A 128 4.50 11.71 -18.78
C LEU A 128 3.09 12.12 -18.41
N TYR A 129 2.10 11.66 -19.18
CA TYR A 129 0.71 11.80 -18.76
C TYR A 129 0.34 10.61 -17.90
N TYR A 130 -0.28 10.86 -16.76
CA TYR A 130 -0.54 9.79 -15.81
C TYR A 130 -1.89 9.91 -15.11
N ASP A 131 -2.69 8.84 -15.21
CA ASP A 131 -3.92 8.71 -14.44
C ASP A 131 -3.71 7.58 -13.43
N ILE A 132 -3.48 7.95 -12.17
CA ILE A 132 -3.22 6.99 -11.12
C ILE A 132 -4.34 5.93 -11.04
N ASP A 133 -5.55 6.33 -11.38
CA ASP A 133 -6.71 5.43 -11.30
C ASP A 133 -6.97 4.73 -12.63
N GLY A 134 -6.09 4.93 -13.60
CA GLY A 134 -6.28 4.38 -14.94
C GLY A 134 -6.02 2.89 -15.08
N ASP A 135 -6.06 2.42 -16.31
CA ASP A 135 -5.84 1.01 -16.62
C ASP A 135 -4.49 0.55 -16.07
N GLN A 136 -4.50 -0.52 -15.28
CA GLN A 136 -3.28 -0.95 -14.59
C GLN A 136 -2.18 -1.43 -15.54
N ASP A 137 -2.56 -2.06 -16.64
CA ASP A 137 -1.59 -2.52 -17.64
C ASP A 137 -0.95 -1.34 -18.39
N VAL A 138 -1.74 -0.31 -18.65
CA VAL A 138 -1.21 0.91 -19.23
C VAL A 138 -0.21 1.56 -18.27
N ASN A 139 -0.56 1.60 -16.99
CA ASN A 139 0.33 2.21 -16.01
C ASN A 139 1.59 1.40 -15.80
N GLU A 140 1.48 0.08 -15.97
CA GLU A 140 2.63 -0.79 -15.88
C GLU A 140 3.62 -0.48 -17.00
N GLN A 141 3.08 -0.25 -18.19
CA GLN A 141 3.92 0.09 -19.35
C GLN A 141 4.56 1.45 -19.11
N LYS A 142 3.80 2.39 -18.55
CA LYS A 142 4.34 3.72 -18.28
C LYS A 142 5.46 3.68 -17.25
N LYS A 143 5.26 2.89 -16.21
CA LYS A 143 6.26 2.78 -15.15
C LYS A 143 7.55 2.15 -15.70
N ALA A 144 7.40 1.11 -16.52
CA ALA A 144 8.57 0.50 -17.14
C ALA A 144 9.31 1.51 -18.01
N TYR A 145 8.57 2.33 -18.74
CA TYR A 145 9.19 3.30 -19.64
C TYR A 145 10.03 4.30 -18.87
N ILE A 146 9.51 4.78 -17.74
CA ILE A 146 10.22 5.75 -16.93
C ILE A 146 11.44 5.13 -16.27
N GLU A 147 11.34 3.87 -15.87
CA GLU A 147 12.49 3.13 -15.34
C GLU A 147 13.66 3.15 -16.32
N ARG A 148 13.39 2.90 -17.59
CA ARG A 148 14.44 2.91 -18.61
C ARG A 148 15.11 4.28 -18.69
N ILE A 149 14.31 5.34 -18.71
CA ILE A 149 14.84 6.69 -18.84
C ILE A 149 15.65 7.06 -17.61
N GLY A 150 15.11 6.71 -16.44
CA GLY A 150 15.81 6.89 -15.19
C GLY A 150 17.18 6.23 -15.20
N SER A 151 17.26 5.00 -15.73
CA SER A 151 18.54 4.29 -15.80
C SER A 151 19.48 4.95 -16.81
N GLU A 152 18.97 5.37 -17.96
CA GLU A 152 19.78 6.10 -18.93
C GLU A 152 20.47 7.30 -18.29
N CYS A 153 19.70 8.07 -17.52
CA CYS A 153 20.21 9.30 -16.91
C CYS A 153 21.21 9.01 -15.80
N ARG A 154 21.02 7.91 -15.11
CA ARG A 154 21.99 7.46 -14.12
C ARG A 154 23.32 7.12 -14.79
N ALA A 155 23.24 6.38 -15.90
CA ALA A 155 24.43 5.99 -16.64
C ALA A 155 25.18 7.18 -17.23
N GLU A 156 24.43 8.09 -17.86
CA GLU A 156 25.04 9.26 -18.47
C GLU A 156 25.35 10.32 -17.40
N ASP A 157 24.85 10.10 -16.18
CA ASP A 157 25.16 10.96 -15.05
C ASP A 157 24.66 12.38 -15.29
N ILE A 158 23.40 12.47 -15.68
CA ILE A 158 22.76 13.75 -15.96
C ILE A 158 21.41 13.76 -15.22
N PRO A 159 21.06 14.88 -14.59
CA PRO A 159 19.80 14.95 -13.84
C PRO A 159 18.58 14.61 -14.68
N PHE A 160 17.65 13.86 -14.09
CA PHE A 160 16.40 13.46 -14.74
C PHE A 160 15.26 14.30 -14.17
N TYR A 161 14.73 15.21 -14.99
CA TYR A 161 13.55 16.00 -14.63
C TYR A 161 12.33 15.33 -15.24
N LEU A 162 11.42 14.85 -14.39
CA LEU A 162 10.20 14.22 -14.86
C LEU A 162 9.02 15.17 -14.67
N GLU A 163 8.37 15.53 -15.77
CA GLU A 163 7.14 16.29 -15.69
C GLU A 163 5.97 15.33 -15.70
N ILE A 164 5.02 15.55 -14.81
CA ILE A 164 3.82 14.75 -14.75
C ILE A 164 2.61 15.63 -14.99
N LEU A 165 1.85 15.32 -16.03
CA LEU A 165 0.55 15.96 -16.22
C LEU A 165 -0.51 14.91 -15.98
N THR A 166 -1.43 15.22 -15.07
CA THR A 166 -2.46 14.24 -14.71
C THR A 166 -3.69 14.38 -15.58
N TYR A 167 -4.47 13.31 -15.65
CA TYR A 167 -5.75 13.34 -16.33
C TYR A 167 -6.59 12.20 -15.84
N ASP A 168 -7.83 12.14 -16.29
CA ASP A 168 -8.70 11.03 -15.95
C ASP A 168 -9.22 10.43 -17.24
N GLU A 169 -9.05 9.12 -17.38
CA GLU A 169 -9.49 8.40 -18.57
C GLU A 169 -10.95 8.71 -18.95
N LYS A 170 -11.78 8.96 -17.93
CA LYS A 170 -13.21 9.13 -18.13
C LYS A 170 -13.65 10.60 -18.16
N ILE A 171 -12.74 11.52 -17.89
CA ILE A 171 -13.10 12.93 -17.84
C ILE A 171 -12.43 13.67 -18.99
N ALA A 172 -13.23 14.21 -19.90
CA ALA A 172 -12.70 14.79 -21.13
C ALA A 172 -11.91 16.07 -20.89
N ASP A 173 -12.39 16.92 -19.99
CA ASP A 173 -11.83 18.25 -19.81
C ASP A 173 -11.26 18.46 -18.41
N ASN A 174 -9.94 18.64 -18.31
CA ASN A 174 -9.34 18.80 -16.99
CA ASN A 174 -9.24 18.86 -17.04
C ASN A 174 -9.60 20.19 -16.38
N ALA A 175 -10.26 21.06 -17.14
CA ALA A 175 -10.63 22.38 -16.62
C ALA A 175 -12.00 22.32 -15.96
N SER A 176 -12.67 21.18 -16.07
CA SER A 176 -14.02 21.03 -15.54
C SER A 176 -14.07 20.92 -14.01
N PRO A 177 -15.23 21.25 -13.42
CA PRO A 177 -15.42 21.04 -11.98
C PRO A 177 -15.26 19.57 -11.61
N GLU A 178 -15.65 18.68 -12.50
CA GLU A 178 -15.55 17.25 -12.21
C GLU A 178 -14.09 16.85 -12.00
N PHE A 179 -13.21 17.30 -12.88
CA PHE A 179 -11.80 16.99 -12.70
C PHE A 179 -11.19 17.70 -11.50
N ALA A 180 -11.61 18.95 -11.25
CA ALA A 180 -11.08 19.71 -10.13
C ALA A 180 -11.26 18.94 -8.83
N LYS A 181 -12.36 18.22 -8.71
CA LYS A 181 -12.67 17.48 -7.49
C LYS A 181 -11.72 16.30 -7.24
N VAL A 182 -11.09 15.79 -8.29
CA VAL A 182 -10.17 14.66 -8.13
C VAL A 182 -8.70 15.02 -8.39
N LYS A 183 -8.44 16.28 -8.72
CA LYS A 183 -7.10 16.70 -9.11
C LYS A 183 -6.03 16.45 -8.04
N ALA A 184 -6.32 16.83 -6.80
CA ALA A 184 -5.35 16.64 -5.71
C ALA A 184 -4.94 15.19 -5.63
N HIS A 185 -5.92 14.29 -5.69
CA HIS A 185 -5.66 12.85 -5.69
C HIS A 185 -4.74 12.44 -6.83
N LYS A 186 -5.07 12.87 -8.06
CA LYS A 186 -4.28 12.51 -9.24
C LYS A 186 -2.84 12.99 -9.12
N VAL A 187 -2.67 14.23 -8.69
CA VAL A 187 -1.34 14.84 -8.62
C VAL A 187 -0.50 14.23 -7.51
N ASN A 188 -1.06 14.17 -6.31
CA ASN A 188 -0.30 13.75 -5.15
C ASN A 188 0.05 12.26 -5.17
N GLU A 189 -0.89 11.43 -5.61
CA GLU A 189 -0.61 10.00 -5.67
C GLU A 189 0.40 9.67 -6.79
N ALA A 190 0.33 10.41 -7.89
CA ALA A 190 1.29 10.21 -8.97
C ALA A 190 2.69 10.60 -8.52
N MET A 191 2.78 11.67 -7.74
CA MET A 191 4.07 12.11 -7.20
C MET A 191 4.65 11.06 -6.26
N LYS A 192 3.79 10.41 -5.49
CA LYS A 192 4.24 9.37 -4.58
C LYS A 192 4.80 8.19 -5.35
N VAL A 193 4.11 7.79 -6.40
CA VAL A 193 4.59 6.69 -7.24
C VAL A 193 5.98 7.01 -7.82
N PHE A 194 6.11 8.17 -8.45
CA PHE A 194 7.34 8.46 -9.17
C PHE A 194 8.48 9.02 -8.32
N SER A 195 8.23 9.15 -7.02
CA SER A 195 9.27 9.41 -6.04
C SER A 195 9.95 8.11 -5.59
N LYS A 196 9.42 6.96 -6.02
CA LYS A 196 10.08 5.68 -5.72
C LYS A 196 11.49 5.65 -6.31
N GLU A 197 12.44 5.13 -5.55
CA GLU A 197 13.84 5.10 -5.98
C GLU A 197 14.05 4.49 -7.38
N ARG A 198 13.25 3.50 -7.73
CA ARG A 198 13.45 2.76 -8.98
C ARG A 198 13.30 3.62 -10.24
N PHE A 199 12.66 4.78 -10.13
CA PHE A 199 12.43 5.62 -11.31
C PHE A 199 13.55 6.61 -11.60
N GLY A 200 14.47 6.77 -10.66
CA GLY A 200 15.68 7.55 -10.85
C GLY A 200 15.46 9.04 -11.07
N VAL A 201 14.33 9.55 -10.58
CA VAL A 201 14.00 10.96 -10.78
C VAL A 201 14.83 11.86 -9.87
N ASP A 202 15.34 12.95 -10.43
CA ASP A 202 16.08 13.95 -9.65
C ASP A 202 15.23 15.16 -9.25
N VAL A 203 14.36 15.59 -10.16
CA VAL A 203 13.42 16.68 -9.87
C VAL A 203 12.08 16.39 -10.53
N LEU A 204 11.00 16.62 -9.81
CA LEU A 204 9.65 16.50 -10.35
C LEU A 204 9.12 17.87 -10.78
N LYS A 205 8.65 17.96 -12.02
CA LYS A 205 7.96 19.15 -12.49
C LYS A 205 6.46 18.83 -12.48
N VAL A 206 5.71 19.51 -11.63
CA VAL A 206 4.33 19.10 -11.37
C VAL A 206 3.34 20.24 -11.36
N GLU A 207 2.06 19.89 -11.48
CA GLU A 207 0.98 20.88 -11.34
C GLU A 207 0.76 21.21 -9.87
N VAL A 208 0.24 22.39 -9.59
CA VAL A 208 -0.31 22.63 -8.26
C VAL A 208 -1.47 21.65 -8.09
N PRO A 209 -1.67 21.13 -6.87
CA PRO A 209 -2.63 20.05 -6.68
C PRO A 209 -4.08 20.55 -6.56
N VAL A 210 -4.36 21.72 -7.12
CA VAL A 210 -5.71 22.27 -7.07
CA VAL A 210 -5.70 22.30 -7.05
C VAL A 210 -5.94 23.15 -8.29
N ASN A 211 -7.18 23.23 -8.75
CA ASN A 211 -7.52 24.20 -9.79
C ASN A 211 -7.97 25.47 -9.08
N MET A 212 -7.10 26.48 -9.06
CA MET A 212 -7.35 27.68 -8.26
C MET A 212 -8.61 28.43 -8.65
N LYS A 213 -9.07 28.23 -9.88
CA LYS A 213 -10.28 28.89 -10.37
C LYS A 213 -11.52 28.47 -9.59
N PHE A 214 -11.39 27.43 -8.75
CA PHE A 214 -12.52 26.93 -7.97
C PHE A 214 -12.28 27.10 -6.47
N VAL A 215 -11.27 27.87 -6.13
CA VAL A 215 -10.94 28.10 -4.73
C VAL A 215 -11.45 29.45 -4.24
N GLU A 216 -12.05 29.44 -3.06
CA GLU A 216 -12.56 30.65 -2.43
C GLU A 216 -11.48 31.74 -2.43
N GLY A 217 -11.86 32.92 -2.93
CA GLY A 217 -10.95 34.04 -2.99
C GLY A 217 -10.32 34.20 -4.36
N PHE A 218 -10.35 33.12 -5.15
CA PHE A 218 -9.81 33.14 -6.50
C PHE A 218 -10.90 32.86 -7.52
N ALA A 219 -11.96 32.19 -7.08
CA ALA A 219 -13.02 31.73 -7.97
C ALA A 219 -13.93 32.88 -8.41
N ASP A 220 -14.23 32.92 -9.70
CA ASP A 220 -15.15 33.90 -10.25
C ASP A 220 -16.51 33.27 -10.51
N GLY A 221 -16.59 31.95 -10.31
CA GLY A 221 -17.84 31.23 -10.46
C GLY A 221 -18.10 30.31 -9.29
N GLU A 222 -18.43 29.06 -9.58
CA GLU A 222 -18.65 28.04 -8.56
C GLU A 222 -17.42 27.91 -7.66
N VAL A 223 -17.66 27.86 -6.35
CA VAL A 223 -16.59 27.64 -5.39
C VAL A 223 -16.65 26.20 -4.91
N LEU A 224 -15.59 25.43 -5.17
CA LEU A 224 -15.57 24.03 -4.78
C LEU A 224 -14.79 23.82 -3.48
N PHE A 225 -13.84 24.71 -3.21
CA PHE A 225 -12.95 24.53 -2.06
C PHE A 225 -12.76 25.81 -1.25
N THR A 226 -12.82 25.68 0.07
CA THR A 226 -12.43 26.76 0.97
C THR A 226 -10.92 26.96 0.85
N LYS A 227 -10.41 28.05 1.40
CA LYS A 227 -8.96 28.27 1.39
C LYS A 227 -8.25 27.21 2.22
N GLU A 228 -8.87 26.79 3.32
CA GLU A 228 -8.26 25.77 4.16
C GLU A 228 -8.21 24.42 3.46
N GLU A 229 -9.23 24.10 2.68
CA GLU A 229 -9.22 22.85 1.93
C GLU A 229 -8.14 22.87 0.85
N ALA A 230 -8.01 24.00 0.17
CA ALA A 230 -6.98 24.11 -0.85
C ALA A 230 -5.59 24.05 -0.22
N ALA A 231 -5.42 24.72 0.92
CA ALA A 231 -4.15 24.70 1.63
C ALA A 231 -3.76 23.28 2.03
N GLN A 232 -4.73 22.49 2.47
CA GLN A 232 -4.46 21.10 2.82
C GLN A 232 -3.97 20.28 1.64
N ALA A 233 -4.45 20.58 0.44
CA ALA A 233 -4.00 19.88 -0.76
C ALA A 233 -2.51 20.15 -1.02
N PHE A 234 -2.08 21.38 -0.78
CA PHE A 234 -0.67 21.73 -0.89
C PHE A 234 0.17 21.01 0.16
N ARG A 235 -0.33 20.91 1.40
CA ARG A 235 0.38 20.16 2.42
C ARG A 235 0.42 18.66 2.08
N ASP A 236 -0.67 18.15 1.50
CA ASP A 236 -0.69 16.76 1.05
C ASP A 236 0.37 16.54 -0.03
N GLN A 237 0.50 17.51 -0.92
CA GLN A 237 1.51 17.43 -1.95
C GLN A 237 2.90 17.40 -1.34
N GLU A 238 3.13 18.28 -0.37
CA GLU A 238 4.43 18.30 0.30
C GLU A 238 4.73 16.97 0.96
N ALA A 239 3.71 16.31 1.49
CA ALA A 239 3.92 15.03 2.18
C ALA A 239 4.03 13.83 1.23
N SER A 240 3.93 14.08 -0.08
CA SER A 240 3.95 12.98 -1.04
CA SER A 240 3.95 12.99 -1.06
C SER A 240 5.36 12.65 -1.55
N THR A 241 6.31 13.52 -1.28
CA THR A 241 7.65 13.31 -1.83
C THR A 241 8.72 14.01 -1.00
N ASP A 242 9.93 13.47 -1.02
CA ASP A 242 11.07 14.16 -0.44
C ASP A 242 12.03 14.60 -1.55
N LEU A 243 11.60 14.41 -2.80
CA LEU A 243 12.38 14.90 -3.93
C LEU A 243 12.16 16.39 -4.12
N PRO A 244 13.13 17.07 -4.74
CA PRO A 244 12.88 18.45 -5.18
C PRO A 244 11.72 18.46 -6.17
N TYR A 245 10.84 19.45 -6.08
CA TYR A 245 9.77 19.59 -7.06
C TYR A 245 9.52 21.05 -7.40
N ILE A 246 9.12 21.29 -8.65
CA ILE A 246 8.90 22.64 -9.14
C ILE A 246 7.58 22.69 -9.88
N TYR A 247 6.95 23.88 -9.92
CA TYR A 247 5.63 24.00 -10.54
C TYR A 247 5.68 24.46 -11.99
N LEU A 248 4.79 23.87 -12.81
CA LEU A 248 4.54 24.35 -14.15
C LEU A 248 3.38 25.33 -14.09
N SER A 249 3.30 26.27 -15.05
CA SER A 249 2.26 27.30 -15.00
C SER A 249 0.92 26.83 -15.55
N ALA A 250 0.95 25.86 -16.45
CA ALA A 250 -0.26 25.34 -17.08
C ALA A 250 -0.95 26.39 -17.95
N GLY A 251 -0.22 27.44 -18.30
CA GLY A 251 -0.75 28.49 -19.15
C GLY A 251 -1.78 29.41 -18.51
N VAL A 252 -1.87 29.44 -17.18
CA VAL A 252 -2.73 30.43 -16.54
C VAL A 252 -2.05 31.80 -16.74
N SER A 253 -2.71 32.87 -16.28
CA SER A 253 -2.12 34.20 -16.42
C SER A 253 -0.90 34.34 -15.50
N ALA A 254 0.03 35.21 -15.88
CA ALA A 254 1.19 35.51 -15.04
C ALA A 254 0.76 35.88 -13.63
N LYS A 255 -0.26 36.73 -13.52
CA LYS A 255 -0.76 37.17 -12.23
C LYS A 255 -1.32 36.01 -11.37
N LEU A 256 -2.12 35.14 -11.98
CA LEU A 256 -2.67 34.02 -11.23
C LEU A 256 -1.57 33.05 -10.78
N PHE A 257 -0.59 32.81 -11.64
CA PHE A 257 0.49 31.91 -11.29
C PHE A 257 1.25 32.47 -10.10
N GLN A 258 1.55 33.77 -10.15
CA GLN A 258 2.21 34.45 -9.03
C GLN A 258 1.43 34.30 -7.72
N ASP A 259 0.14 34.60 -7.74
CA ASP A 259 -0.68 34.49 -6.52
C ASP A 259 -0.78 33.04 -6.03
N THR A 260 -0.75 32.10 -6.97
CA THR A 260 -0.77 30.68 -6.63
C THR A 260 0.49 30.28 -5.85
N LEU A 261 1.64 30.80 -6.27
CA LEU A 261 2.89 30.47 -5.59
C LEU A 261 2.92 31.05 -4.17
N VAL A 262 2.40 32.26 -4.03
CA VAL A 262 2.27 32.86 -2.72
C VAL A 262 1.35 31.98 -1.87
N PHE A 263 0.26 31.52 -2.45
CA PHE A 263 -0.68 30.69 -1.70
C PHE A 263 -0.03 29.35 -1.31
N ALA A 264 0.71 28.76 -2.24
CA ALA A 264 1.40 27.49 -1.99
C ALA A 264 2.32 27.63 -0.80
N ALA A 265 3.11 28.70 -0.78
CA ALA A 265 4.09 28.94 0.26
C ALA A 265 3.42 29.13 1.62
N GLU A 266 2.39 29.95 1.67
CA GLU A 266 1.69 30.17 2.94
C GLU A 266 1.05 28.89 3.43
N SER A 267 0.60 28.04 2.51
CA SER A 267 -0.06 26.78 2.88
C SER A 267 0.94 25.77 3.47
N GLY A 268 2.20 25.87 3.09
CA GLY A 268 3.22 25.00 3.65
C GLY A 268 3.98 24.19 2.61
N ALA A 269 3.70 24.43 1.34
CA ALA A 269 4.45 23.80 0.26
C ALA A 269 5.90 24.31 0.24
N LYS A 270 6.86 23.40 0.35
CA LYS A 270 8.26 23.77 0.24
C LYS A 270 8.75 23.48 -1.17
N PHE A 271 8.09 24.06 -2.16
CA PHE A 271 8.46 23.84 -3.55
C PHE A 271 9.79 24.53 -3.82
N ASN A 272 10.52 24.04 -4.82
CA ASN A 272 11.91 24.47 -5.02
C ASN A 272 12.11 25.36 -6.25
N GLY A 273 11.00 25.86 -6.78
CA GLY A 273 11.06 26.76 -7.92
C GLY A 273 10.00 26.42 -8.95
N VAL A 274 10.27 26.80 -10.20
CA VAL A 274 9.31 26.62 -11.27
C VAL A 274 10.01 26.27 -12.59
N LEU A 275 9.27 25.63 -13.48
CA LEU A 275 9.60 25.61 -14.89
C LEU A 275 8.41 26.28 -15.55
N CYS A 276 8.51 27.59 -15.72
CA CYS A 276 7.37 28.39 -16.14
C CYS A 276 7.48 28.76 -17.61
N GLY A 277 6.47 28.40 -18.39
CA GLY A 277 6.48 28.63 -19.82
C GLY A 277 5.46 29.65 -20.27
N ARG A 278 4.27 29.17 -20.61
CA ARG A 278 3.24 30.04 -21.18
C ARG A 278 2.88 31.29 -20.36
N ALA A 279 2.80 31.16 -19.04
CA ALA A 279 2.48 32.31 -18.21
C ALA A 279 3.43 33.48 -18.46
N THR A 280 4.65 33.17 -18.89
CA THR A 280 5.65 34.21 -19.14
C THR A 280 5.63 34.73 -20.58
N TRP A 281 5.64 33.82 -21.55
CA TRP A 281 5.87 34.21 -22.95
C TRP A 281 4.65 34.14 -23.89
N ALA A 282 3.51 33.69 -23.40
CA ALA A 282 2.35 33.45 -24.27
C ALA A 282 2.04 34.58 -25.26
N GLY A 283 2.00 35.81 -24.75
CA GLY A 283 1.62 36.95 -25.58
C GLY A 283 2.57 37.29 -26.71
N SER A 284 3.77 36.73 -26.69
CA SER A 284 4.76 37.02 -27.73
C SER A 284 4.41 36.38 -29.08
N VAL A 285 3.64 35.30 -29.04
CA VAL A 285 3.38 34.54 -30.26
C VAL A 285 2.57 35.35 -31.28
N LYS A 286 1.46 35.93 -30.82
CA LYS A 286 0.66 36.79 -31.68
C LYS A 286 1.49 37.95 -32.24
N VAL A 287 2.24 38.62 -31.37
CA VAL A 287 3.07 39.74 -31.80
C VAL A 287 4.11 39.30 -32.84
N TYR A 288 4.78 38.18 -32.59
CA TYR A 288 5.79 37.69 -33.52
C TYR A 288 5.20 37.42 -34.91
N ILE A 289 4.07 36.72 -34.94
CA ILE A 289 3.44 36.33 -36.21
C ILE A 289 2.84 37.53 -36.95
N GLU A 290 2.16 38.41 -36.23
CA GLU A 290 1.49 39.54 -36.85
C GLU A 290 2.41 40.70 -37.18
N GLU A 291 3.44 40.91 -36.37
CA GLU A 291 4.27 42.11 -36.47
C GLU A 291 5.76 41.87 -36.72
N GLY A 292 6.20 40.62 -36.60
CA GLY A 292 7.58 40.27 -36.93
C GLY A 292 8.53 40.18 -35.76
N PRO A 293 9.79 39.78 -36.04
CA PRO A 293 10.82 39.52 -35.03
C PRO A 293 11.14 40.71 -34.13
N GLN A 294 11.36 41.90 -34.72
CA GLN A 294 11.72 43.07 -33.94
C GLN A 294 10.59 43.45 -32.96
N ALA A 295 9.35 43.40 -33.45
CA ALA A 295 8.21 43.68 -32.59
C ALA A 295 8.11 42.66 -31.45
N ALA A 296 8.46 41.41 -31.74
CA ALA A 296 8.48 40.39 -30.69
C ALA A 296 9.56 40.71 -29.65
N ARG A 297 10.74 41.12 -30.10
CA ARG A 297 11.80 41.50 -29.18
C ARG A 297 11.32 42.57 -28.22
N GLU A 298 10.63 43.57 -28.77
CA GLU A 298 10.15 44.69 -27.97
C GLU A 298 9.05 44.27 -27.00
N TRP A 299 8.23 43.30 -27.40
CA TRP A 299 7.25 42.72 -26.46
C TRP A 299 7.97 42.02 -25.32
N LEU A 300 8.99 41.25 -25.66
CA LEU A 300 9.73 40.46 -24.68
C LEU A 300 10.48 41.33 -23.69
N ARG A 301 10.94 42.48 -24.15
CA ARG A 301 11.71 43.41 -23.31
C ARG A 301 10.83 44.24 -22.40
N THR A 302 9.52 44.22 -22.66
CA THR A 302 8.59 45.01 -21.86
C THR A 302 7.61 44.12 -21.12
N GLU A 303 6.64 43.57 -21.85
CA GLU A 303 5.63 42.70 -21.25
C GLU A 303 6.24 41.38 -20.77
N GLY A 304 7.11 40.79 -21.59
CA GLY A 304 7.73 39.53 -21.25
C GLY A 304 8.60 39.68 -20.01
N PHE A 305 9.38 40.76 -19.99
CA PHE A 305 10.25 41.05 -18.87
C PHE A 305 9.43 41.27 -17.60
N LYS A 306 8.33 42.01 -17.73
CA LYS A 306 7.46 42.25 -16.59
C LYS A 306 6.94 40.94 -16.00
N ASN A 307 6.54 40.02 -16.87
CA ASN A 307 6.07 38.71 -16.42
C ASN A 307 7.12 37.93 -15.64
N ILE A 308 8.33 37.86 -16.18
CA ILE A 308 9.38 37.05 -15.56
C ILE A 308 10.00 37.76 -14.35
N ASP A 309 10.05 39.09 -14.42
CA ASP A 309 10.56 39.88 -13.30
C ASP A 309 9.65 39.76 -12.07
N GLU A 310 8.35 39.89 -12.26
CA GLU A 310 7.43 39.78 -11.15
C GLU A 310 7.43 38.35 -10.60
N LEU A 311 7.57 37.38 -11.50
CA LEU A 311 7.70 35.99 -11.09
C LEU A 311 8.92 35.79 -10.20
N ASN A 312 10.05 36.36 -10.63
CA ASN A 312 11.30 36.22 -9.87
C ASN A 312 11.18 36.83 -8.47
N LYS A 313 10.53 37.99 -8.38
CA LYS A 313 10.29 38.61 -7.07
C LYS A 313 9.46 37.71 -6.18
N VAL A 314 8.47 37.04 -6.76
CA VAL A 314 7.62 36.14 -5.99
C VAL A 314 8.39 34.89 -5.56
N LEU A 315 9.18 34.34 -6.47
CA LEU A 315 10.03 33.20 -6.16
C LEU A 315 10.94 33.50 -4.97
N ASP A 316 11.50 34.71 -4.97
CA ASP A 316 12.41 35.14 -3.91
C ASP A 316 11.77 35.05 -2.53
N LYS A 317 10.45 35.22 -2.46
CA LYS A 317 9.79 35.20 -1.16
C LYS A 317 8.92 33.97 -0.91
N THR A 318 8.94 33.00 -1.82
CA THR A 318 8.11 31.80 -1.69
C THR A 318 8.85 30.47 -1.80
N ALA A 319 9.84 30.39 -2.69
CA ALA A 319 10.49 29.12 -3.00
C ALA A 319 11.44 28.70 -1.89
N SER A 320 11.65 27.39 -1.75
CA SER A 320 12.60 26.85 -0.79
C SER A 320 13.75 26.19 -1.53
N PRO A 321 14.97 26.28 -0.98
CA PRO A 321 16.13 25.77 -1.71
C PRO A 321 16.21 24.24 -1.66
N TRP A 322 16.55 23.61 -2.77
CA TRP A 322 16.69 22.15 -2.79
C TRP A 322 17.97 21.73 -2.07
N THR A 323 18.87 22.69 -1.86
CA THR A 323 20.15 22.41 -1.21
C THR A 323 19.96 22.11 0.28
N GLU A 324 18.77 21.66 0.64
CA GLU A 324 18.47 21.22 1.99
C GLU A 324 18.13 19.73 1.96
N LYS A 325 17.35 19.33 0.96
CA LYS A 325 17.02 17.92 0.77
C LYS A 325 18.24 17.12 0.36
N ILE B 2 36.39 -3.48 -23.60
CA ILE B 2 37.58 -2.87 -23.00
C ILE B 2 37.73 -3.22 -21.52
N THR B 3 36.89 -2.64 -20.67
CA THR B 3 37.02 -2.83 -19.23
C THR B 3 35.69 -3.06 -18.53
N LEU B 4 35.53 -4.25 -17.95
CA LEU B 4 34.30 -4.61 -17.22
C LEU B 4 34.36 -4.17 -15.78
N THR B 5 33.25 -3.63 -15.28
CA THR B 5 33.12 -3.33 -13.87
C THR B 5 33.21 -4.64 -13.09
N GLU B 6 33.36 -4.53 -11.77
CA GLU B 6 33.39 -5.70 -10.91
C GLU B 6 32.16 -6.58 -11.11
N ASN B 7 30.97 -5.98 -11.05
CA ASN B 7 29.73 -6.73 -11.20
C ASN B 7 29.53 -7.32 -12.60
N LYS B 8 29.89 -6.57 -13.63
CA LYS B 8 29.76 -7.09 -14.98
C LYS B 8 30.67 -8.30 -15.18
N ARG B 9 31.89 -8.24 -14.63
CA ARG B 9 32.82 -9.36 -14.74
C ARG B 9 32.25 -10.59 -14.05
N LYS B 10 31.78 -10.43 -12.82
CA LYS B 10 31.20 -11.54 -12.08
C LYS B 10 30.04 -12.18 -12.85
N SER B 11 29.18 -11.35 -13.45
CA SER B 11 28.06 -11.86 -14.24
C SER B 11 28.54 -12.59 -15.49
N MET B 12 29.55 -12.03 -16.15
CA MET B 12 30.15 -12.68 -17.31
C MET B 12 30.69 -14.06 -16.95
N GLU B 13 31.29 -14.17 -15.78
CA GLU B 13 31.81 -15.44 -15.30
C GLU B 13 30.69 -16.45 -15.01
N LYS B 14 29.57 -15.97 -14.49
CA LYS B 14 28.43 -16.85 -14.24
C LYS B 14 27.79 -17.36 -15.53
N LEU B 15 28.10 -16.69 -16.63
CA LEU B 15 27.52 -17.05 -17.92
C LEU B 15 28.41 -17.99 -18.71
N SER B 16 29.63 -18.22 -18.23
CA SER B 16 30.58 -19.01 -18.99
C SER B 16 31.36 -20.02 -18.16
N VAL B 17 32.24 -20.78 -18.83
CA VAL B 17 33.13 -21.71 -18.15
C VAL B 17 34.52 -21.55 -18.71
N ASP B 18 35.46 -21.16 -17.87
CA ASP B 18 36.83 -20.95 -18.31
C ASP B 18 36.90 -19.94 -19.45
N GLY B 19 36.13 -18.87 -19.35
CA GLY B 19 36.16 -17.80 -20.33
C GLY B 19 35.44 -18.14 -21.62
N VAL B 20 34.78 -19.30 -21.67
CA VAL B 20 34.06 -19.70 -22.87
C VAL B 20 32.55 -19.77 -22.62
N ILE B 21 31.81 -19.09 -23.48
CA ILE B 21 30.35 -19.06 -23.38
C ILE B 21 29.75 -20.22 -24.17
N SER B 22 29.24 -21.21 -23.46
CA SER B 22 28.59 -22.36 -24.07
C SER B 22 27.14 -22.32 -23.67
N ALA B 23 26.42 -21.35 -24.23
CA ALA B 23 25.07 -21.04 -23.78
C ALA B 23 24.01 -21.69 -24.65
N LEU B 24 22.91 -22.05 -24.01
CA LEU B 24 21.76 -22.64 -24.68
C LEU B 24 20.74 -21.55 -24.93
N ALA B 25 20.32 -21.38 -26.18
CA ALA B 25 19.38 -20.32 -26.54
C ALA B 25 17.97 -20.85 -26.70
N PHE B 26 17.01 -20.25 -26.00
CA PHE B 26 15.62 -20.65 -26.12
C PHE B 26 14.65 -19.53 -25.75
N ASP B 27 14.82 -18.37 -26.38
CA ASP B 27 13.90 -17.26 -26.19
C ASP B 27 12.95 -17.14 -27.38
N GLN B 28 13.00 -18.13 -28.27
CA GLN B 28 12.12 -18.17 -29.43
C GLN B 28 10.65 -18.16 -29.01
N ARG B 29 9.85 -17.33 -29.66
CA ARG B 29 8.43 -17.21 -29.33
C ARG B 29 7.57 -17.47 -30.55
N GLY B 30 7.51 -16.49 -31.45
CA GLY B 30 6.76 -16.62 -32.69
C GLY B 30 7.22 -17.81 -33.52
N ALA B 31 8.53 -17.94 -33.66
CA ALA B 31 9.12 -19.05 -34.41
C ALA B 31 8.79 -20.39 -33.77
N LEU B 32 8.91 -20.46 -32.45
CA LEU B 32 8.57 -21.69 -31.72
C LEU B 32 7.11 -22.06 -31.94
N LYS B 33 6.24 -21.07 -31.85
CA LYS B 33 4.81 -21.28 -32.01
C LYS B 33 4.48 -21.85 -33.39
N ARG B 34 5.13 -21.29 -34.41
CA ARG B 34 4.95 -21.78 -35.78
C ARG B 34 5.44 -23.22 -35.92
N MET B 35 6.53 -23.54 -35.24
CA MET B 35 7.05 -24.91 -35.24
C MET B 35 6.05 -25.89 -34.64
N MET B 36 5.46 -25.52 -33.51
CA MET B 36 4.50 -26.37 -32.83
C MET B 36 3.21 -26.50 -33.63
N ALA B 37 2.91 -25.49 -34.44
CA ALA B 37 1.64 -25.44 -35.16
C ALA B 37 1.59 -26.38 -36.36
N GLN B 38 2.74 -26.93 -36.74
CA GLN B 38 2.78 -27.82 -37.91
C GLN B 38 2.68 -29.29 -37.52
N HIS B 39 2.46 -29.56 -36.23
CA HIS B 39 2.35 -30.94 -35.75
C HIS B 39 1.05 -31.20 -35.01
N GLN B 40 0.22 -30.18 -34.87
CA GLN B 40 -1.08 -30.34 -34.19
C GLN B 40 -2.14 -29.44 -34.80
N THR B 41 -3.39 -29.82 -34.62
CA THR B 41 -4.50 -29.07 -35.20
C THR B 41 -4.78 -27.77 -34.44
N LYS B 42 -4.92 -27.88 -33.13
CA LYS B 42 -5.26 -26.71 -32.31
C LYS B 42 -4.09 -25.73 -32.25
N GLU B 43 -4.42 -24.45 -32.01
CA GLU B 43 -3.40 -23.43 -31.82
C GLU B 43 -2.54 -23.77 -30.61
N PRO B 44 -1.22 -23.57 -30.73
CA PRO B 44 -0.33 -23.81 -29.59
C PRO B 44 -0.72 -22.91 -28.41
N THR B 45 -0.77 -23.50 -27.22
CA THR B 45 -1.22 -22.77 -26.04
C THR B 45 -0.04 -22.21 -25.24
N VAL B 46 -0.33 -21.25 -24.37
CA VAL B 46 0.69 -20.67 -23.50
C VAL B 46 1.35 -21.75 -22.66
N GLU B 47 0.53 -22.69 -22.19
CA GLU B 47 1.00 -23.78 -21.33
C GLU B 47 1.99 -24.69 -22.03
N GLN B 48 1.75 -24.98 -23.31
CA GLN B 48 2.65 -25.83 -24.07
C GLN B 48 4.00 -25.13 -24.25
N ILE B 49 3.95 -23.85 -24.59
CA ILE B 49 5.17 -23.07 -24.80
C ILE B 49 5.99 -22.97 -23.51
N GLU B 50 5.30 -22.72 -22.40
CA GLU B 50 5.97 -22.63 -21.10
C GLU B 50 6.57 -23.96 -20.68
N GLU B 51 5.83 -25.05 -20.91
CA GLU B 51 6.30 -26.38 -20.50
C GLU B 51 7.52 -26.85 -21.28
N LEU B 52 7.47 -26.72 -22.61
CA LEU B 52 8.61 -27.13 -23.42
C LEU B 52 9.86 -26.35 -23.02
N LYS B 53 9.71 -25.05 -22.81
CA LYS B 53 10.83 -24.25 -22.35
C LYS B 53 11.37 -24.80 -21.03
N SER B 54 10.48 -25.19 -20.13
CA SER B 54 10.88 -25.74 -18.84
C SER B 54 11.59 -27.10 -18.96
N LEU B 55 11.15 -27.92 -19.89
CA LEU B 55 11.73 -29.24 -20.10
C LEU B 55 13.16 -29.13 -20.62
N VAL B 56 13.35 -28.29 -21.62
CA VAL B 56 14.67 -28.04 -22.20
C VAL B 56 15.60 -27.47 -21.13
N SER B 57 15.11 -26.50 -20.37
CA SER B 57 15.92 -25.87 -19.34
C SER B 57 16.40 -26.88 -18.31
N GLU B 58 15.48 -27.68 -17.80
CA GLU B 58 15.80 -28.64 -16.74
C GLU B 58 16.74 -29.75 -17.21
N GLU B 59 16.53 -30.25 -18.42
CA GLU B 59 17.30 -31.39 -18.91
C GLU B 59 18.67 -31.04 -19.48
N LEU B 60 18.80 -29.86 -20.09
CA LEU B 60 20.02 -29.52 -20.81
C LEU B 60 20.96 -28.53 -20.13
N THR B 61 20.45 -27.70 -19.22
CA THR B 61 21.31 -26.69 -18.60
C THR B 61 22.47 -27.23 -17.75
N PRO B 62 22.33 -28.47 -17.22
CA PRO B 62 23.51 -29.01 -16.54
C PRO B 62 24.71 -29.13 -17.48
N PHE B 63 24.47 -29.02 -18.79
CA PHE B 63 25.54 -29.16 -19.77
C PHE B 63 25.82 -27.85 -20.51
N ALA B 64 25.18 -26.77 -20.07
CA ALA B 64 25.40 -25.46 -20.65
C ALA B 64 25.96 -24.49 -19.61
N SER B 65 26.74 -23.51 -20.05
CA SER B 65 27.27 -22.52 -19.12
C SER B 65 26.19 -21.53 -18.72
N SER B 66 25.15 -21.42 -19.54
CA SER B 66 24.02 -20.56 -19.25
C SER B 66 22.89 -20.81 -20.22
N ILE B 67 21.74 -20.20 -19.95
CA ILE B 67 20.59 -20.33 -20.82
C ILE B 67 19.98 -18.96 -21.08
N LEU B 68 19.60 -18.73 -22.34
CA LEU B 68 18.87 -17.53 -22.73
C LEU B 68 17.38 -17.85 -22.88
N LEU B 69 16.54 -17.12 -22.15
CA LEU B 69 15.10 -17.30 -22.22
C LEU B 69 14.39 -15.96 -22.43
N ASP B 70 13.11 -16.03 -22.78
CA ASP B 70 12.29 -14.84 -22.92
C ASP B 70 11.48 -14.66 -21.66
N PRO B 71 11.26 -13.39 -21.23
CA PRO B 71 10.51 -13.10 -20.01
C PRO B 71 9.04 -13.41 -20.13
N GLU B 72 8.53 -13.50 -21.36
CA GLU B 72 7.10 -13.69 -21.57
C GLU B 72 6.63 -15.11 -21.24
N TYR B 73 7.39 -16.11 -21.67
CA TYR B 73 7.03 -17.51 -21.42
C TYR B 73 8.09 -18.24 -20.59
N GLY B 74 9.29 -17.67 -20.50
CA GLY B 74 10.43 -18.41 -20.01
C GLY B 74 10.78 -18.32 -18.54
N LEU B 75 10.00 -17.57 -17.76
CA LEU B 75 10.36 -17.36 -16.37
C LEU B 75 10.26 -18.64 -15.52
N PRO B 76 9.16 -19.40 -15.69
CA PRO B 76 9.16 -20.71 -15.03
C PRO B 76 10.39 -21.54 -15.40
N ALA B 77 10.71 -21.62 -16.69
CA ALA B 77 11.88 -22.37 -17.15
C ALA B 77 13.17 -21.85 -16.52
N SER B 78 13.27 -20.55 -16.32
CA SER B 78 14.49 -19.99 -15.75
C SER B 78 14.68 -20.50 -14.32
N ARG B 79 13.58 -20.78 -13.64
CA ARG B 79 13.64 -21.19 -12.25
C ARG B 79 13.97 -22.67 -12.04
N VAL B 80 13.95 -23.46 -13.12
CA VAL B 80 14.34 -24.86 -13.01
C VAL B 80 15.68 -25.16 -13.68
N ARG B 81 16.43 -24.12 -14.00
CA ARG B 81 17.74 -24.30 -14.61
C ARG B 81 18.74 -24.83 -13.58
N SER B 82 19.79 -25.49 -14.06
CA SER B 82 20.84 -26.01 -13.19
C SER B 82 21.42 -24.90 -12.35
N GLU B 83 21.81 -25.22 -11.12
CA GLU B 83 22.38 -24.23 -10.21
C GLU B 83 23.67 -23.66 -10.79
N GLU B 84 24.30 -24.40 -11.69
CA GLU B 84 25.57 -23.98 -12.28
C GLU B 84 25.41 -23.12 -13.53
N ALA B 85 24.19 -23.04 -14.05
CA ALA B 85 23.96 -22.28 -15.28
C ALA B 85 23.49 -20.87 -15.01
N GLY B 86 24.12 -19.90 -15.68
CA GLY B 86 23.69 -18.51 -15.59
C GLY B 86 22.46 -18.27 -16.43
N LEU B 87 21.89 -17.06 -16.33
CA LEU B 87 20.66 -16.74 -17.03
C LEU B 87 20.75 -15.45 -17.85
N LEU B 88 20.34 -15.51 -19.11
CA LEU B 88 20.16 -14.30 -19.90
C LEU B 88 18.68 -14.19 -20.21
N LEU B 89 18.16 -12.97 -20.26
CA LEU B 89 16.76 -12.76 -20.65
C LEU B 89 16.67 -11.81 -21.84
N ALA B 90 15.82 -12.17 -22.81
CA ALA B 90 15.58 -11.34 -23.98
C ALA B 90 14.76 -10.10 -23.63
N TYR B 91 15.02 -9.01 -24.34
CA TYR B 91 14.43 -7.72 -23.99
C TYR B 91 13.60 -7.21 -25.17
N GLU B 92 13.80 -7.79 -26.35
CA GLU B 92 13.10 -7.35 -27.55
C GLU B 92 11.78 -8.09 -27.76
N LYS B 93 10.82 -7.42 -28.41
CA LYS B 93 9.61 -8.08 -28.90
C LYS B 93 10.02 -9.01 -30.05
N THR B 94 9.27 -10.09 -30.23
CA THR B 94 9.64 -11.11 -31.20
C THR B 94 9.32 -10.69 -32.64
N GLY B 95 10.13 -11.18 -33.58
CA GLY B 95 9.85 -11.00 -34.99
C GLY B 95 9.95 -9.58 -35.52
N TYR B 96 9.31 -9.35 -36.67
CA TYR B 96 9.33 -8.05 -37.31
C TYR B 96 8.17 -7.92 -38.30
N ASP B 97 7.83 -6.70 -38.66
CA ASP B 97 6.75 -6.44 -39.62
C ASP B 97 7.23 -6.76 -41.03
N ALA B 98 6.66 -7.81 -41.62
CA ALA B 98 7.10 -8.26 -42.94
C ALA B 98 6.62 -7.32 -44.05
N THR B 99 5.65 -6.47 -43.74
CA THR B 99 5.09 -5.56 -44.73
C THR B 99 6.03 -4.40 -45.07
N THR B 100 6.91 -4.06 -44.13
CA THR B 100 7.86 -2.97 -44.33
C THR B 100 9.30 -3.45 -44.24
N THR B 101 10.24 -2.58 -44.63
CA THR B 101 11.64 -2.97 -44.71
C THR B 101 12.50 -2.43 -43.57
N SER B 102 11.92 -1.63 -42.69
CA SER B 102 12.67 -0.96 -41.63
C SER B 102 13.02 -1.86 -40.42
N ARG B 103 12.20 -2.86 -40.16
CA ARG B 103 12.43 -3.78 -39.03
C ARG B 103 12.93 -3.05 -37.77
N LEU B 104 12.17 -2.06 -37.31
CA LEU B 104 12.59 -1.23 -36.18
C LEU B 104 12.50 -1.99 -34.86
N PRO B 105 13.48 -1.78 -33.97
CA PRO B 105 13.54 -2.48 -32.69
C PRO B 105 12.48 -1.97 -31.71
N ASP B 106 12.01 -2.85 -30.83
CA ASP B 106 11.00 -2.46 -29.85
C ASP B 106 11.13 -3.36 -28.63
N CYS B 107 11.45 -2.77 -27.49
CA CYS B 107 11.52 -3.51 -26.23
C CYS B 107 10.15 -4.01 -25.79
N LEU B 108 10.15 -5.13 -25.06
CA LEU B 108 8.93 -5.62 -24.42
C LEU B 108 8.31 -4.51 -23.59
N ASP B 109 7.00 -4.30 -23.77
CA ASP B 109 6.33 -3.15 -23.18
C ASP B 109 6.36 -3.02 -21.65
N VAL B 110 6.32 -4.14 -20.93
CA VAL B 110 6.37 -4.02 -19.47
C VAL B 110 7.72 -4.39 -18.86
N TRP B 111 8.78 -4.28 -19.66
CA TRP B 111 10.11 -4.62 -19.18
C TRP B 111 11.11 -3.46 -19.28
N SER B 112 12.18 -3.57 -18.50
CA SER B 112 13.27 -2.62 -18.52
C SER B 112 14.51 -3.41 -18.12
N ALA B 113 15.69 -2.85 -18.34
CA ALA B 113 16.91 -3.53 -17.90
C ALA B 113 16.84 -3.81 -16.40
N LYS B 114 16.27 -2.87 -15.65
CA LYS B 114 16.12 -3.03 -14.21
C LYS B 114 15.26 -4.24 -13.86
N ARG B 115 14.13 -4.39 -14.54
CA ARG B 115 13.24 -5.52 -14.29
C ARG B 115 13.85 -6.86 -14.70
N ILE B 116 14.63 -6.85 -15.79
CA ILE B 116 15.33 -8.04 -16.22
C ILE B 116 16.33 -8.50 -15.15
N LYS B 117 17.07 -7.55 -14.58
CA LYS B 117 17.99 -7.86 -13.50
C LYS B 117 17.23 -8.35 -12.26
N GLU B 118 16.11 -7.71 -11.96
CA GLU B 118 15.30 -8.12 -10.82
C GLU B 118 14.73 -9.54 -10.99
N ALA B 119 14.50 -9.93 -12.25
CA ALA B 119 13.98 -11.27 -12.55
C ALA B 119 15.09 -12.33 -12.50
N GLY B 120 16.28 -11.91 -12.07
CA GLY B 120 17.38 -12.84 -11.84
C GLY B 120 18.39 -13.04 -12.96
N ALA B 121 18.32 -12.24 -14.02
CA ALA B 121 19.23 -12.43 -15.14
C ALA B 121 20.63 -11.91 -14.85
N GLU B 122 21.64 -12.56 -15.43
CA GLU B 122 23.02 -12.08 -15.37
CA GLU B 122 23.03 -12.08 -15.38
C GLU B 122 23.37 -11.32 -16.64
N ALA B 123 22.40 -11.19 -17.55
CA ALA B 123 22.63 -10.44 -18.76
C ALA B 123 21.32 -10.03 -19.42
N VAL B 124 21.34 -8.87 -20.04
CA VAL B 124 20.27 -8.41 -20.89
C VAL B 124 20.64 -8.73 -22.34
N LYS B 125 19.76 -9.43 -23.04
CA LYS B 125 19.99 -9.73 -24.45
C LYS B 125 18.97 -8.96 -25.31
N PHE B 126 19.45 -8.39 -26.40
CA PHE B 126 18.58 -7.66 -27.31
C PHE B 126 18.89 -8.00 -28.75
N LEU B 127 17.85 -8.29 -29.54
CA LEU B 127 18.02 -8.60 -30.96
C LEU B 127 17.71 -7.38 -31.83
N LEU B 128 18.68 -6.99 -32.64
CA LEU B 128 18.49 -5.92 -33.62
C LEU B 128 18.67 -6.43 -35.05
N TYR B 129 17.70 -6.16 -35.92
CA TYR B 129 17.89 -6.43 -37.35
C TYR B 129 18.59 -5.22 -37.95
N TYR B 130 19.63 -5.47 -38.73
CA TYR B 130 20.42 -4.36 -39.26
C TYR B 130 20.85 -4.58 -40.69
N ASP B 131 20.57 -3.58 -41.54
CA ASP B 131 21.04 -3.53 -42.91
C ASP B 131 21.94 -2.32 -43.05
N ILE B 132 23.24 -2.57 -43.01
CA ILE B 132 24.24 -1.52 -43.08
C ILE B 132 24.03 -0.58 -44.28
N ASP B 133 23.44 -1.11 -45.35
CA ASP B 133 23.22 -0.33 -46.57
C ASP B 133 21.80 0.23 -46.64
N GLY B 134 21.03 0.07 -45.57
CA GLY B 134 19.64 0.48 -45.56
C GLY B 134 19.42 1.98 -45.41
N ASP B 135 18.16 2.37 -45.26
CA ASP B 135 17.79 3.77 -45.11
C ASP B 135 18.53 4.41 -43.94
N GLN B 136 19.21 5.53 -44.19
CA GLN B 136 20.04 6.17 -43.19
C GLN B 136 19.27 6.69 -41.96
N ASP B 137 18.06 7.19 -42.18
CA ASP B 137 17.23 7.65 -41.07
C ASP B 137 16.78 6.48 -40.21
N VAL B 138 16.37 5.40 -40.86
CA VAL B 138 16.02 4.18 -40.16
C VAL B 138 17.19 3.72 -39.27
N ASN B 139 18.40 3.73 -39.83
CA ASN B 139 19.55 3.30 -39.08
C ASN B 139 19.93 4.25 -37.94
N GLU B 140 19.66 5.54 -38.11
CA GLU B 140 19.92 6.50 -37.06
C GLU B 140 19.01 6.20 -35.87
N GLN B 141 17.75 5.91 -36.16
CA GLN B 141 16.79 5.54 -35.12
C GLN B 141 17.21 4.27 -34.40
N LYS B 142 17.72 3.31 -35.16
CA LYS B 142 18.20 2.07 -34.56
C LYS B 142 19.40 2.30 -33.63
N LYS B 143 20.36 3.09 -34.11
CA LYS B 143 21.55 3.40 -33.32
C LYS B 143 21.18 4.12 -32.01
N ALA B 144 20.23 5.05 -32.09
CA ALA B 144 19.77 5.76 -30.90
C ALA B 144 19.15 4.78 -29.91
N TYR B 145 18.38 3.83 -30.43
CA TYR B 145 17.67 2.89 -29.57
C TYR B 145 18.67 2.01 -28.82
N ILE B 146 19.74 1.61 -29.50
CA ILE B 146 20.75 0.76 -28.87
C ILE B 146 21.55 1.53 -27.84
N GLU B 147 21.84 2.80 -28.12
CA GLU B 147 22.49 3.67 -27.15
C GLU B 147 21.71 3.67 -25.83
N ARG B 148 20.40 3.79 -25.91
CA ARG B 148 19.55 3.80 -24.72
C ARG B 148 19.69 2.52 -23.90
N ILE B 149 19.59 1.38 -24.58
CA ILE B 149 19.69 0.10 -23.91
C ILE B 149 21.07 -0.07 -23.30
N GLY B 150 22.10 0.35 -24.04
CA GLY B 150 23.47 0.29 -23.55
C GLY B 150 23.62 1.10 -22.27
N SER B 151 22.99 2.27 -22.24
CA SER B 151 23.04 3.09 -21.05
C SER B 151 22.29 2.44 -19.89
N GLU B 152 21.12 1.85 -20.17
CA GLU B 152 20.35 1.18 -19.13
C GLU B 152 21.21 0.13 -18.46
N CYS B 153 21.90 -0.65 -19.28
CA CYS B 153 22.67 -1.78 -18.78
C CYS B 153 23.88 -1.33 -18.00
N ARG B 154 24.45 -0.19 -18.38
CA ARG B 154 25.53 0.42 -17.61
C ARG B 154 25.04 0.82 -16.23
N ALA B 155 23.90 1.49 -16.17
CA ALA B 155 23.29 1.92 -14.92
C ALA B 155 22.95 0.75 -13.99
N GLU B 156 22.41 -0.32 -14.56
CA GLU B 156 22.00 -1.48 -13.76
C GLU B 156 23.17 -2.42 -13.52
N ASP B 157 24.30 -2.12 -14.17
CA ASP B 157 25.54 -2.87 -14.02
C ASP B 157 25.34 -4.34 -14.39
N ILE B 158 24.76 -4.56 -15.56
CA ILE B 158 24.46 -5.89 -16.09
C ILE B 158 24.99 -5.97 -17.52
N PRO B 159 25.69 -7.07 -17.85
CA PRO B 159 26.23 -7.25 -19.21
C PRO B 159 25.19 -7.09 -20.30
N PHE B 160 25.56 -6.40 -21.38
CA PHE B 160 24.65 -6.16 -22.49
C PHE B 160 25.07 -7.06 -23.65
N TYR B 161 24.23 -8.06 -23.94
CA TYR B 161 24.42 -8.94 -25.10
C TYR B 161 23.58 -8.43 -26.26
N LEU B 162 24.24 -7.96 -27.31
CA LEU B 162 23.52 -7.48 -28.48
C LEU B 162 23.59 -8.51 -29.60
N GLU B 163 22.44 -9.03 -30.00
CA GLU B 163 22.38 -9.94 -31.14
C GLU B 163 22.08 -9.13 -32.39
N ILE B 164 22.84 -9.37 -33.45
CA ILE B 164 22.61 -8.69 -34.71
C ILE B 164 22.24 -9.70 -35.79
N LEU B 165 21.06 -9.54 -36.37
CA LEU B 165 20.71 -10.35 -37.55
C LEU B 165 20.66 -9.41 -38.75
N THR B 166 21.48 -9.72 -39.75
CA THR B 166 21.60 -8.85 -40.92
C THR B 166 20.53 -9.17 -41.95
N TYR B 167 20.21 -8.18 -42.77
CA TYR B 167 19.28 -8.39 -43.88
C TYR B 167 19.52 -7.34 -44.97
N ASP B 168 18.84 -7.49 -46.10
CA ASP B 168 18.88 -6.46 -47.14
C ASP B 168 17.47 -6.01 -47.44
N GLU B 169 17.25 -4.69 -47.40
CA GLU B 169 15.92 -4.14 -47.65
C GLU B 169 15.33 -4.63 -48.98
N LYS B 170 16.20 -5.00 -49.92
CA LYS B 170 15.75 -5.35 -51.27
C LYS B 170 15.92 -6.83 -51.63
N ILE B 171 16.32 -7.65 -50.67
CA ILE B 171 16.43 -9.09 -50.92
C ILE B 171 15.49 -9.85 -49.98
N ALA B 172 14.50 -10.51 -50.58
CA ALA B 172 13.45 -11.15 -49.79
C ALA B 172 13.97 -12.29 -48.91
N ASP B 173 14.95 -13.04 -49.41
CA ASP B 173 15.38 -14.27 -48.77
C ASP B 173 16.86 -14.27 -48.41
N ASN B 174 17.16 -14.35 -47.12
CA ASN B 174 18.56 -14.33 -46.70
CA ASN B 174 18.54 -14.37 -46.62
C ASN B 174 19.28 -15.67 -46.88
N ALA B 175 18.55 -16.66 -47.39
CA ALA B 175 19.16 -17.96 -47.70
C ALA B 175 19.60 -18.01 -49.15
N SER B 176 19.20 -17.00 -49.92
CA SER B 176 19.48 -16.98 -51.36
C SER B 176 20.95 -16.78 -51.66
N PRO B 177 21.41 -17.32 -52.81
CA PRO B 177 22.77 -17.02 -53.26
C PRO B 177 22.97 -15.51 -53.37
N GLU B 178 21.91 -14.76 -53.69
CA GLU B 178 22.02 -13.32 -53.83
C GLU B 178 22.47 -12.68 -52.52
N PHE B 179 21.80 -13.03 -51.42
CA PHE B 179 22.19 -12.48 -50.12
C PHE B 179 23.57 -13.00 -49.69
N ALA B 180 23.82 -14.27 -49.97
CA ALA B 180 25.09 -14.89 -49.61
C ALA B 180 26.27 -14.06 -50.06
N LYS B 181 26.16 -13.47 -51.25
CA LYS B 181 27.25 -12.69 -51.83
C LYS B 181 27.51 -11.36 -51.10
N VAL B 182 26.54 -10.89 -50.33
CA VAL B 182 26.74 -9.64 -49.59
C VAL B 182 26.81 -9.85 -48.08
N LYS B 183 26.69 -11.10 -47.64
CA LYS B 183 26.58 -11.39 -46.22
C LYS B 183 27.78 -10.93 -45.40
N ALA B 184 28.99 -11.23 -45.88
CA ALA B 184 30.20 -10.83 -45.14
C ALA B 184 30.17 -9.33 -44.88
N HIS B 185 29.82 -8.56 -45.91
CA HIS B 185 29.71 -7.11 -45.79
C HIS B 185 28.65 -6.71 -44.75
N LYS B 186 27.44 -7.25 -44.86
CA LYS B 186 26.37 -6.92 -43.92
C LYS B 186 26.79 -7.22 -42.49
N VAL B 187 27.39 -8.38 -42.29
CA VAL B 187 27.73 -8.84 -40.95
C VAL B 187 28.91 -8.09 -40.34
N ASN B 188 30.01 -7.99 -41.08
CA ASN B 188 31.22 -7.40 -40.53
C ASN B 188 31.08 -5.89 -40.32
N GLU B 189 30.38 -5.23 -41.23
CA GLU B 189 30.19 -3.79 -41.13
C GLU B 189 29.22 -3.44 -39.99
N ALA B 190 28.27 -4.33 -39.72
CA ALA B 190 27.37 -4.10 -38.60
C ALA B 190 28.12 -4.23 -37.27
N MET B 191 29.03 -5.19 -37.21
CA MET B 191 29.85 -5.37 -36.01
C MET B 191 30.76 -4.18 -35.75
N LYS B 192 31.32 -3.60 -36.80
CA LYS B 192 32.12 -2.39 -36.65
C LYS B 192 31.30 -1.26 -36.03
N VAL B 193 30.09 -1.03 -36.56
CA VAL B 193 29.23 0.02 -36.03
C VAL B 193 28.98 -0.16 -34.53
N PHE B 194 28.47 -1.32 -34.14
CA PHE B 194 28.02 -1.50 -32.77
C PHE B 194 29.11 -1.89 -31.79
N SER B 195 30.35 -1.93 -32.26
CA SER B 195 31.49 -2.10 -31.37
C SER B 195 31.94 -0.76 -30.78
N LYS B 196 31.42 0.34 -31.32
CA LYS B 196 31.79 1.65 -30.79
C LYS B 196 31.35 1.78 -29.32
N GLU B 197 32.19 2.44 -28.53
CA GLU B 197 31.96 2.54 -27.09
C GLU B 197 30.58 3.10 -26.71
N ARG B 198 30.04 3.98 -27.55
CA ARG B 198 28.78 4.65 -27.21
C ARG B 198 27.58 3.70 -27.12
N PHE B 199 27.70 2.50 -27.67
CA PHE B 199 26.60 1.55 -27.64
C PHE B 199 26.61 0.66 -26.39
N GLY B 200 27.72 0.66 -25.67
CA GLY B 200 27.80 -0.04 -24.40
C GLY B 200 27.61 -1.55 -24.46
N VAL B 201 27.92 -2.14 -25.61
CA VAL B 201 27.77 -3.60 -25.75
C VAL B 201 28.90 -4.32 -25.03
N ASP B 202 28.57 -5.44 -24.39
CA ASP B 202 29.59 -6.25 -23.73
C ASP B 202 29.92 -7.49 -24.56
N VAL B 203 28.90 -8.11 -25.14
CA VAL B 203 29.11 -9.25 -26.03
C VAL B 203 28.22 -9.13 -27.26
N LEU B 204 28.79 -9.44 -28.42
CA LEU B 204 28.05 -9.47 -29.67
C LEU B 204 27.65 -10.90 -30.01
N LYS B 205 26.36 -11.13 -30.19
CA LYS B 205 25.87 -12.42 -30.69
C LYS B 205 25.60 -12.23 -32.18
N VAL B 206 26.40 -12.89 -33.01
CA VAL B 206 26.36 -12.62 -34.43
C VAL B 206 26.33 -13.87 -35.29
N GLU B 207 25.94 -13.70 -36.55
CA GLU B 207 25.99 -14.76 -37.56
C GLU B 207 27.43 -14.99 -38.00
N VAL B 208 27.74 -16.22 -38.43
CA VAL B 208 29.00 -16.43 -39.13
C VAL B 208 28.88 -15.61 -40.42
N PRO B 209 30.00 -15.03 -40.88
CA PRO B 209 29.98 -14.01 -41.95
C PRO B 209 29.89 -14.62 -43.36
N VAL B 210 29.59 -15.90 -43.42
CA VAL B 210 29.43 -16.58 -44.71
CA VAL B 210 29.46 -16.61 -44.69
C VAL B 210 28.33 -17.61 -44.60
N ASN B 211 27.65 -17.86 -45.72
CA ASN B 211 26.68 -18.94 -45.76
C ASN B 211 27.44 -20.19 -46.17
N MET B 212 27.77 -21.02 -45.19
CA MET B 212 28.63 -22.17 -45.41
C MET B 212 28.11 -23.13 -46.48
N LYS B 213 26.80 -23.14 -46.70
CA LYS B 213 26.20 -24.04 -47.68
C LYS B 213 26.59 -23.72 -49.11
N PHE B 214 27.33 -22.62 -49.30
CA PHE B 214 27.79 -22.23 -50.63
C PHE B 214 29.31 -22.25 -50.70
N VAL B 215 29.94 -22.80 -49.68
CA VAL B 215 31.40 -22.84 -49.63
C VAL B 215 31.95 -24.19 -50.11
N GLU B 216 32.94 -24.14 -50.99
CA GLU B 216 33.60 -25.35 -51.49
C GLU B 216 33.91 -26.32 -50.36
N GLY B 217 33.51 -27.58 -50.53
CA GLY B 217 33.77 -28.60 -49.52
C GLY B 217 32.65 -28.75 -48.52
N PHE B 218 31.82 -27.71 -48.40
CA PHE B 218 30.68 -27.72 -47.51
C PHE B 218 29.38 -27.72 -48.31
N ALA B 219 29.48 -27.30 -49.57
CA ALA B 219 28.31 -27.11 -50.42
C ALA B 219 27.86 -28.43 -51.05
N ASP B 220 26.56 -28.69 -50.97
CA ASP B 220 26.00 -29.88 -51.59
C ASP B 220 25.43 -29.52 -52.96
N GLY B 221 25.31 -28.22 -53.21
CA GLY B 221 24.80 -27.74 -54.49
C GLY B 221 25.74 -26.73 -55.12
N GLU B 222 25.20 -25.60 -55.55
CA GLU B 222 26.00 -24.54 -56.17
C GLU B 222 27.12 -24.07 -55.23
N VAL B 223 28.27 -23.79 -55.81
CA VAL B 223 29.40 -23.28 -55.05
C VAL B 223 29.67 -21.82 -55.40
N LEU B 224 29.63 -20.95 -54.40
CA LEU B 224 29.85 -19.52 -54.59
C LEU B 224 31.24 -19.07 -54.14
N PHE B 225 31.80 -19.76 -53.15
CA PHE B 225 33.06 -19.32 -52.56
C PHE B 225 34.03 -20.48 -52.40
N THR B 226 35.32 -20.18 -52.56
CA THR B 226 36.38 -21.11 -52.22
C THR B 226 36.57 -21.10 -50.71
N LYS B 227 37.27 -22.09 -50.18
CA LYS B 227 37.56 -22.11 -48.74
C LYS B 227 38.40 -20.90 -48.33
N GLU B 228 39.33 -20.49 -49.18
CA GLU B 228 40.17 -19.34 -48.86
C GLU B 228 39.33 -18.07 -48.73
N GLU B 229 38.35 -17.92 -49.62
CA GLU B 229 37.48 -16.75 -49.58
C GLU B 229 36.63 -16.74 -48.32
N ALA B 230 36.08 -17.90 -47.97
CA ALA B 230 35.32 -18.04 -46.73
C ALA B 230 36.19 -17.71 -45.52
N ALA B 231 37.41 -18.22 -45.53
CA ALA B 231 38.35 -18.01 -44.43
C ALA B 231 38.64 -16.52 -44.25
N GLN B 232 38.79 -15.81 -45.34
CA GLN B 232 39.08 -14.38 -45.29
C GLN B 232 37.92 -13.60 -44.67
N ALA B 233 36.71 -14.11 -44.84
CA ALA B 233 35.53 -13.47 -44.27
C ALA B 233 35.50 -13.63 -42.74
N PHE B 234 35.99 -14.77 -42.25
CA PHE B 234 36.12 -14.98 -40.82
C PHE B 234 37.20 -14.08 -40.24
N ARG B 235 38.32 -13.95 -40.94
CA ARG B 235 39.40 -13.08 -40.49
C ARG B 235 38.96 -11.61 -40.48
N ASP B 236 38.15 -11.24 -41.47
CA ASP B 236 37.61 -9.88 -41.53
C ASP B 236 36.69 -9.64 -40.34
N GLN B 237 35.91 -10.65 -39.99
CA GLN B 237 35.02 -10.56 -38.84
C GLN B 237 35.82 -10.40 -37.55
N GLU B 238 36.87 -11.20 -37.41
CA GLU B 238 37.74 -11.11 -36.24
C GLU B 238 38.33 -9.70 -36.12
N ALA B 239 38.59 -9.06 -37.25
CA ALA B 239 39.17 -7.71 -37.25
C ALA B 239 38.11 -6.60 -37.14
N SER B 240 36.84 -6.97 -37.07
CA SER B 240 35.76 -5.99 -37.04
CA SER B 240 35.77 -5.97 -37.04
C SER B 240 35.41 -5.54 -35.62
N THR B 241 35.89 -6.29 -34.63
CA THR B 241 35.57 -5.96 -33.23
C THR B 241 36.68 -6.39 -32.28
N ASP B 242 36.80 -5.66 -31.17
CA ASP B 242 37.68 -6.06 -30.08
C ASP B 242 36.87 -6.65 -28.92
N LEU B 243 35.55 -6.62 -29.06
CA LEU B 243 34.66 -7.19 -28.05
C LEU B 243 34.59 -8.70 -28.17
N PRO B 244 34.20 -9.39 -27.08
CA PRO B 244 33.85 -10.81 -27.17
C PRO B 244 32.69 -10.96 -28.14
N TYR B 245 32.73 -12.00 -28.98
CA TYR B 245 31.59 -12.29 -29.83
C TYR B 245 31.33 -13.79 -29.87
N ILE B 246 30.05 -14.16 -29.98
CA ILE B 246 29.65 -15.57 -30.00
C ILE B 246 28.73 -15.81 -31.18
N TYR B 247 28.68 -17.05 -31.65
CA TYR B 247 27.89 -17.37 -32.83
C TYR B 247 26.50 -17.92 -32.49
N LEU B 248 25.51 -17.53 -33.29
CA LEU B 248 24.19 -18.15 -33.25
C LEU B 248 24.14 -19.21 -34.34
N SER B 249 23.29 -20.22 -34.18
CA SER B 249 23.26 -21.34 -35.13
C SER B 249 22.45 -21.03 -36.38
N ALA B 250 21.45 -20.15 -36.25
CA ALA B 250 20.58 -19.80 -37.38
C ALA B 250 19.75 -21.00 -37.81
N GLY B 251 19.71 -22.02 -36.97
CA GLY B 251 18.90 -23.20 -37.26
C GLY B 251 19.48 -24.12 -38.32
N VAL B 252 20.78 -24.02 -38.60
CA VAL B 252 21.41 -24.98 -39.49
C VAL B 252 21.50 -26.31 -38.75
N SER B 253 21.91 -27.36 -39.45
CA SER B 253 22.02 -28.67 -38.80
C SER B 253 23.14 -28.64 -37.77
N ALA B 254 23.02 -29.48 -36.75
CA ALA B 254 24.03 -29.53 -35.70
C ALA B 254 25.39 -29.89 -36.28
N LYS B 255 25.39 -30.77 -37.29
CA LYS B 255 26.62 -31.21 -37.91
C LYS B 255 27.31 -30.07 -38.67
N LEU B 256 26.54 -29.32 -39.44
CA LEU B 256 27.09 -28.19 -40.18
C LEU B 256 27.61 -27.11 -39.24
N PHE B 257 26.84 -26.81 -38.19
CA PHE B 257 27.26 -25.80 -37.22
C PHE B 257 28.61 -26.18 -36.60
N GLN B 258 28.73 -27.44 -36.19
CA GLN B 258 29.98 -27.93 -35.60
C GLN B 258 31.16 -27.79 -36.55
N ASP B 259 30.95 -28.12 -37.82
CA ASP B 259 32.00 -28.00 -38.83
C ASP B 259 32.34 -26.54 -39.07
N THR B 260 31.34 -25.69 -38.93
CA THR B 260 31.53 -24.26 -39.12
C THR B 260 32.45 -23.70 -38.04
N LEU B 261 32.22 -24.14 -36.80
CA LEU B 261 33.05 -23.71 -35.69
C LEU B 261 34.51 -24.14 -35.90
N VAL B 262 34.68 -25.37 -36.36
CA VAL B 262 36.04 -25.85 -36.66
C VAL B 262 36.69 -24.97 -37.70
N PHE B 263 35.97 -24.70 -38.78
CA PHE B 263 36.49 -23.88 -39.86
C PHE B 263 36.80 -22.47 -39.39
N ALA B 264 35.95 -21.93 -38.53
CA ALA B 264 36.18 -20.60 -37.96
C ALA B 264 37.51 -20.51 -37.24
N ALA B 265 37.74 -21.43 -36.31
CA ALA B 265 38.98 -21.46 -35.56
C ALA B 265 40.19 -21.62 -36.48
N GLU B 266 40.08 -22.53 -37.45
CA GLU B 266 41.16 -22.77 -38.40
C GLU B 266 41.48 -21.52 -39.22
N SER B 267 40.45 -20.72 -39.52
CA SER B 267 40.62 -19.54 -40.34
C SER B 267 41.22 -18.36 -39.56
N GLY B 268 41.16 -18.43 -38.24
CA GLY B 268 41.75 -17.39 -37.41
C GLY B 268 40.77 -16.59 -36.60
N ALA B 269 39.51 -17.01 -36.59
CA ALA B 269 38.49 -16.35 -35.77
C ALA B 269 38.74 -16.64 -34.31
N LYS B 270 38.64 -15.61 -33.49
CA LYS B 270 38.81 -15.78 -32.05
C LYS B 270 37.46 -15.65 -31.37
N PHE B 271 36.47 -16.40 -31.86
CA PHE B 271 35.13 -16.36 -31.26
C PHE B 271 35.19 -16.96 -29.87
N ASN B 272 34.28 -16.53 -28.99
CA ASN B 272 34.35 -16.88 -27.58
C ASN B 272 33.23 -17.78 -27.11
N GLY B 273 32.60 -18.48 -28.05
CA GLY B 273 31.55 -19.42 -27.71
C GLY B 273 30.33 -19.27 -28.59
N VAL B 274 29.20 -19.75 -28.11
CA VAL B 274 27.97 -19.71 -28.88
C VAL B 274 26.77 -19.43 -28.00
N LEU B 275 25.72 -18.91 -28.62
CA LEU B 275 24.38 -18.97 -28.06
C LEU B 275 23.61 -19.79 -29.07
N CYS B 276 23.60 -21.10 -28.84
CA CYS B 276 23.07 -22.05 -29.81
C CYS B 276 21.74 -22.60 -29.35
N GLY B 277 20.72 -22.46 -30.20
CA GLY B 277 19.38 -22.90 -29.84
C GLY B 277 18.83 -24.01 -30.70
N ARG B 278 18.29 -23.65 -31.86
CA ARG B 278 17.58 -24.60 -32.71
C ARG B 278 18.44 -25.81 -33.06
N ALA B 279 19.70 -25.57 -33.41
CA ALA B 279 20.59 -26.66 -33.77
C ALA B 279 20.67 -27.71 -32.66
N THR B 280 20.24 -27.35 -31.45
CA THR B 280 20.31 -28.26 -30.30
C THR B 280 18.96 -28.88 -29.90
N TRP B 281 17.91 -28.07 -29.82
CA TRP B 281 16.62 -28.55 -29.32
C TRP B 281 15.52 -28.66 -30.38
N ALA B 282 15.77 -28.15 -31.58
CA ALA B 282 14.76 -28.16 -32.64
C ALA B 282 14.01 -29.49 -32.69
N GLY B 283 14.75 -30.58 -32.55
CA GLY B 283 14.20 -31.93 -32.69
C GLY B 283 13.20 -32.34 -31.64
N SER B 284 13.21 -31.66 -30.49
CA SER B 284 12.31 -32.03 -29.40
C SER B 284 10.89 -31.49 -29.60
N VAL B 285 10.76 -30.50 -30.47
CA VAL B 285 9.46 -29.87 -30.71
C VAL B 285 8.42 -30.88 -31.20
N LYS B 286 8.75 -31.61 -32.26
CA LYS B 286 7.83 -32.60 -32.83
C LYS B 286 7.45 -33.68 -31.82
N VAL B 287 8.44 -34.17 -31.08
CA VAL B 287 8.22 -35.19 -30.07
C VAL B 287 7.28 -34.70 -28.98
N TYR B 288 7.53 -33.49 -28.49
CA TYR B 288 6.70 -32.90 -27.45
C TYR B 288 5.25 -32.73 -27.92
N ILE B 289 5.08 -32.20 -29.12
CA ILE B 289 3.73 -31.96 -29.65
C ILE B 289 2.98 -33.26 -29.92
N GLU B 290 3.64 -34.22 -30.56
CA GLU B 290 2.99 -35.45 -30.97
C GLU B 290 2.87 -36.42 -29.81
N GLU B 291 3.86 -36.37 -28.94
CA GLU B 291 4.04 -37.47 -28.01
C GLU B 291 3.95 -37.08 -26.56
N GLY B 292 4.23 -35.82 -26.27
CA GLY B 292 4.00 -35.29 -24.95
C GLY B 292 5.28 -34.99 -24.23
N PRO B 293 5.14 -34.39 -23.05
CA PRO B 293 6.28 -33.97 -22.23
C PRO B 293 7.22 -35.12 -21.88
N GLN B 294 6.68 -36.22 -21.37
CA GLN B 294 7.55 -37.32 -20.96
C GLN B 294 8.40 -37.80 -22.14
N ALA B 295 7.78 -37.89 -23.31
CA ALA B 295 8.48 -38.30 -24.52
C ALA B 295 9.56 -37.27 -24.87
N ALA B 296 9.19 -35.99 -24.81
CA ALA B 296 10.14 -34.91 -25.08
C ALA B 296 11.31 -34.98 -24.11
N ARG B 297 11.03 -35.27 -22.86
CA ARG B 297 12.06 -35.34 -21.84
C ARG B 297 13.10 -36.39 -22.20
N GLU B 298 12.64 -37.55 -22.65
CA GLU B 298 13.56 -38.62 -23.04
C GLU B 298 14.41 -38.26 -24.26
N TRP B 299 13.79 -37.60 -25.24
CA TRP B 299 14.55 -37.11 -26.38
C TRP B 299 15.66 -36.17 -25.91
N LEU B 300 15.37 -35.37 -24.90
CA LEU B 300 16.33 -34.40 -24.37
C LEU B 300 17.46 -35.07 -23.60
N ARG B 301 17.14 -36.06 -22.79
CA ARG B 301 18.15 -36.75 -21.99
C ARG B 301 19.07 -37.61 -22.84
N THR B 302 18.66 -37.86 -24.08
CA THR B 302 19.41 -38.73 -24.98
C THR B 302 19.94 -37.98 -26.20
N GLU B 303 19.05 -37.70 -27.16
CA GLU B 303 19.44 -36.98 -28.37
C GLU B 303 19.83 -35.53 -28.07
N GLY B 304 19.14 -34.93 -27.12
CA GLY B 304 19.42 -33.56 -26.71
C GLY B 304 20.79 -33.45 -26.07
N PHE B 305 21.08 -34.37 -25.15
CA PHE B 305 22.37 -34.39 -24.48
C PHE B 305 23.48 -34.68 -25.46
N LYS B 306 23.23 -35.59 -26.40
CA LYS B 306 24.26 -35.92 -27.37
C LYS B 306 24.56 -34.72 -28.26
N ASN B 307 23.52 -33.98 -28.63
CA ASN B 307 23.70 -32.76 -29.40
C ASN B 307 24.60 -31.77 -28.66
N ILE B 308 24.24 -31.46 -27.42
CA ILE B 308 24.96 -30.44 -26.68
C ILE B 308 26.34 -30.92 -26.22
N ASP B 309 26.44 -32.19 -25.85
CA ASP B 309 27.74 -32.75 -25.47
C ASP B 309 28.69 -32.71 -26.66
N GLU B 310 28.17 -33.06 -27.84
CA GLU B 310 28.99 -33.06 -29.04
C GLU B 310 29.43 -31.64 -29.40
N LEU B 311 28.53 -30.68 -29.22
CA LEU B 311 28.86 -29.28 -29.41
C LEU B 311 29.96 -28.85 -28.45
N ASN B 312 29.81 -29.21 -27.18
CA ASN B 312 30.78 -28.85 -26.14
C ASN B 312 32.20 -29.34 -26.46
N LYS B 313 32.30 -30.54 -27.02
CA LYS B 313 33.61 -31.09 -27.37
C LYS B 313 34.25 -30.31 -28.50
N VAL B 314 33.45 -29.85 -29.44
CA VAL B 314 33.94 -28.99 -30.51
C VAL B 314 34.37 -27.62 -29.97
N LEU B 315 33.55 -27.05 -29.09
CA LEU B 315 33.89 -25.78 -28.47
C LEU B 315 35.22 -25.87 -27.73
N ASP B 316 35.44 -27.00 -27.05
CA ASP B 316 36.67 -27.21 -26.31
C ASP B 316 37.92 -27.07 -27.17
N LYS B 317 37.77 -27.33 -28.47
CA LYS B 317 38.92 -27.27 -29.38
C LYS B 317 38.88 -26.07 -30.32
N THR B 318 37.86 -25.23 -30.21
CA THR B 318 37.70 -24.15 -31.18
C THR B 318 37.55 -22.75 -30.58
N ALA B 319 36.79 -22.63 -29.49
CA ALA B 319 36.51 -21.33 -28.89
C ALA B 319 37.72 -20.77 -28.14
N SER B 320 37.84 -19.45 -28.12
CA SER B 320 38.88 -18.78 -27.34
C SER B 320 38.23 -18.07 -26.16
N PRO B 321 38.92 -18.02 -25.01
CA PRO B 321 38.31 -17.42 -23.81
C PRO B 321 38.20 -15.90 -23.93
N TRP B 322 37.09 -15.34 -23.45
CA TRP B 322 36.89 -13.90 -23.55
C TRP B 322 37.76 -13.13 -22.56
N THR B 323 38.34 -13.84 -21.60
CA THR B 323 39.33 -13.23 -20.72
C THR B 323 40.40 -12.56 -21.57
N GLU B 324 40.43 -12.94 -22.84
CA GLU B 324 41.04 -12.13 -23.90
C GLU B 324 42.43 -11.60 -23.59
N THR C 3 -14.31 -1.71 -1.10
CA THR C 3 -15.49 -0.92 -0.75
C THR C 3 -15.16 0.11 0.32
N LEU C 4 -13.85 0.34 0.52
CA LEU C 4 -13.36 1.31 1.48
C LEU C 4 -14.13 2.62 1.37
N THR C 5 -14.46 3.21 2.52
CA THR C 5 -15.00 4.55 2.56
C THR C 5 -13.93 5.53 2.09
N GLU C 6 -14.34 6.76 1.82
CA GLU C 6 -13.39 7.79 1.38
C GLU C 6 -12.25 8.00 2.37
N ASN C 7 -12.56 8.07 3.65
CA ASN C 7 -11.54 8.32 4.67
C ASN C 7 -10.61 7.13 4.90
N LYS C 8 -11.17 5.92 4.88
CA LYS C 8 -10.35 4.73 5.03
C LYS C 8 -9.39 4.59 3.84
N ARG C 9 -9.85 4.94 2.65
CA ARG C 9 -9.01 4.88 1.47
C ARG C 9 -7.85 5.87 1.56
N LYS C 10 -8.16 7.11 1.95
CA LYS C 10 -7.11 8.13 2.14
C LYS C 10 -6.08 7.68 3.18
N SER C 11 -6.54 7.08 4.27
CA SER C 11 -5.63 6.54 5.27
C SER C 11 -4.77 5.41 4.71
N MET C 12 -5.38 4.51 3.96
CA MET C 12 -4.65 3.42 3.34
C MET C 12 -3.57 3.96 2.40
N GLU C 13 -3.88 5.01 1.66
CA GLU C 13 -2.91 5.65 0.77
C GLU C 13 -1.74 6.22 1.56
N LYS C 14 -2.02 6.81 2.71
CA LYS C 14 -0.95 7.38 3.55
C LYS C 14 -0.05 6.31 4.16
N LEU C 15 -0.53 5.07 4.19
CA LEU C 15 0.25 3.99 4.76
C LEU C 15 1.07 3.23 3.72
N SER C 16 0.88 3.58 2.45
CA SER C 16 1.41 2.80 1.33
C SER C 16 2.11 3.67 0.30
N VAL C 17 2.79 3.01 -0.64
CA VAL C 17 3.23 3.65 -1.88
C VAL C 17 2.85 2.77 -3.07
N ASP C 18 2.05 3.33 -3.98
CA ASP C 18 1.63 2.63 -5.19
C ASP C 18 0.97 1.29 -4.84
N GLY C 19 0.15 1.30 -3.80
CA GLY C 19 -0.59 0.11 -3.39
C GLY C 19 0.20 -0.92 -2.61
N VAL C 20 1.44 -0.60 -2.26
CA VAL C 20 2.26 -1.55 -1.51
C VAL C 20 2.64 -1.02 -0.14
N ILE C 21 2.45 -1.84 0.89
CA ILE C 21 2.76 -1.44 2.26
C ILE C 21 4.18 -1.87 2.63
N SER C 22 5.08 -0.90 2.73
CA SER C 22 6.44 -1.19 3.13
C SER C 22 6.67 -0.58 4.49
N ALA C 23 5.98 -1.13 5.48
CA ALA C 23 5.91 -0.53 6.81
C ALA C 23 6.94 -1.08 7.78
N LEU C 24 7.39 -0.21 8.67
CA LEU C 24 8.34 -0.57 9.72
C LEU C 24 7.56 -0.79 11.00
N ALA C 25 7.80 -1.92 11.66
CA ALA C 25 7.07 -2.27 12.87
C ALA C 25 7.94 -2.08 14.12
N PHE C 26 7.47 -1.25 15.05
CA PHE C 26 8.19 -1.06 16.32
C PHE C 26 7.22 -0.73 17.45
N ASP C 27 6.22 -1.59 17.64
CA ASP C 27 5.31 -1.45 18.77
C ASP C 27 5.66 -2.43 19.88
N GLN C 28 6.77 -3.16 19.69
CA GLN C 28 7.22 -4.13 20.69
C GLN C 28 7.48 -3.42 22.02
N ARG C 29 7.02 -4.05 23.09
CA ARG C 29 7.14 -3.47 24.42
C ARG C 29 7.78 -4.50 25.35
N GLY C 30 7.01 -5.50 25.76
CA GLY C 30 7.53 -6.55 26.61
C GLY C 30 8.74 -7.22 26.00
N ALA C 31 8.63 -7.54 24.71
CA ALA C 31 9.71 -8.18 23.97
C ALA C 31 10.94 -7.28 23.87
N LEU C 32 10.71 -5.98 23.71
CA LEU C 32 11.80 -5.03 23.61
C LEU C 32 12.50 -4.88 24.97
N LYS C 33 11.71 -4.81 26.02
CA LYS C 33 12.26 -4.65 27.35
C LYS C 33 13.17 -5.84 27.67
N ARG C 34 12.71 -7.03 27.31
CA ARG C 34 13.49 -8.24 27.54
C ARG C 34 14.81 -8.22 26.76
N MET C 35 14.78 -7.72 25.52
CA MET C 35 16.00 -7.64 24.74
C MET C 35 17.01 -6.71 25.41
N MET C 36 16.54 -5.57 25.87
CA MET C 36 17.40 -4.58 26.51
C MET C 36 17.99 -5.13 27.80
N ALA C 37 17.18 -5.88 28.53
CA ALA C 37 17.60 -6.44 29.81
C ALA C 37 18.78 -7.39 29.64
N GLN C 38 18.93 -7.94 28.44
CA GLN C 38 20.02 -8.89 28.19
C GLN C 38 21.40 -8.22 28.19
N HIS C 39 21.44 -6.90 28.23
CA HIS C 39 22.69 -6.18 27.98
C HIS C 39 23.08 -5.14 29.02
N GLN C 40 22.30 -5.05 30.09
CA GLN C 40 22.64 -4.16 31.19
C GLN C 40 22.08 -4.75 32.47
N THR C 41 22.64 -4.37 33.61
CA THR C 41 22.20 -4.93 34.89
C THR C 41 20.92 -4.27 35.40
N LYS C 42 20.82 -2.95 35.26
CA LYS C 42 19.63 -2.23 35.68
C LYS C 42 18.44 -2.57 34.82
N GLU C 43 17.24 -2.36 35.35
CA GLU C 43 16.01 -2.53 34.58
C GLU C 43 15.98 -1.48 33.47
N PRO C 44 15.61 -1.90 32.25
CA PRO C 44 15.44 -0.91 31.18
C PRO C 44 14.39 0.13 31.62
N THR C 45 14.69 1.40 31.40
CA THR C 45 13.83 2.47 31.88
C THR C 45 12.84 2.93 30.82
N VAL C 46 11.80 3.65 31.27
CA VAL C 46 10.83 4.22 30.35
C VAL C 46 11.52 5.10 29.30
N GLU C 47 12.45 5.94 29.74
CA GLU C 47 13.15 6.83 28.81
C GLU C 47 14.03 6.08 27.81
N GLN C 48 14.60 4.96 28.22
CA GLN C 48 15.41 4.14 27.30
C GLN C 48 14.54 3.54 26.20
N ILE C 49 13.35 3.09 26.58
CA ILE C 49 12.43 2.55 25.60
C ILE C 49 11.93 3.64 24.65
N GLU C 50 11.55 4.79 25.21
CA GLU C 50 11.05 5.89 24.40
C GLU C 50 12.13 6.39 23.46
N GLU C 51 13.37 6.37 23.93
CA GLU C 51 14.47 6.91 23.13
C GLU C 51 14.83 6.00 21.96
N LEU C 52 14.97 4.70 22.22
CA LEU C 52 15.27 3.77 21.14
C LEU C 52 14.18 3.81 20.08
N LYS C 53 12.93 3.94 20.50
CA LYS C 53 11.84 4.04 19.53
C LYS C 53 11.95 5.29 18.68
N SER C 54 12.29 6.41 19.30
CA SER C 54 12.46 7.66 18.56
C SER C 54 13.64 7.61 17.59
N LEU C 55 14.72 6.96 17.99
CA LEU C 55 15.89 6.82 17.12
C LEU C 55 15.56 5.98 15.88
N VAL C 56 14.86 4.87 16.09
CA VAL C 56 14.46 4.01 14.98
C VAL C 56 13.50 4.73 14.06
N SER C 57 12.51 5.41 14.63
CA SER C 57 11.57 6.18 13.82
C SER C 57 12.27 7.26 13.01
N GLU C 58 13.12 8.05 13.65
CA GLU C 58 13.74 9.17 12.95
C GLU C 58 14.68 8.70 11.85
N GLU C 59 15.44 7.64 12.11
CA GLU C 59 16.49 7.20 11.19
C GLU C 59 15.96 6.35 10.04
N LEU C 60 14.94 5.53 10.30
CA LEU C 60 14.52 4.54 9.30
C LEU C 60 13.21 4.83 8.55
N THR C 61 12.36 5.70 9.10
CA THR C 61 11.10 6.00 8.42
C THR C 61 11.25 6.70 7.06
N PRO C 62 12.39 7.37 6.81
CA PRO C 62 12.52 7.89 5.45
C PRO C 62 12.51 6.78 4.41
N PHE C 63 12.66 5.53 4.85
CA PHE C 63 12.72 4.39 3.93
C PHE C 63 11.50 3.48 4.05
N ALA C 64 10.49 3.93 4.79
CA ALA C 64 9.26 3.16 4.96
C ALA C 64 8.05 3.97 4.52
N SER C 65 7.02 3.27 4.03
CA SER C 65 5.78 3.94 3.68
C SER C 65 4.99 4.33 4.94
N SER C 66 5.27 3.66 6.05
CA SER C 66 4.61 3.97 7.31
C SER C 66 5.30 3.26 8.46
N ILE C 67 4.98 3.65 9.68
CA ILE C 67 5.56 3.02 10.85
C ILE C 67 4.47 2.68 11.86
N LEU C 68 4.56 1.49 12.44
CA LEU C 68 3.65 1.04 13.49
C LEU C 68 4.34 1.27 14.83
N LEU C 69 3.69 2.02 15.70
CA LEU C 69 4.20 2.29 17.03
C LEU C 69 3.15 1.97 18.07
N ASP C 70 3.57 1.86 19.32
CA ASP C 70 2.62 1.66 20.41
C ASP C 70 2.39 3.01 21.06
N PRO C 71 1.20 3.23 21.62
CA PRO C 71 0.88 4.52 22.24
C PRO C 71 1.46 4.66 23.64
N GLU C 72 1.95 3.59 24.23
CA GLU C 72 2.48 3.65 25.59
C GLU C 72 3.84 4.34 25.66
N TYR C 73 4.74 3.97 24.75
CA TYR C 73 6.08 4.56 24.72
C TYR C 73 6.39 5.28 23.41
N GLY C 74 5.52 5.12 22.41
CA GLY C 74 5.88 5.49 21.05
C GLY C 74 5.35 6.79 20.50
N LEU C 75 4.66 7.58 21.32
CA LEU C 75 4.10 8.83 20.82
C LEU C 75 5.16 9.89 20.46
N PRO C 76 6.20 10.02 21.31
CA PRO C 76 7.31 10.89 20.89
C PRO C 76 7.93 10.42 19.57
N ALA C 77 8.20 9.12 19.45
CA ALA C 77 8.74 8.57 18.22
C ALA C 77 7.84 8.88 17.01
N SER C 78 6.53 8.81 17.21
CA SER C 78 5.58 9.10 16.13
C SER C 78 5.74 10.52 15.59
N ARG C 79 6.09 11.45 16.47
CA ARG C 79 6.20 12.84 16.07
C ARG C 79 7.48 13.18 15.32
N VAL C 80 8.47 12.28 15.35
CA VAL C 80 9.70 12.51 14.59
C VAL C 80 9.81 11.63 13.35
N ARG C 81 8.73 10.95 12.99
CA ARG C 81 8.75 10.13 11.78
C ARG C 81 8.85 11.02 10.55
N SER C 82 9.38 10.48 9.47
CA SER C 82 9.50 11.20 8.21
C SER C 82 8.13 11.72 7.78
N GLU C 83 8.08 12.92 7.22
CA GLU C 83 6.77 13.48 6.87
C GLU C 83 6.11 12.70 5.73
N GLU C 84 6.88 11.91 4.99
CA GLU C 84 6.30 11.07 3.95
C GLU C 84 5.69 9.77 4.47
N ALA C 85 5.92 9.43 5.74
CA ALA C 85 5.46 8.14 6.27
C ALA C 85 4.20 8.25 7.13
N GLY C 86 3.28 7.32 6.94
CA GLY C 86 2.06 7.29 7.72
C GLY C 86 2.29 6.66 9.07
N LEU C 87 1.24 6.61 9.89
CA LEU C 87 1.35 6.09 11.24
C LEU C 87 0.26 5.07 11.57
N LEU C 88 0.66 3.94 12.15
CA LEU C 88 -0.30 3.02 12.78
C LEU C 88 -0.01 2.98 14.26
N LEU C 89 -1.04 2.81 15.08
CA LEU C 89 -0.84 2.66 16.51
C LEU C 89 -1.44 1.35 17.02
N ALA C 90 -0.68 0.65 17.86
CA ALA C 90 -1.14 -0.59 18.45
C ALA C 90 -2.20 -0.33 19.50
N TYR C 91 -3.11 -1.29 19.67
CA TYR C 91 -4.27 -1.10 20.53
C TYR C 91 -4.31 -2.17 21.62
N GLU C 92 -3.55 -3.24 21.43
CA GLU C 92 -3.57 -4.36 22.36
C GLU C 92 -2.50 -4.23 23.45
N LYS C 93 -2.77 -4.80 24.62
CA LYS C 93 -1.75 -4.91 25.65
C LYS C 93 -0.66 -5.87 25.20
N THR C 94 0.56 -5.64 25.68
CA THR C 94 1.70 -6.47 25.29
C THR C 94 1.63 -7.88 25.88
N GLY C 95 2.03 -8.87 25.10
CA GLY C 95 2.20 -10.23 25.61
C GLY C 95 0.93 -11.02 25.88
N TYR C 96 1.06 -12.03 26.73
CA TYR C 96 -0.07 -12.88 27.09
C TYR C 96 0.21 -13.65 28.38
N ASP C 97 -0.87 -14.11 29.00
CA ASP C 97 -0.79 -14.87 30.25
C ASP C 97 -0.20 -16.24 29.97
N ALA C 98 1.02 -16.46 30.47
CA ALA C 98 1.72 -17.72 30.21
C ALA C 98 1.21 -18.87 31.07
N THR C 99 0.36 -18.55 32.05
CA THR C 99 -0.09 -19.56 33.01
C THR C 99 -1.34 -20.29 32.54
N THR C 100 -1.87 -19.90 31.40
CA THR C 100 -3.01 -20.60 30.80
C THR C 100 -2.78 -20.71 29.30
N THR C 101 -3.69 -21.40 28.60
CA THR C 101 -3.53 -21.62 27.17
C THR C 101 -4.47 -20.75 26.32
N SER C 102 -5.23 -19.87 26.97
CA SER C 102 -6.29 -19.14 26.27
C SER C 102 -5.81 -17.89 25.52
N ARG C 103 -4.72 -17.27 25.99
CA ARG C 103 -4.16 -16.05 25.38
C ARG C 103 -5.24 -15.06 24.95
N LEU C 104 -6.08 -14.65 25.89
CA LEU C 104 -7.22 -13.79 25.57
C LEU C 104 -6.77 -12.35 25.32
N PRO C 105 -7.39 -11.69 24.33
CA PRO C 105 -7.01 -10.33 23.93
C PRO C 105 -7.51 -9.29 24.91
N ASP C 106 -6.77 -8.19 25.02
CA ASP C 106 -7.12 -7.12 25.96
C ASP C 106 -6.60 -5.78 25.43
N CYS C 107 -7.52 -4.86 25.15
CA CYS C 107 -7.14 -3.51 24.72
C CYS C 107 -6.45 -2.74 25.82
N LEU C 108 -5.54 -1.84 25.44
CA LEU C 108 -4.90 -0.94 26.40
C LEU C 108 -5.95 -0.17 27.20
N ASP C 109 -5.77 -0.14 28.52
CA ASP C 109 -6.80 0.37 29.43
C ASP C 109 -7.32 1.78 29.13
N VAL C 110 -6.44 2.72 28.79
CA VAL C 110 -6.93 4.09 28.60
C VAL C 110 -6.97 4.52 27.14
N TRP C 111 -7.08 3.54 26.24
CA TRP C 111 -7.20 3.80 24.81
C TRP C 111 -8.51 3.30 24.21
N SER C 112 -8.86 3.86 23.06
CA SER C 112 -10.04 3.46 22.29
C SER C 112 -9.68 3.81 20.85
N ALA C 113 -10.43 3.32 19.88
CA ALA C 113 -10.14 3.65 18.48
C ALA C 113 -10.21 5.16 18.29
N LYS C 114 -11.19 5.78 18.94
CA LYS C 114 -11.35 7.23 18.86
C LYS C 114 -10.09 7.95 19.33
N ARG C 115 -9.55 7.50 20.46
CA ARG C 115 -8.34 8.12 21.00
C ARG C 115 -7.14 7.86 20.12
N ILE C 116 -7.12 6.70 19.46
CA ILE C 116 -6.02 6.38 18.57
C ILE C 116 -6.03 7.29 17.34
N LYS C 117 -7.22 7.50 16.79
CA LYS C 117 -7.40 8.46 15.72
C LYS C 117 -7.02 9.88 16.17
N GLU C 118 -7.44 10.24 17.37
CA GLU C 118 -7.12 11.55 17.94
C GLU C 118 -5.61 11.74 18.15
N ALA C 119 -4.89 10.64 18.30
CA ALA C 119 -3.43 10.68 18.45
C ALA C 119 -2.70 10.76 17.10
N GLY C 120 -3.45 10.82 16.01
CA GLY C 120 -2.84 11.04 14.70
C GLY C 120 -2.61 9.81 13.85
N ALA C 121 -3.13 8.67 14.28
CA ALA C 121 -2.92 7.43 13.52
C ALA C 121 -3.78 7.37 12.26
N GLU C 122 -3.26 6.70 11.22
CA GLU C 122 -4.02 6.42 10.01
CA GLU C 122 -4.04 6.43 10.02
C GLU C 122 -4.59 5.00 10.07
N ALA C 123 -4.30 4.29 11.15
CA ALA C 123 -4.83 2.94 11.31
C ALA C 123 -4.73 2.48 12.76
N VAL C 124 -5.69 1.64 13.15
CA VAL C 124 -5.66 0.96 14.43
C VAL C 124 -5.11 -0.43 14.18
N LYS C 125 -4.10 -0.83 14.93
CA LYS C 125 -3.55 -2.18 14.80
C LYS C 125 -3.82 -2.98 16.08
N PHE C 126 -4.23 -4.23 15.94
CA PHE C 126 -4.50 -5.08 17.10
C PHE C 126 -3.97 -6.49 16.88
N LEU C 127 -3.26 -7.02 17.88
CA LEU C 127 -2.73 -8.38 17.78
C LEU C 127 -3.61 -9.39 18.49
N LEU C 128 -4.01 -10.43 17.78
CA LEU C 128 -4.75 -11.54 18.38
C LEU C 128 -3.96 -12.83 18.26
N TYR C 129 -3.82 -13.55 19.37
CA TYR C 129 -3.30 -14.92 19.31
C TYR C 129 -4.47 -15.85 19.04
N TYR C 130 -4.31 -16.76 18.07
CA TYR C 130 -5.43 -17.62 17.69
C TYR C 130 -5.02 -19.05 17.39
N ASP C 131 -5.68 -19.99 18.05
CA ASP C 131 -5.54 -21.41 17.74
C ASP C 131 -6.89 -21.89 17.22
N ILE C 132 -6.98 -22.04 15.90
CA ILE C 132 -8.25 -22.41 15.25
C ILE C 132 -8.82 -23.71 15.83
N ASP C 133 -7.93 -24.58 16.33
CA ASP C 133 -8.34 -25.87 16.86
C ASP C 133 -8.53 -25.85 18.37
N GLY C 134 -8.44 -24.66 18.97
CA GLY C 134 -8.48 -24.52 20.42
C GLY C 134 -9.87 -24.58 21.03
N ASP C 135 -9.96 -24.26 22.31
CA ASP C 135 -11.23 -24.30 23.03
C ASP C 135 -12.25 -23.41 22.33
N GLN C 136 -13.43 -23.96 22.04
CA GLN C 136 -14.39 -23.21 21.23
C GLN C 136 -15.01 -22.01 21.94
N ASP C 137 -15.18 -22.11 23.26
CA ASP C 137 -15.67 -20.97 24.04
C ASP C 137 -14.62 -19.86 24.10
N VAL C 138 -13.35 -20.23 24.24
CA VAL C 138 -12.27 -19.27 24.17
C VAL C 138 -12.31 -18.52 22.83
N ASN C 139 -12.48 -19.27 21.75
CA ASN C 139 -12.54 -18.66 20.43
C ASN C 139 -13.79 -17.80 20.19
N GLU C 140 -14.90 -18.19 20.80
CA GLU C 140 -16.10 -17.33 20.75
C GLU C 140 -15.82 -15.98 21.41
N GLN C 141 -15.13 -16.01 22.55
CA GLN C 141 -14.76 -14.77 23.23
C GLN C 141 -13.84 -13.92 22.37
N LYS C 142 -12.87 -14.56 21.74
CA LYS C 142 -11.95 -13.84 20.85
C LYS C 142 -12.69 -13.22 19.67
N LYS C 143 -13.57 -13.99 19.04
CA LYS C 143 -14.32 -13.48 17.90
C LYS C 143 -15.20 -12.28 18.30
N ALA C 144 -15.90 -12.40 19.44
CA ALA C 144 -16.66 -11.28 19.96
C ALA C 144 -15.77 -10.06 20.17
N TYR C 145 -14.58 -10.26 20.70
CA TYR C 145 -13.70 -9.14 21.00
C TYR C 145 -13.31 -8.41 19.71
N ILE C 146 -13.01 -9.18 18.67
CA ILE C 146 -12.63 -8.58 17.39
C ILE C 146 -13.80 -7.86 16.73
N GLU C 147 -15.02 -8.41 16.87
CA GLU C 147 -16.21 -7.72 16.37
C GLU C 147 -16.31 -6.31 16.95
N ARG C 148 -16.09 -6.18 18.26
CA ARG C 148 -16.15 -4.87 18.92
C ARG C 148 -15.14 -3.88 18.32
N ILE C 149 -13.92 -4.36 18.11
CA ILE C 149 -12.86 -3.48 17.61
C ILE C 149 -13.17 -3.08 16.18
N GLY C 150 -13.58 -4.05 15.37
CA GLY C 150 -14.00 -3.79 14.01
C GLY C 150 -15.10 -2.74 13.92
N SER C 151 -16.06 -2.81 14.84
CA SER C 151 -17.16 -1.85 14.89
C SER C 151 -16.67 -0.45 15.27
N GLU C 152 -15.80 -0.38 16.29
CA GLU C 152 -15.17 0.89 16.69
C GLU C 152 -14.51 1.56 15.48
N CYS C 153 -13.75 0.77 14.73
CA CYS C 153 -12.98 1.33 13.61
C CYS C 153 -13.91 1.76 12.49
N ARG C 154 -15.02 1.04 12.33
CA ARG C 154 -16.01 1.44 11.35
C ARG C 154 -16.60 2.80 11.75
N ALA C 155 -16.95 2.95 13.03
CA ALA C 155 -17.52 4.19 13.53
C ALA C 155 -16.56 5.37 13.44
N GLU C 156 -15.31 5.13 13.80
CA GLU C 156 -14.29 6.18 13.77
C GLU C 156 -13.74 6.36 12.36
N ASP C 157 -14.13 5.47 11.45
CA ASP C 157 -13.74 5.56 10.04
C ASP C 157 -12.22 5.53 9.86
N ILE C 158 -11.58 4.51 10.44
CA ILE C 158 -10.13 4.38 10.42
C ILE C 158 -9.79 2.91 10.15
N PRO C 159 -8.84 2.64 9.24
CA PRO C 159 -8.54 1.25 8.86
C PRO C 159 -8.17 0.37 10.06
N PHE C 160 -8.66 -0.86 10.05
CA PHE C 160 -8.40 -1.84 11.10
C PHE C 160 -7.41 -2.87 10.57
N TYR C 161 -6.20 -2.84 11.12
CA TYR C 161 -5.17 -3.81 10.80
C TYR C 161 -5.16 -4.87 11.90
N LEU C 162 -5.48 -6.10 11.54
CA LEU C 162 -5.49 -7.20 12.50
C LEU C 162 -4.28 -8.09 12.29
N GLU C 163 -3.43 -8.20 13.30
CA GLU C 163 -2.32 -9.14 13.27
C GLU C 163 -2.80 -10.42 13.90
N ILE C 164 -2.49 -11.55 13.26
CA ILE C 164 -2.80 -12.85 13.83
C ILE C 164 -1.50 -13.60 14.05
N LEU C 165 -1.27 -14.00 15.29
CA LEU C 165 -0.18 -14.93 15.58
C LEU C 165 -0.78 -16.24 16.02
N THR C 166 -0.43 -17.31 15.31
CA THR C 166 -1.01 -18.60 15.60
C THR C 166 -0.22 -19.37 16.66
N TYR C 167 -0.88 -20.33 17.29
CA TYR C 167 -0.26 -21.22 18.26
C TYR C 167 -1.13 -22.45 18.44
N ASP C 168 -0.63 -23.42 19.18
CA ASP C 168 -1.45 -24.58 19.51
C ASP C 168 -1.47 -24.74 21.01
N GLU C 169 -2.66 -24.87 21.58
CA GLU C 169 -2.81 -24.95 23.03
C GLU C 169 -1.92 -26.03 23.65
N LYS C 170 -1.62 -27.08 22.88
CA LYS C 170 -0.87 -28.22 23.40
C LYS C 170 0.54 -28.35 22.84
N ILE C 171 1.02 -27.33 22.15
CA ILE C 171 2.41 -27.33 21.69
C ILE C 171 3.15 -26.13 22.25
N ALA C 172 4.13 -26.39 23.12
CA ALA C 172 4.79 -25.32 23.85
C ALA C 172 5.62 -24.37 22.98
N ASP C 173 6.34 -24.93 22.01
CA ASP C 173 7.26 -24.12 21.21
C ASP C 173 6.85 -24.03 19.74
N ASN C 174 6.50 -22.83 19.28
CA ASN C 174 6.06 -22.70 17.89
CA ASN C 174 6.10 -22.59 17.89
C ASN C 174 7.21 -22.83 16.89
N ALA C 175 8.43 -22.94 17.39
CA ALA C 175 9.59 -23.11 16.53
C ALA C 175 9.92 -24.59 16.32
N SER C 176 9.15 -25.44 16.97
CA SER C 176 9.40 -26.88 16.94
C SER C 176 8.92 -27.50 15.65
N PRO C 177 9.49 -28.67 15.29
CA PRO C 177 9.04 -29.41 14.12
C PRO C 177 7.57 -29.78 14.25
N GLU C 178 7.12 -30.05 15.47
CA GLU C 178 5.74 -30.43 15.70
C GLU C 178 4.80 -29.32 15.28
N PHE C 179 5.11 -28.08 15.66
CA PHE C 179 4.25 -26.98 15.26
C PHE C 179 4.38 -26.69 13.76
N ALA C 180 5.59 -26.79 13.24
CA ALA C 180 5.82 -26.61 11.82
C ALA C 180 4.82 -27.42 11.00
N LYS C 181 4.54 -28.65 11.44
CA LYS C 181 3.66 -29.54 10.70
C LYS C 181 2.20 -29.10 10.65
N VAL C 182 1.79 -28.24 11.58
CA VAL C 182 0.40 -27.77 11.59
C VAL C 182 0.27 -26.28 11.28
N LYS C 183 1.40 -25.61 11.08
CA LYS C 183 1.38 -24.15 10.94
C LYS C 183 0.49 -23.67 9.79
N ALA C 184 0.57 -24.32 8.64
CA ALA C 184 -0.19 -23.87 7.47
C ALA C 184 -1.69 -23.87 7.76
N HIS C 185 -2.15 -24.95 8.38
CA HIS C 185 -3.55 -25.04 8.81
C HIS C 185 -3.93 -23.92 9.77
N LYS C 186 -3.08 -23.68 10.78
CA LYS C 186 -3.38 -22.66 11.79
C LYS C 186 -3.52 -21.27 11.17
N VAL C 187 -2.57 -20.95 10.29
CA VAL C 187 -2.51 -19.62 9.72
C VAL C 187 -3.63 -19.41 8.71
N ASN C 188 -3.76 -20.34 7.77
CA ASN C 188 -4.70 -20.19 6.68
C ASN C 188 -6.16 -20.26 7.12
N GLU C 189 -6.47 -21.14 8.08
CA GLU C 189 -7.86 -21.22 8.55
C GLU C 189 -8.23 -20.02 9.42
N ALA C 190 -7.28 -19.48 10.16
CA ALA C 190 -7.54 -18.28 10.95
C ALA C 190 -7.78 -17.06 10.03
N MET C 191 -7.01 -16.97 8.95
CA MET C 191 -7.23 -15.91 7.97
C MET C 191 -8.62 -16.01 7.39
N LYS C 192 -9.07 -17.23 7.11
CA LYS C 192 -10.39 -17.41 6.54
C LYS C 192 -11.47 -16.91 7.51
N VAL C 193 -11.33 -17.28 8.78
CA VAL C 193 -12.28 -16.86 9.80
C VAL C 193 -12.34 -15.33 9.90
N PHE C 194 -11.19 -14.68 9.97
CA PHE C 194 -11.17 -13.24 10.21
C PHE C 194 -11.31 -12.37 8.97
N SER C 195 -11.46 -13.01 7.82
CA SER C 195 -11.86 -12.34 6.59
C SER C 195 -13.39 -12.22 6.49
N LYS C 196 -14.12 -12.80 7.44
CA LYS C 196 -15.57 -12.64 7.46
C LYS C 196 -15.92 -11.16 7.62
N GLU C 197 -16.93 -10.70 6.88
CA GLU C 197 -17.37 -9.31 6.92
C GLU C 197 -17.61 -8.79 8.35
N ARG C 198 -18.14 -9.63 9.23
CA ARG C 198 -18.55 -9.18 10.56
C ARG C 198 -17.40 -8.66 11.42
N PHE C 199 -16.16 -9.01 11.06
CA PHE C 199 -15.00 -8.58 11.84
C PHE C 199 -14.41 -7.22 11.45
N GLY C 200 -14.85 -6.68 10.31
CA GLY C 200 -14.51 -5.32 9.91
C GLY C 200 -13.03 -5.06 9.63
N VAL C 201 -12.30 -6.12 9.32
CA VAL C 201 -10.86 -6.01 9.10
C VAL C 201 -10.54 -5.42 7.73
N ASP C 202 -9.61 -4.48 7.69
CA ASP C 202 -9.20 -3.87 6.43
C ASP C 202 -7.92 -4.47 5.87
N VAL C 203 -6.99 -4.81 6.75
CA VAL C 203 -5.74 -5.47 6.34
C VAL C 203 -5.36 -6.53 7.36
N LEU C 204 -4.93 -7.70 6.88
CA LEU C 204 -4.43 -8.74 7.77
C LEU C 204 -2.91 -8.72 7.79
N LYS C 205 -2.34 -8.65 8.99
CA LYS C 205 -0.91 -8.82 9.17
C LYS C 205 -0.69 -10.25 9.66
N VAL C 206 -0.06 -11.07 8.84
CA VAL C 206 0.00 -12.51 9.13
C VAL C 206 1.40 -13.10 8.99
N GLU C 207 1.54 -14.31 9.51
CA GLU C 207 2.75 -15.11 9.31
C GLU C 207 2.75 -15.73 7.93
N VAL C 208 3.94 -15.96 7.39
CA VAL C 208 4.02 -16.86 6.25
C VAL C 208 3.56 -18.23 6.75
N PRO C 209 2.86 -18.99 5.89
CA PRO C 209 2.17 -20.21 6.34
C PRO C 209 3.08 -21.43 6.48
N VAL C 210 4.39 -21.20 6.52
CA VAL C 210 5.36 -22.29 6.62
CA VAL C 210 5.36 -22.29 6.66
C VAL C 210 6.52 -21.84 7.51
N ASN C 211 7.16 -22.79 8.20
CA ASN C 211 8.41 -22.47 8.86
C ASN C 211 9.53 -22.79 7.87
N MET C 212 10.10 -21.75 7.27
CA MET C 212 11.04 -21.93 6.16
C MET C 212 12.29 -22.72 6.58
N LYS C 213 12.61 -22.71 7.87
CA LYS C 213 13.78 -23.43 8.36
C LYS C 213 13.65 -24.95 8.21
N PHE C 214 12.45 -25.42 7.87
CA PHE C 214 12.22 -26.85 7.66
C PHE C 214 11.92 -27.18 6.20
N VAL C 215 12.12 -26.20 5.32
CA VAL C 215 11.84 -26.38 3.91
C VAL C 215 13.10 -26.69 3.12
N GLU C 216 13.01 -27.67 2.23
CA GLU C 216 14.12 -28.04 1.35
C GLU C 216 14.70 -26.81 0.65
N GLY C 217 16.02 -26.67 0.70
CA GLY C 217 16.70 -25.53 0.10
C GLY C 217 17.01 -24.46 1.13
N PHE C 218 16.16 -24.33 2.13
CA PHE C 218 16.37 -23.36 3.20
C PHE C 218 16.83 -24.03 4.49
N ALA C 219 16.48 -25.30 4.65
CA ALA C 219 16.74 -26.01 5.91
C ALA C 219 18.23 -26.29 6.11
N ASP C 220 18.73 -25.94 7.30
CA ASP C 220 20.10 -26.24 7.68
C ASP C 220 20.14 -27.50 8.53
N GLY C 221 18.98 -28.13 8.72
CA GLY C 221 18.88 -29.35 9.50
C GLY C 221 17.86 -30.30 8.91
N GLU C 222 16.98 -30.81 9.76
CA GLU C 222 15.91 -31.70 9.33
C GLU C 222 15.01 -31.01 8.30
N VAL C 223 14.63 -31.76 7.26
CA VAL C 223 13.73 -31.24 6.24
C VAL C 223 12.35 -31.86 6.37
N LEU C 224 11.33 -31.01 6.60
CA LEU C 224 9.97 -31.51 6.78
C LEU C 224 9.12 -31.35 5.52
N PHE C 225 9.48 -30.39 4.68
CA PHE C 225 8.68 -30.07 3.51
C PHE C 225 9.54 -29.90 2.26
N THR C 226 9.01 -30.35 1.13
CA THR C 226 9.63 -30.08 -0.16
C THR C 226 9.28 -28.65 -0.57
N LYS C 227 9.98 -28.11 -1.57
CA LYS C 227 9.65 -26.79 -2.05
C LYS C 227 8.22 -26.74 -2.58
N GLU C 228 7.81 -27.80 -3.26
CA GLU C 228 6.46 -27.87 -3.82
C GLU C 228 5.40 -27.82 -2.71
N GLU C 229 5.66 -28.50 -1.60
CA GLU C 229 4.73 -28.51 -0.47
C GLU C 229 4.66 -27.12 0.18
N ALA C 230 5.82 -26.48 0.32
CA ALA C 230 5.88 -25.12 0.83
C ALA C 230 5.10 -24.17 -0.07
N ALA C 231 5.37 -24.25 -1.38
CA ALA C 231 4.69 -23.41 -2.35
C ALA C 231 3.17 -23.54 -2.26
N GLN C 232 2.69 -24.78 -2.07
CA GLN C 232 1.25 -25.02 -1.99
C GLN C 232 0.64 -24.35 -0.77
N ALA C 233 1.40 -24.26 0.32
CA ALA C 233 0.92 -23.59 1.52
C ALA C 233 0.71 -22.09 1.26
N PHE C 234 1.57 -21.49 0.44
CA PHE C 234 1.41 -20.10 0.10
C PHE C 234 0.19 -19.89 -0.80
N ARG C 235 -0.05 -20.82 -1.71
CA ARG C 235 -1.24 -20.73 -2.56
C ARG C 235 -2.51 -20.92 -1.75
N ASP C 236 -2.47 -21.83 -0.79
CA ASP C 236 -3.60 -22.02 0.13
C ASP C 236 -3.86 -20.72 0.89
N GLN C 237 -2.78 -20.04 1.29
CA GLN C 237 -2.93 -18.78 2.00
C GLN C 237 -3.63 -17.74 1.12
N GLU C 238 -3.21 -17.66 -0.14
CA GLU C 238 -3.81 -16.73 -1.08
C GLU C 238 -5.29 -17.04 -1.27
N ALA C 239 -5.66 -18.32 -1.25
CA ALA C 239 -7.05 -18.71 -1.44
C ALA C 239 -7.91 -18.54 -0.19
N SER C 240 -7.30 -18.13 0.92
CA SER C 240 -8.01 -18.02 2.19
CA SER C 240 -8.02 -18.02 2.19
C SER C 240 -8.70 -16.67 2.37
N THR C 241 -8.28 -15.67 1.60
CA THR C 241 -8.81 -14.33 1.82
C THR C 241 -8.80 -13.49 0.54
N ASP C 242 -9.72 -12.53 0.45
CA ASP C 242 -9.64 -11.53 -0.61
C ASP C 242 -9.26 -10.18 0.00
N LEU C 243 -8.96 -10.15 1.28
CA LEU C 243 -8.50 -8.92 1.92
C LEU C 243 -7.04 -8.70 1.61
N PRO C 244 -6.61 -7.42 1.66
CA PRO C 244 -5.17 -7.17 1.62
C PRO C 244 -4.50 -7.86 2.80
N TYR C 245 -3.33 -8.43 2.58
CA TYR C 245 -2.57 -9.01 3.69
C TYR C 245 -1.09 -8.75 3.52
N ILE C 246 -0.40 -8.61 4.64
CA ILE C 246 1.02 -8.29 4.66
C ILE C 246 1.71 -9.22 5.64
N TYR C 247 3.01 -9.46 5.43
CA TYR C 247 3.74 -10.40 6.25
C TYR C 247 4.49 -9.74 7.40
N LEU C 248 4.50 -10.40 8.55
CA LEU C 248 5.36 -10.02 9.66
C LEU C 248 6.65 -10.84 9.57
N SER C 249 7.75 -10.33 10.11
CA SER C 249 9.05 -11.02 9.97
C SER C 249 9.26 -12.14 10.98
N ALA C 250 8.62 -12.01 12.15
CA ALA C 250 8.77 -12.99 13.23
C ALA C 250 10.19 -13.04 13.78
N GLY C 251 10.97 -12.00 13.52
CA GLY C 251 12.33 -11.93 14.02
C GLY C 251 13.32 -12.90 13.38
N VAL C 252 13.00 -13.45 12.21
CA VAL C 252 14.00 -14.18 11.44
C VAL C 252 15.07 -13.21 10.96
N SER C 253 16.15 -13.72 10.38
CA SER C 253 17.20 -12.85 9.89
C SER C 253 16.69 -12.04 8.71
N ALA C 254 17.27 -10.86 8.47
CA ALA C 254 16.84 -10.03 7.36
C ALA C 254 16.95 -10.80 6.05
N LYS C 255 18.00 -11.60 5.92
CA LYS C 255 18.24 -12.38 4.70
C LYS C 255 17.16 -13.44 4.47
N LEU C 256 16.84 -14.20 5.51
CA LEU C 256 15.83 -15.25 5.38
C LEU C 256 14.46 -14.64 5.06
N PHE C 257 14.12 -13.54 5.71
CA PHE C 257 12.85 -12.86 5.42
C PHE C 257 12.81 -12.46 3.94
N GLN C 258 13.89 -11.85 3.47
CA GLN C 258 13.98 -11.47 2.06
C GLN C 258 13.80 -12.67 1.14
N ASP C 259 14.53 -13.75 1.38
CA ASP C 259 14.41 -14.95 0.55
C ASP C 259 13.02 -15.56 0.63
N THR C 260 12.38 -15.41 1.79
CA THR C 260 11.03 -15.92 1.98
C THR C 260 10.02 -15.18 1.10
N LEU C 261 10.14 -13.85 1.03
CA LEU C 261 9.26 -13.05 0.18
C LEU C 261 9.42 -13.42 -1.29
N VAL C 262 10.66 -13.61 -1.72
CA VAL C 262 10.91 -14.05 -3.09
C VAL C 262 10.18 -15.37 -3.32
N PHE C 263 10.32 -16.29 -2.38
CA PHE C 263 9.70 -17.59 -2.51
C PHE C 263 8.17 -17.47 -2.51
N ALA C 264 7.65 -16.58 -1.65
CA ALA C 264 6.20 -16.39 -1.59
C ALA C 264 5.66 -15.93 -2.94
N ALA C 265 6.29 -14.92 -3.51
CA ALA C 265 5.89 -14.38 -4.81
C ALA C 265 5.95 -15.44 -5.92
N GLU C 266 7.05 -16.19 -5.95
CA GLU C 266 7.22 -17.27 -6.94
C GLU C 266 6.14 -18.34 -6.78
N SER C 267 5.71 -18.59 -5.54
CA SER C 267 4.74 -19.64 -5.27
C SER C 267 3.31 -19.22 -5.63
N GLY C 268 3.10 -17.92 -5.80
CA GLY C 268 1.79 -17.43 -6.20
C GLY C 268 1.06 -16.63 -5.14
N ALA C 269 1.75 -16.28 -4.05
CA ALA C 269 1.15 -15.42 -3.03
C ALA C 269 1.15 -13.97 -3.51
N LYS C 270 -0.02 -13.35 -3.55
CA LYS C 270 -0.12 -11.95 -3.95
C LYS C 270 -0.20 -11.07 -2.72
N PHE C 271 0.79 -11.19 -1.83
CA PHE C 271 0.81 -10.39 -0.61
C PHE C 271 1.06 -8.92 -0.96
N ASN C 272 0.61 -8.03 -0.09
CA ASN C 272 0.56 -6.62 -0.43
C ASN C 272 1.61 -5.77 0.30
N GLY C 273 2.62 -6.44 0.85
CA GLY C 273 3.66 -5.73 1.57
C GLY C 273 4.00 -6.42 2.87
N VAL C 274 4.59 -5.65 3.79
CA VAL C 274 5.02 -6.19 5.07
C VAL C 274 4.82 -5.17 6.19
N LEU C 275 4.72 -5.67 7.40
CA LEU C 275 4.94 -4.86 8.60
C LEU C 275 6.11 -5.54 9.26
N CYS C 276 7.30 -5.04 8.97
CA CYS C 276 8.53 -5.73 9.33
C CYS C 276 9.25 -5.03 10.46
N GLY C 277 9.43 -5.73 11.57
CA GLY C 277 10.07 -5.14 12.73
C GLY C 277 11.46 -5.70 12.99
N ARG C 278 11.53 -6.77 13.75
CA ARG C 278 12.81 -7.26 14.26
C ARG C 278 13.83 -7.56 13.17
N ALA C 279 13.40 -8.19 12.07
CA ALA C 279 14.31 -8.50 10.98
C ALA C 279 15.09 -7.26 10.55
N THR C 280 14.49 -6.09 10.73
CA THR C 280 15.13 -4.83 10.33
C THR C 280 16.01 -4.21 11.42
N TRP C 281 15.45 -4.05 12.61
CA TRP C 281 16.12 -3.25 13.64
C TRP C 281 16.71 -4.03 14.83
N ALA C 282 16.60 -5.35 14.82
CA ALA C 282 17.01 -6.14 16.00
C ALA C 282 18.40 -5.79 16.55
N GLY C 283 19.38 -5.70 15.66
CA GLY C 283 20.75 -5.44 16.06
C GLY C 283 20.99 -4.11 16.76
N SER C 284 20.04 -3.19 16.66
CA SER C 284 20.21 -1.87 17.26
C SER C 284 20.09 -1.90 18.78
N VAL C 285 19.37 -2.88 19.30
CA VAL C 285 19.09 -2.91 20.74
C VAL C 285 20.36 -3.05 21.58
N LYS C 286 21.12 -4.10 21.29
CA LYS C 286 22.37 -4.35 22.01
C LYS C 286 23.29 -3.14 21.89
N VAL C 287 23.42 -2.61 20.68
CA VAL C 287 24.25 -1.42 20.47
C VAL C 287 23.75 -0.24 21.31
N TYR C 288 22.44 0.00 21.30
CA TYR C 288 21.89 1.12 22.05
C TYR C 288 22.18 1.01 23.54
N ILE C 289 22.04 -0.19 24.09
CA ILE C 289 22.19 -0.40 25.52
C ILE C 289 23.65 -0.35 25.95
N GLU C 290 24.53 -0.95 25.15
CA GLU C 290 25.96 -1.04 25.49
C GLU C 290 26.77 0.22 25.15
N GLU C 291 26.39 0.90 24.07
CA GLU C 291 27.23 1.98 23.55
C GLU C 291 26.57 3.35 23.52
N GLY C 292 25.25 3.39 23.60
CA GLY C 292 24.54 4.65 23.67
C GLY C 292 23.80 5.05 22.40
N PRO C 293 23.08 6.16 22.48
CA PRO C 293 22.26 6.65 21.37
C PRO C 293 23.05 6.90 20.09
N GLN C 294 24.13 7.67 20.16
CA GLN C 294 24.85 8.01 18.95
C GLN C 294 25.31 6.75 18.22
N ALA C 295 25.84 5.80 18.95
CA ALA C 295 26.26 4.52 18.38
C ALA C 295 25.05 3.80 17.75
N ALA C 296 23.88 3.97 18.36
CA ALA C 296 22.67 3.37 17.83
C ALA C 296 22.32 4.02 16.51
N ARG C 297 22.36 5.35 16.46
CA ARG C 297 22.11 6.08 15.22
C ARG C 297 23.02 5.59 14.11
N GLU C 298 24.29 5.37 14.46
CA GLU C 298 25.29 4.94 13.50
C GLU C 298 25.01 3.53 12.99
N TRP C 299 24.56 2.65 13.87
CA TRP C 299 24.14 1.32 13.45
C TRP C 299 22.94 1.41 12.50
N LEU C 300 21.96 2.22 12.87
CA LEU C 300 20.75 2.39 12.07
C LEU C 300 21.05 2.98 10.70
N ARG C 301 22.01 3.91 10.64
CA ARG C 301 22.37 4.55 9.37
C ARG C 301 23.19 3.62 8.49
N THR C 302 23.68 2.53 9.04
CA THR C 302 24.52 1.60 8.30
C THR C 302 23.86 0.24 8.16
N GLU C 303 23.89 -0.54 9.24
CA GLU C 303 23.31 -1.89 9.23
C GLU C 303 21.79 -1.86 9.10
N GLY C 304 21.15 -0.95 9.84
CA GLY C 304 19.71 -0.80 9.78
C GLY C 304 19.25 -0.43 8.39
N PHE C 305 19.91 0.55 7.80
CA PHE C 305 19.60 0.97 6.43
C PHE C 305 19.79 -0.16 5.44
N LYS C 306 20.88 -0.90 5.59
CA LYS C 306 21.15 -2.04 4.72
C LYS C 306 20.00 -3.05 4.79
N ASN C 307 19.54 -3.35 6.00
CA ASN C 307 18.41 -4.26 6.17
C ASN C 307 17.14 -3.77 5.48
N ILE C 308 16.81 -2.50 5.69
CA ILE C 308 15.54 -2.00 5.19
C ILE C 308 15.62 -1.69 3.70
N ASP C 309 16.80 -1.26 3.25
CA ASP C 309 17.01 -0.98 1.84
C ASP C 309 16.91 -2.26 1.02
N GLU C 310 17.54 -3.32 1.49
CA GLU C 310 17.49 -4.59 0.78
C GLU C 310 16.10 -5.22 0.82
N LEU C 311 15.39 -4.98 1.93
CA LEU C 311 13.99 -5.38 2.03
C LEU C 311 13.16 -4.66 0.98
N ASN C 312 13.36 -3.35 0.88
CA ASN C 312 12.64 -2.54 -0.10
C ASN C 312 12.87 -3.00 -1.54
N LYS C 313 14.11 -3.38 -1.85
CA LYS C 313 14.41 -3.86 -3.21
C LYS C 313 13.66 -5.15 -3.49
N VAL C 314 13.60 -6.04 -2.49
CA VAL C 314 12.86 -7.27 -2.63
C VAL C 314 11.36 -7.01 -2.76
N LEU C 315 10.83 -6.09 -1.96
CA LEU C 315 9.41 -5.72 -2.04
C LEU C 315 9.05 -5.22 -3.43
N ASP C 316 9.95 -4.44 -4.03
CA ASP C 316 9.73 -3.89 -5.36
C ASP C 316 9.50 -4.99 -6.41
N LYS C 317 10.10 -6.15 -6.19
CA LYS C 317 9.98 -7.21 -7.18
C LYS C 317 9.09 -8.38 -6.75
N THR C 318 8.48 -8.28 -5.56
CA THR C 318 7.66 -9.38 -5.03
C THR C 318 6.22 -9.00 -4.65
N ALA C 319 6.05 -7.83 -4.05
CA ALA C 319 4.72 -7.46 -3.54
C ALA C 319 3.73 -7.06 -4.64
N SER C 320 2.45 -7.29 -4.39
CA SER C 320 1.38 -6.88 -5.30
C SER C 320 0.58 -5.74 -4.67
N PRO C 321 0.09 -4.83 -5.52
CA PRO C 321 -0.60 -3.63 -5.00
C PRO C 321 -2.01 -3.96 -4.50
N TRP C 322 -2.40 -3.40 -3.36
CA TRP C 322 -3.76 -3.63 -2.86
C TRP C 322 -4.77 -2.83 -3.69
N THR C 323 -4.27 -1.85 -4.43
CA THR C 323 -5.13 -1.04 -5.30
C THR C 323 -5.52 -1.83 -6.54
N GLU C 324 -5.23 -3.13 -6.51
CA GLU C 324 -5.56 -4.04 -7.60
C GLU C 324 -4.98 -3.59 -8.93
N THR D 3 -29.01 14.37 18.16
CA THR D 3 -29.59 13.88 16.92
C THR D 3 -29.58 12.37 16.83
N LEU D 4 -30.61 11.81 16.22
CA LEU D 4 -30.70 10.38 16.01
C LEU D 4 -30.71 10.08 14.52
N THR D 5 -29.98 9.05 14.11
CA THR D 5 -30.07 8.58 12.74
C THR D 5 -31.46 8.00 12.51
N GLU D 6 -31.81 7.82 11.25
CA GLU D 6 -33.09 7.21 10.89
C GLU D 6 -33.34 5.92 11.66
N ASN D 7 -32.36 5.02 11.64
CA ASN D 7 -32.50 3.73 12.30
C ASN D 7 -32.51 3.79 13.83
N LYS D 8 -31.69 4.66 14.39
CA LYS D 8 -31.70 4.84 15.84
C LYS D 8 -33.07 5.38 16.30
N ARG D 9 -33.63 6.30 15.52
CA ARG D 9 -34.93 6.88 15.85
C ARG D 9 -36.03 5.82 15.79
N LYS D 10 -36.03 5.00 14.75
CA LYS D 10 -37.00 3.91 14.64
C LYS D 10 -36.92 2.98 15.85
N SER D 11 -35.70 2.68 16.28
CA SER D 11 -35.51 1.84 17.46
C SER D 11 -36.05 2.52 18.72
N MET D 12 -35.71 3.80 18.90
CA MET D 12 -36.19 4.54 20.05
C MET D 12 -37.72 4.52 20.12
N GLU D 13 -38.36 4.63 18.95
CA GLU D 13 -39.83 4.61 18.90
C GLU D 13 -40.39 3.25 19.28
N LYS D 14 -39.67 2.18 18.94
CA LYS D 14 -40.10 0.84 19.33
C LYS D 14 -39.96 0.61 20.84
N LEU D 15 -39.19 1.48 21.50
CA LEU D 15 -38.95 1.32 22.94
C LEU D 15 -39.88 2.20 23.77
N SER D 16 -40.64 3.05 23.09
CA SER D 16 -41.41 4.10 23.74
C SER D 16 -42.87 4.07 23.34
N VAL D 17 -43.68 4.87 24.03
CA VAL D 17 -45.03 5.15 23.59
C VAL D 17 -45.25 6.65 23.75
N ASP D 18 -45.58 7.31 22.64
CA ASP D 18 -45.80 8.75 22.66
C ASP D 18 -44.57 9.47 23.19
N GLY D 19 -43.39 8.97 22.85
CA GLY D 19 -42.15 9.63 23.25
C GLY D 19 -41.81 9.44 24.72
N VAL D 20 -42.55 8.56 25.39
CA VAL D 20 -42.26 8.26 26.79
C VAL D 20 -41.81 6.82 26.96
N ILE D 21 -40.69 6.63 27.66
CA ILE D 21 -40.16 5.31 27.90
C ILE D 21 -40.71 4.74 29.20
N SER D 22 -41.61 3.76 29.08
CA SER D 22 -42.19 3.11 30.25
C SER D 22 -41.75 1.66 30.25
N ALA D 23 -40.48 1.46 30.52
CA ALA D 23 -39.86 0.16 30.33
C ALA D 23 -39.77 -0.65 31.61
N LEU D 24 -39.84 -1.97 31.45
CA LEU D 24 -39.71 -2.92 32.54
C LEU D 24 -38.28 -3.44 32.56
N ALA D 25 -37.60 -3.30 33.70
CA ALA D 25 -36.21 -3.72 33.80
C ALA D 25 -36.10 -5.06 34.52
N PHE D 26 -35.49 -6.03 33.84
CA PHE D 26 -35.28 -7.33 34.46
C PHE D 26 -34.03 -7.99 33.91
N ASP D 27 -32.90 -7.28 33.97
CA ASP D 27 -31.63 -7.87 33.59
C ASP D 27 -30.84 -8.29 34.83
N GLN D 28 -31.47 -8.15 35.98
CA GLN D 28 -30.85 -8.56 37.25
C GLN D 28 -30.45 -10.03 37.20
N ARG D 29 -29.23 -10.31 37.65
CA ARG D 29 -28.68 -11.66 37.60
C ARG D 29 -28.18 -12.09 38.98
N GLY D 30 -27.02 -11.59 39.37
CA GLY D 30 -26.48 -11.91 40.69
C GLY D 30 -27.46 -11.55 41.80
N ALA D 31 -28.03 -10.35 41.72
CA ALA D 31 -28.96 -9.87 42.74
C ALA D 31 -30.22 -10.72 42.78
N LEU D 32 -30.65 -11.21 41.62
CA LEU D 32 -31.84 -12.04 41.55
C LEU D 32 -31.60 -13.41 42.16
N LYS D 33 -30.39 -13.94 41.97
CA LYS D 33 -30.06 -15.25 42.51
C LYS D 33 -30.02 -15.21 44.03
N ARG D 34 -29.44 -14.15 44.58
CA ARG D 34 -29.40 -13.97 46.02
C ARG D 34 -30.80 -13.82 46.62
N MET D 35 -31.70 -13.16 45.88
CA MET D 35 -33.09 -13.04 46.32
C MET D 35 -33.73 -14.41 46.39
N MET D 36 -33.56 -15.20 45.33
CA MET D 36 -34.14 -16.53 45.24
C MET D 36 -33.57 -17.45 46.32
N ALA D 37 -32.29 -17.26 46.63
CA ALA D 37 -31.61 -18.07 47.63
C ALA D 37 -32.18 -17.87 49.03
N GLN D 38 -32.91 -16.79 49.23
CA GLN D 38 -33.51 -16.47 50.53
C GLN D 38 -34.65 -17.42 50.90
N HIS D 39 -35.26 -18.04 49.89
CA HIS D 39 -36.54 -18.73 50.09
C HIS D 39 -36.50 -20.22 49.81
N GLN D 40 -35.30 -20.77 49.61
CA GLN D 40 -35.14 -22.20 49.37
C GLN D 40 -33.76 -22.68 49.80
N THR D 41 -33.66 -23.98 50.04
CA THR D 41 -32.40 -24.58 50.49
C THR D 41 -31.44 -24.81 49.32
N LYS D 42 -31.98 -25.28 48.20
CA LYS D 42 -31.16 -25.55 47.03
C LYS D 42 -30.69 -24.25 46.37
N GLU D 43 -29.52 -24.30 45.75
CA GLU D 43 -29.01 -23.17 45.00
C GLU D 43 -29.95 -22.88 43.82
N PRO D 44 -30.27 -21.59 43.60
CA PRO D 44 -31.11 -21.24 42.46
C PRO D 44 -30.51 -21.78 41.17
N THR D 45 -31.33 -22.34 40.31
CA THR D 45 -30.85 -22.96 39.08
C THR D 45 -31.04 -22.04 37.88
N VAL D 46 -30.35 -22.36 36.79
CA VAL D 46 -30.48 -21.62 35.54
C VAL D 46 -31.93 -21.65 35.08
N GLU D 47 -32.55 -22.82 35.19
CA GLU D 47 -33.95 -22.98 34.81
C GLU D 47 -34.87 -22.05 35.60
N GLN D 48 -34.68 -21.99 36.92
CA GLN D 48 -35.49 -21.12 37.77
C GLN D 48 -35.35 -19.68 37.32
N ILE D 49 -34.11 -19.25 37.14
CA ILE D 49 -33.82 -17.88 36.71
C ILE D 49 -34.44 -17.57 35.35
N GLU D 50 -34.21 -18.44 34.38
CA GLU D 50 -34.79 -18.27 33.05
C GLU D 50 -36.32 -18.21 33.11
N GLU D 51 -36.92 -19.07 33.92
CA GLU D 51 -38.37 -19.16 33.96
C GLU D 51 -39.02 -17.90 34.54
N LEU D 52 -38.52 -17.42 35.66
CA LEU D 52 -39.10 -16.25 36.29
C LEU D 52 -39.00 -15.06 35.33
N LYS D 53 -37.87 -14.98 34.63
CA LYS D 53 -37.69 -13.91 33.66
C LYS D 53 -38.75 -13.99 32.56
N SER D 54 -39.04 -15.21 32.11
CA SER D 54 -40.07 -15.43 31.10
C SER D 54 -41.49 -15.12 31.62
N LEU D 55 -41.74 -15.47 32.87
CA LEU D 55 -43.05 -15.17 33.48
C LEU D 55 -43.28 -13.67 33.53
N VAL D 56 -42.33 -12.95 34.11
CA VAL D 56 -42.43 -11.50 34.19
C VAL D 56 -42.60 -10.89 32.80
N SER D 57 -41.83 -11.40 31.84
CA SER D 57 -41.92 -10.89 30.48
C SER D 57 -43.30 -11.09 29.88
N GLU D 58 -43.77 -12.33 29.86
CA GLU D 58 -45.06 -12.62 29.22
C GLU D 58 -46.23 -11.89 29.88
N GLU D 59 -46.26 -11.86 31.20
CA GLU D 59 -47.41 -11.30 31.93
C GLU D 59 -47.43 -9.77 32.02
N LEU D 60 -46.25 -9.13 32.04
CA LEU D 60 -46.22 -7.69 32.27
C LEU D 60 -45.90 -6.83 31.03
N THR D 61 -45.25 -7.39 30.01
CA THR D 61 -44.89 -6.57 28.85
C THR D 61 -46.07 -6.03 28.04
N PRO D 62 -47.25 -6.65 28.16
CA PRO D 62 -48.37 -5.99 27.48
C PRO D 62 -48.64 -4.60 28.05
N PHE D 63 -48.03 -4.28 29.18
CA PHE D 63 -48.28 -3.00 29.84
C PHE D 63 -47.03 -2.11 29.88
N ALA D 64 -45.99 -2.53 29.16
CA ALA D 64 -44.74 -1.77 29.12
C ALA D 64 -44.36 -1.46 27.67
N SER D 65 -43.71 -0.31 27.46
CA SER D 65 -43.31 0.07 26.11
C SER D 65 -42.13 -0.77 25.63
N SER D 66 -41.40 -1.37 26.56
CA SER D 66 -40.27 -2.20 26.23
C SER D 66 -39.78 -2.93 27.47
N ILE D 67 -38.90 -3.92 27.28
CA ILE D 67 -38.35 -4.65 28.40
C ILE D 67 -36.83 -4.81 28.26
N LEU D 68 -36.13 -4.59 29.37
CA LEU D 68 -34.69 -4.80 29.44
C LEU D 68 -34.39 -6.19 30.02
N LEU D 69 -33.67 -7.00 29.24
CA LEU D 69 -33.26 -8.32 29.70
C LEU D 69 -31.75 -8.51 29.55
N ASP D 70 -31.19 -9.46 30.28
CA ASP D 70 -29.81 -9.85 30.08
C ASP D 70 -29.79 -10.97 29.05
N PRO D 71 -28.70 -11.06 28.27
CA PRO D 71 -28.61 -12.11 27.25
C PRO D 71 -28.21 -13.46 27.83
N GLU D 72 -27.72 -13.47 29.07
CA GLU D 72 -27.27 -14.71 29.69
C GLU D 72 -28.42 -15.65 30.04
N TYR D 73 -29.50 -15.09 30.59
CA TYR D 73 -30.64 -15.89 31.02
C TYR D 73 -31.95 -15.44 30.36
N GLY D 74 -31.93 -14.27 29.74
CA GLY D 74 -33.17 -13.63 29.34
C GLY D 74 -33.60 -13.76 27.89
N LEU D 75 -32.87 -14.53 27.09
CA LEU D 75 -33.25 -14.64 25.68
C LEU D 75 -34.59 -15.33 25.49
N PRO D 76 -34.84 -16.43 26.22
CA PRO D 76 -36.16 -17.07 26.09
C PRO D 76 -37.26 -16.09 26.50
N ALA D 77 -37.03 -15.35 27.57
CA ALA D 77 -37.97 -14.32 28.02
C ALA D 77 -38.23 -13.29 26.93
N SER D 78 -37.18 -12.90 26.21
CA SER D 78 -37.30 -11.87 25.19
C SER D 78 -38.25 -12.32 24.08
N ARG D 79 -38.29 -13.62 23.85
CA ARG D 79 -39.09 -14.18 22.76
C ARG D 79 -40.59 -14.31 23.09
N VAL D 80 -40.95 -14.26 24.37
CA VAL D 80 -42.37 -14.31 24.75
C VAL D 80 -42.90 -12.94 25.16
N ARG D 81 -42.16 -11.89 24.84
CA ARG D 81 -42.61 -10.54 25.17
C ARG D 81 -43.74 -10.14 24.23
N SER D 82 -44.60 -9.25 24.72
CA SER D 82 -45.67 -8.68 23.90
C SER D 82 -45.11 -8.16 22.58
N GLU D 83 -45.86 -8.35 21.50
CA GLU D 83 -45.41 -7.91 20.18
C GLU D 83 -45.39 -6.40 20.05
N GLU D 84 -45.92 -5.70 21.05
CA GLU D 84 -45.92 -4.24 21.07
C GLU D 84 -44.79 -3.69 21.95
N ALA D 85 -44.04 -4.58 22.58
CA ALA D 85 -42.97 -4.15 23.46
C ALA D 85 -41.61 -4.31 22.80
N GLY D 86 -40.81 -3.25 22.84
CA GLY D 86 -39.45 -3.29 22.32
C GLY D 86 -38.53 -4.03 23.27
N LEU D 87 -37.29 -4.26 22.85
CA LEU D 87 -36.34 -5.03 23.64
C LEU D 87 -35.00 -4.32 23.80
N LEU D 88 -34.52 -4.22 25.03
CA LEU D 88 -33.13 -3.79 25.29
C LEU D 88 -32.41 -4.99 25.87
N LEU D 89 -31.13 -5.14 25.53
CA LEU D 89 -30.31 -6.19 26.12
C LEU D 89 -29.13 -5.58 26.86
N ALA D 90 -28.86 -6.08 28.06
CA ALA D 90 -27.73 -5.64 28.87
C ALA D 90 -26.43 -6.20 28.31
N TYR D 91 -25.37 -5.43 28.45
CA TYR D 91 -24.09 -5.74 27.81
C TYR D 91 -23.02 -6.01 28.87
N GLU D 92 -23.24 -5.49 30.09
CA GLU D 92 -22.24 -5.61 31.16
C GLU D 92 -22.35 -6.93 31.94
N LYS D 93 -21.23 -7.37 32.50
CA LYS D 93 -21.24 -8.47 33.46
C LYS D 93 -21.92 -8.03 34.74
N THR D 94 -22.52 -8.97 35.46
CA THR D 94 -23.28 -8.65 36.66
C THR D 94 -22.41 -8.23 37.85
N GLY D 95 -22.91 -7.32 38.66
CA GLY D 95 -22.27 -6.95 39.92
C GLY D 95 -20.93 -6.25 39.79
N TYR D 96 -20.16 -6.31 40.88
CA TYR D 96 -18.83 -5.71 40.96
C TYR D 96 -18.04 -6.33 42.10
N ASP D 97 -16.74 -6.06 42.13
CA ASP D 97 -15.89 -6.57 43.20
C ASP D 97 -15.89 -5.59 44.36
N ALA D 98 -16.56 -5.97 45.45
CA ALA D 98 -16.67 -5.10 46.62
C ALA D 98 -15.38 -5.06 47.42
N THR D 99 -14.43 -5.91 47.05
CA THR D 99 -13.12 -5.99 47.70
C THR D 99 -12.22 -4.82 47.32
N THR D 100 -12.40 -4.31 46.10
CA THR D 100 -11.63 -3.17 45.63
C THR D 100 -12.57 -2.01 45.35
N THR D 101 -12.02 -0.81 45.21
CA THR D 101 -12.84 0.40 45.10
C THR D 101 -13.04 0.86 43.66
N SER D 102 -12.41 0.18 42.71
CA SER D 102 -12.38 0.66 41.33
C SER D 102 -13.63 0.34 40.51
N ARG D 103 -14.33 -0.74 40.87
CA ARG D 103 -15.53 -1.18 40.13
C ARG D 103 -15.42 -0.97 38.61
N LEU D 104 -14.41 -1.57 38.01
CA LEU D 104 -14.13 -1.39 36.58
C LEU D 104 -15.15 -2.12 35.70
N PRO D 105 -15.57 -1.49 34.60
CA PRO D 105 -16.60 -2.07 33.72
C PRO D 105 -16.07 -3.25 32.91
N ASP D 106 -16.92 -4.22 32.62
CA ASP D 106 -16.51 -5.39 31.86
C ASP D 106 -17.69 -5.95 31.05
N CYS D 107 -17.60 -5.85 29.73
CA CYS D 107 -18.63 -6.42 28.85
C CYS D 107 -18.70 -7.93 28.97
N LEU D 108 -19.89 -8.49 28.79
CA LEU D 108 -20.06 -9.94 28.74
C LEU D 108 -19.10 -10.55 27.72
N ASP D 109 -18.44 -11.65 28.09
CA ASP D 109 -17.34 -12.19 27.29
C ASP D 109 -17.68 -12.61 25.85
N VAL D 110 -18.85 -13.18 25.63
CA VAL D 110 -19.17 -13.62 24.26
C VAL D 110 -20.17 -12.73 23.55
N TRP D 111 -20.22 -11.46 23.95
CA TRP D 111 -21.14 -10.51 23.35
C TRP D 111 -20.45 -9.28 22.76
N SER D 112 -21.15 -8.61 21.86
CA SER D 112 -20.69 -7.37 21.26
C SER D 112 -21.95 -6.63 20.87
N ALA D 113 -21.83 -5.35 20.55
CA ALA D 113 -23.00 -4.59 20.12
C ALA D 113 -23.64 -5.26 18.91
N LYS D 114 -22.80 -5.77 18.00
CA LYS D 114 -23.30 -6.46 16.81
C LYS D 114 -24.18 -7.68 17.18
N ARG D 115 -23.69 -8.49 18.11
CA ARG D 115 -24.45 -9.68 18.53
C ARG D 115 -25.74 -9.30 19.26
N ILE D 116 -25.70 -8.22 20.03
CA ILE D 116 -26.89 -7.74 20.73
C ILE D 116 -27.96 -7.34 19.70
N LYS D 117 -27.53 -6.62 18.66
CA LYS D 117 -28.43 -6.26 17.57
C LYS D 117 -28.95 -7.51 16.84
N GLU D 118 -28.07 -8.48 16.61
CA GLU D 118 -28.47 -9.72 15.94
C GLU D 118 -29.45 -10.55 16.77
N ALA D 119 -29.40 -10.39 18.09
CA ALA D 119 -30.29 -11.10 19.00
C ALA D 119 -31.67 -10.47 19.04
N GLY D 120 -31.85 -9.39 18.29
CA GLY D 120 -33.14 -8.75 18.15
C GLY D 120 -33.38 -7.50 18.99
N ALA D 121 -32.34 -7.00 19.64
CA ALA D 121 -32.52 -5.84 20.52
C ALA D 121 -32.69 -4.53 19.75
N GLU D 122 -33.46 -3.62 20.33
CA GLU D 122 -33.59 -2.26 19.81
C GLU D 122 -32.65 -1.30 20.52
N ALA D 123 -31.95 -1.79 21.53
CA ALA D 123 -30.99 -0.95 22.25
C ALA D 123 -29.95 -1.80 22.97
N VAL D 124 -28.74 -1.27 23.05
CA VAL D 124 -27.69 -1.83 23.89
C VAL D 124 -27.70 -1.07 25.22
N LYS D 125 -27.83 -1.80 26.32
CA LYS D 125 -27.77 -1.17 27.64
C LYS D 125 -26.46 -1.58 28.34
N PHE D 126 -25.80 -0.62 28.98
CA PHE D 126 -24.59 -0.90 29.73
C PHE D 126 -24.57 -0.17 31.07
N LEU D 127 -24.21 -0.90 32.13
CA LEU D 127 -24.17 -0.33 33.47
C LEU D 127 -22.75 0.02 33.88
N LEU D 128 -22.53 1.27 34.26
CA LEU D 128 -21.23 1.75 34.74
C LEU D 128 -21.35 2.30 36.16
N TYR D 129 -20.52 1.78 37.07
CA TYR D 129 -20.41 2.40 38.39
C TYR D 129 -19.42 3.54 38.27
N TYR D 130 -19.77 4.68 38.85
CA TYR D 130 -18.92 5.86 38.68
C TYR D 130 -18.90 6.74 39.92
N ASP D 131 -17.69 7.04 40.37
CA ASP D 131 -17.44 8.00 41.44
C ASP D 131 -16.67 9.16 40.85
N ILE D 132 -17.36 10.27 40.61
CA ILE D 132 -16.77 11.46 40.02
C ILE D 132 -15.53 11.93 40.78
N ASP D 133 -15.49 11.64 42.07
CA ASP D 133 -14.39 12.09 42.93
C ASP D 133 -13.32 11.03 43.11
N GLY D 134 -13.45 9.91 42.40
CA GLY D 134 -12.56 8.78 42.60
C GLY D 134 -11.20 8.92 41.93
N ASP D 135 -10.44 7.82 41.94
CA ASP D 135 -9.11 7.81 41.36
C ASP D 135 -9.16 8.27 39.90
N GLN D 136 -8.34 9.25 39.56
CA GLN D 136 -8.36 9.85 38.21
C GLN D 136 -8.01 8.85 37.13
N ASP D 137 -7.10 7.93 37.42
CA ASP D 137 -6.69 6.92 36.45
C ASP D 137 -7.80 5.90 36.21
N VAL D 138 -8.44 5.49 37.30
CA VAL D 138 -9.57 4.58 37.21
C VAL D 138 -10.64 5.19 36.31
N ASN D 139 -10.93 6.47 36.53
CA ASN D 139 -11.97 7.14 35.74
C ASN D 139 -11.58 7.34 34.28
N GLU D 140 -10.30 7.50 34.01
CA GLU D 140 -9.84 7.61 32.62
C GLU D 140 -10.05 6.28 31.90
N GLN D 141 -9.79 5.18 32.60
CA GLN D 141 -10.08 3.85 32.05
C GLN D 141 -11.57 3.67 31.80
N LYS D 142 -12.39 4.17 32.71
CA LYS D 142 -13.83 4.05 32.56
C LYS D 142 -14.35 4.84 31.36
N LYS D 143 -13.87 6.07 31.21
CA LYS D 143 -14.23 6.92 30.07
C LYS D 143 -13.84 6.30 28.73
N ALA D 144 -12.62 5.75 28.66
CA ALA D 144 -12.20 5.08 27.43
C ALA D 144 -13.11 3.90 27.12
N TYR D 145 -13.53 3.16 28.15
CA TYR D 145 -14.33 1.96 27.94
C TYR D 145 -15.69 2.33 27.35
N ILE D 146 -16.28 3.39 27.86
CA ILE D 146 -17.58 3.85 27.36
C ILE D 146 -17.45 4.38 25.92
N GLU D 147 -16.35 5.08 25.66
CA GLU D 147 -16.08 5.54 24.29
C GLU D 147 -16.13 4.38 23.29
N ARG D 148 -15.56 3.23 23.66
CA ARG D 148 -15.56 2.06 22.78
C ARG D 148 -16.98 1.57 22.49
N ILE D 149 -17.77 1.41 23.55
CA ILE D 149 -19.14 0.92 23.41
C ILE D 149 -19.96 1.91 22.58
N GLY D 150 -19.76 3.20 22.86
CA GLY D 150 -20.44 4.26 22.12
C GLY D 150 -20.12 4.17 20.63
N SER D 151 -18.86 3.90 20.31
CA SER D 151 -18.47 3.77 18.91
C SER D 151 -19.10 2.52 18.30
N GLU D 152 -19.10 1.41 19.04
CA GLU D 152 -19.72 0.17 18.58
C GLU D 152 -21.16 0.45 18.16
N CYS D 153 -21.88 1.17 19.01
CA CYS D 153 -23.31 1.38 18.81
C CYS D 153 -23.58 2.32 17.64
N ARG D 154 -22.67 3.26 17.43
CA ARG D 154 -22.75 4.11 16.25
C ARG D 154 -22.59 3.27 14.99
N ALA D 155 -21.58 2.40 14.98
CA ALA D 155 -21.31 1.57 13.82
C ALA D 155 -22.46 0.60 13.55
N GLU D 156 -23.01 0.03 14.60
CA GLU D 156 -24.12 -0.93 14.44
C GLU D 156 -25.47 -0.22 14.31
N ASP D 157 -25.45 1.10 14.52
CA ASP D 157 -26.63 1.94 14.36
C ASP D 157 -27.75 1.49 15.31
N ILE D 158 -27.39 1.34 16.58
CA ILE D 158 -28.35 0.92 17.59
C ILE D 158 -28.22 1.86 18.80
N PRO D 159 -29.36 2.31 19.34
CA PRO D 159 -29.32 3.23 20.48
C PRO D 159 -28.49 2.68 21.63
N PHE D 160 -27.72 3.56 22.27
CA PHE D 160 -26.87 3.21 23.40
C PHE D 160 -27.49 3.79 24.67
N TYR D 161 -28.00 2.92 25.53
CA TYR D 161 -28.53 3.30 26.84
C TYR D 161 -27.46 3.09 27.89
N LEU D 162 -26.97 4.18 28.48
CA LEU D 162 -25.96 4.08 29.52
C LEU D 162 -26.59 4.23 30.91
N GLU D 163 -26.50 3.20 31.73
CA GLU D 163 -26.94 3.34 33.13
C GLU D 163 -25.76 3.75 33.98
N ILE D 164 -25.95 4.77 34.82
CA ILE D 164 -24.90 5.17 35.75
C ILE D 164 -25.37 4.93 37.18
N LEU D 165 -24.61 4.12 37.92
CA LEU D 165 -24.82 3.98 39.36
C LEU D 165 -23.65 4.61 40.09
N THR D 166 -23.93 5.57 40.96
CA THR D 166 -22.88 6.31 41.64
C THR D 166 -22.46 5.64 42.95
N TYR D 167 -21.24 5.92 43.39
CA TYR D 167 -20.76 5.46 44.67
C TYR D 167 -19.60 6.33 45.15
N ASP D 168 -19.11 6.07 46.35
CA ASP D 168 -17.92 6.75 46.85
C ASP D 168 -16.91 5.71 47.27
N GLU D 169 -15.70 5.82 46.75
CA GLU D 169 -14.65 4.87 47.07
C GLU D 169 -14.49 4.70 48.56
N LYS D 170 -14.87 5.72 49.33
CA LYS D 170 -14.61 5.76 50.76
C LYS D 170 -15.86 5.57 51.63
N ILE D 171 -17.03 5.51 51.00
CA ILE D 171 -18.26 5.27 51.74
C ILE D 171 -18.80 3.90 51.35
N ALA D 172 -18.85 2.99 52.31
CA ALA D 172 -19.20 1.61 52.01
C ALA D 172 -20.68 1.44 51.66
N ASP D 173 -21.53 2.22 52.31
CA ASP D 173 -22.97 2.03 52.19
C ASP D 173 -23.66 3.22 51.52
N ASN D 174 -24.18 3.02 50.32
CA ASN D 174 -24.84 4.12 49.62
CA ASN D 174 -24.90 4.05 49.56
C ASN D 174 -26.21 4.46 50.21
N ALA D 175 -26.68 3.65 51.15
CA ALA D 175 -27.95 3.93 51.82
C ALA D 175 -27.75 4.81 53.06
N SER D 176 -26.49 5.04 53.42
CA SER D 176 -26.15 5.81 54.62
C SER D 176 -26.42 7.31 54.47
N PRO D 177 -26.65 7.99 55.60
CA PRO D 177 -26.82 9.45 55.57
C PRO D 177 -25.57 10.12 55.00
N GLU D 178 -24.41 9.54 55.26
CA GLU D 178 -23.17 10.10 54.74
C GLU D 178 -23.21 10.18 53.21
N PHE D 179 -23.66 9.11 52.57
CA PHE D 179 -23.72 9.13 51.11
C PHE D 179 -24.79 10.09 50.60
N ALA D 180 -25.94 10.09 51.25
CA ALA D 180 -27.05 10.93 50.84
C ALA D 180 -26.63 12.39 50.68
N LYS D 181 -25.71 12.83 51.54
CA LYS D 181 -25.25 14.22 51.52
C LYS D 181 -24.42 14.57 50.29
N VAL D 182 -23.85 13.55 49.64
CA VAL D 182 -23.02 13.80 48.46
C VAL D 182 -23.64 13.21 47.19
N LYS D 183 -24.82 12.62 47.31
CA LYS D 183 -25.44 11.93 46.17
C LYS D 183 -25.71 12.84 44.98
N ALA D 184 -26.29 14.01 45.22
CA ALA D 184 -26.63 14.93 44.12
C ALA D 184 -25.39 15.26 43.29
N HIS D 185 -24.29 15.55 43.98
CA HIS D 185 -23.02 15.83 43.32
C HIS D 185 -22.54 14.63 42.49
N LYS D 186 -22.60 13.44 43.07
CA LYS D 186 -22.17 12.23 42.39
C LYS D 186 -22.96 11.99 41.11
N VAL D 187 -24.28 12.12 41.23
CA VAL D 187 -25.18 11.81 40.13
C VAL D 187 -25.13 12.86 39.03
N ASN D 188 -25.26 14.12 39.40
CA ASN D 188 -25.31 15.19 38.42
C ASN D 188 -24.00 15.41 37.66
N GLU D 189 -22.88 15.36 38.37
CA GLU D 189 -21.59 15.55 37.72
C GLU D 189 -21.26 14.36 36.81
N ALA D 190 -21.71 13.17 37.17
CA ALA D 190 -21.47 12.01 36.31
C ALA D 190 -22.26 12.15 35.02
N MET D 191 -23.48 12.66 35.13
CA MET D 191 -24.30 12.90 33.94
C MET D 191 -23.67 13.93 32.99
N LYS D 192 -23.07 14.97 33.57
CA LYS D 192 -22.35 15.96 32.77
C LYS D 192 -21.21 15.33 31.99
N VAL D 193 -20.42 14.49 32.65
CA VAL D 193 -19.32 13.82 31.99
C VAL D 193 -19.80 13.02 30.77
N PHE D 194 -20.78 12.14 30.99
CA PHE D 194 -21.13 11.18 29.96
C PHE D 194 -22.16 11.67 28.95
N SER D 195 -22.54 12.94 29.09
CA SER D 195 -23.37 13.61 28.08
C SER D 195 -22.53 14.18 26.94
N LYS D 196 -21.21 14.24 27.13
CA LYS D 196 -20.33 14.72 26.07
C LYS D 196 -20.48 13.85 24.83
N GLU D 197 -20.37 14.46 23.66
CA GLU D 197 -20.63 13.76 22.41
C GLU D 197 -19.72 12.56 22.17
N ARG D 198 -18.49 12.60 22.69
CA ARG D 198 -17.53 11.52 22.42
C ARG D 198 -17.94 10.16 22.99
N PHE D 199 -18.90 10.15 23.93
CA PHE D 199 -19.31 8.88 24.52
C PHE D 199 -20.47 8.23 23.78
N GLY D 200 -21.05 8.96 22.84
CA GLY D 200 -22.08 8.42 21.95
C GLY D 200 -23.34 7.91 22.63
N VAL D 201 -23.68 8.45 23.78
CA VAL D 201 -24.85 7.99 24.52
C VAL D 201 -26.15 8.54 23.93
N ASP D 202 -27.17 7.71 23.85
CA ASP D 202 -28.48 8.13 23.35
C ASP D 202 -29.47 8.39 24.49
N VAL D 203 -29.47 7.52 25.48
CA VAL D 203 -30.32 7.69 26.65
C VAL D 203 -29.54 7.40 27.92
N LEU D 204 -29.72 8.24 28.94
CA LEU D 204 -29.12 7.99 30.25
C LEU D 204 -30.14 7.36 31.21
N LYS D 205 -29.78 6.23 31.80
CA LYS D 205 -30.60 5.65 32.86
C LYS D 205 -29.92 5.96 34.18
N VAL D 206 -30.57 6.79 35.00
CA VAL D 206 -29.92 7.33 36.18
C VAL D 206 -30.76 7.26 37.43
N GLU D 207 -30.10 7.44 38.58
CA GLU D 207 -30.77 7.53 39.86
C GLU D 207 -31.38 8.92 40.00
N VAL D 208 -32.43 9.04 40.80
CA VAL D 208 -32.88 10.36 41.22
C VAL D 208 -31.74 10.95 42.04
N PRO D 209 -31.53 12.27 41.93
CA PRO D 209 -30.32 12.89 42.50
C PRO D 209 -30.43 13.12 44.01
N VAL D 210 -31.36 12.44 44.65
CA VAL D 210 -31.56 12.59 46.09
CA VAL D 210 -31.52 12.58 46.09
C VAL D 210 -32.04 11.27 46.69
N ASN D 211 -31.66 11.02 47.94
CA ASN D 211 -32.23 9.88 48.64
C ASN D 211 -33.50 10.36 49.33
N MET D 212 -34.65 10.03 48.74
CA MET D 212 -35.93 10.58 49.19
C MET D 212 -36.28 10.22 50.63
N LYS D 213 -35.70 9.17 51.17
CA LYS D 213 -35.99 8.76 52.54
C LYS D 213 -35.44 9.73 53.58
N PHE D 214 -34.69 10.74 53.13
CA PHE D 214 -34.12 11.74 54.03
C PHE D 214 -34.69 13.13 53.73
N VAL D 215 -35.71 13.19 52.90
CA VAL D 215 -36.31 14.47 52.50
C VAL D 215 -37.55 14.78 53.34
N GLU D 216 -37.61 16.00 53.86
CA GLU D 216 -38.77 16.46 54.61
C GLU D 216 -40.06 16.09 53.88
N GLY D 217 -40.98 15.46 54.61
CA GLY D 217 -42.25 15.04 54.03
C GLY D 217 -42.26 13.60 53.55
N PHE D 218 -41.08 13.08 53.22
CA PHE D 218 -40.95 11.71 52.73
C PHE D 218 -40.23 10.84 53.76
N ALA D 219 -39.53 11.50 54.68
CA ALA D 219 -38.69 10.82 55.65
C ALA D 219 -39.49 10.28 56.83
N ASP D 220 -39.19 9.05 57.24
CA ASP D 220 -39.78 8.46 58.44
C ASP D 220 -38.82 8.57 59.61
N GLY D 221 -37.56 8.87 59.31
CA GLY D 221 -36.54 9.02 60.32
C GLY D 221 -35.97 10.41 60.29
N GLU D 222 -34.66 10.53 60.45
CA GLU D 222 -34.04 11.86 60.44
C GLU D 222 -34.23 12.52 59.09
N VAL D 223 -34.34 13.84 59.10
CA VAL D 223 -34.52 14.61 57.87
C VAL D 223 -33.21 15.34 57.55
N LEU D 224 -32.70 15.12 56.36
CA LEU D 224 -31.44 15.76 55.95
C LEU D 224 -31.67 16.95 55.02
N PHE D 225 -32.77 16.93 54.28
CA PHE D 225 -33.03 17.96 53.29
C PHE D 225 -34.46 18.48 53.36
N THR D 226 -34.62 19.76 53.04
CA THR D 226 -35.94 20.34 52.86
C THR D 226 -36.46 19.97 51.47
N LYS D 227 -37.74 20.20 51.22
CA LYS D 227 -38.30 19.95 49.90
C LYS D 227 -37.63 20.85 48.87
N GLU D 228 -37.30 22.08 49.26
CA GLU D 228 -36.68 23.03 48.36
C GLU D 228 -35.28 22.56 47.95
N GLU D 229 -34.52 22.05 48.91
CA GLU D 229 -33.20 21.53 48.64
C GLU D 229 -33.27 20.33 47.70
N ALA D 230 -34.23 19.45 47.95
CA ALA D 230 -34.46 18.28 47.08
C ALA D 230 -34.87 18.72 45.68
N ALA D 231 -35.79 19.68 45.61
CA ALA D 231 -36.25 20.21 44.33
C ALA D 231 -35.09 20.78 43.51
N GLN D 232 -34.21 21.51 44.19
CA GLN D 232 -33.04 22.09 43.54
C GLN D 232 -32.10 21.02 42.94
N ALA D 233 -31.97 19.89 43.62
CA ALA D 233 -31.16 18.79 43.09
C ALA D 233 -31.76 18.24 41.79
N PHE D 234 -33.08 18.12 41.75
CA PHE D 234 -33.75 17.69 40.53
C PHE D 234 -33.55 18.70 39.40
N ARG D 235 -33.62 20.00 39.70
CA ARG D 235 -33.37 21.02 38.69
C ARG D 235 -31.92 20.99 38.20
N ASP D 236 -30.99 20.79 39.13
CA ASP D 236 -29.57 20.67 38.79
C ASP D 236 -29.35 19.46 37.86
N GLN D 237 -30.07 18.38 38.12
CA GLN D 237 -29.96 17.19 37.28
C GLN D 237 -30.48 17.50 35.88
N GLU D 238 -31.64 18.14 35.83
CA GLU D 238 -32.25 18.53 34.57
C GLU D 238 -31.31 19.40 33.75
N ALA D 239 -30.47 20.17 34.44
CA ALA D 239 -29.54 21.07 33.77
C ALA D 239 -28.20 20.41 33.49
N SER D 240 -28.05 19.15 33.91
CA SER D 240 -26.77 18.44 33.75
CA SER D 240 -26.78 18.44 33.75
C SER D 240 -26.65 17.73 32.41
N THR D 241 -27.74 17.65 31.65
CA THR D 241 -27.71 16.96 30.37
C THR D 241 -28.74 17.48 29.39
N ASP D 242 -28.47 17.35 28.10
CA ASP D 242 -29.46 17.64 27.08
C ASP D 242 -29.99 16.34 26.47
N LEU D 243 -29.48 15.21 26.95
CA LEU D 243 -29.92 13.92 26.46
C LEU D 243 -31.22 13.50 27.14
N PRO D 244 -31.99 12.63 26.49
CA PRO D 244 -33.10 12.01 27.22
C PRO D 244 -32.55 11.25 28.41
N TYR D 245 -33.26 11.28 29.54
CA TYR D 245 -32.84 10.50 30.69
C TYR D 245 -34.05 9.89 31.39
N ILE D 246 -33.88 8.67 31.91
CA ILE D 246 -34.95 7.95 32.56
C ILE D 246 -34.49 7.45 33.93
N TYR D 247 -35.43 7.25 34.85
CA TYR D 247 -35.10 6.87 36.21
C TYR D 247 -35.17 5.37 36.48
N LEU D 248 -34.19 4.87 37.24
CA LEU D 248 -34.27 3.52 37.80
C LEU D 248 -34.92 3.61 39.19
N SER D 249 -35.53 2.52 39.65
CA SER D 249 -36.23 2.54 40.93
C SER D 249 -35.28 2.32 42.11
N ALA D 250 -34.17 1.65 41.84
CA ALA D 250 -33.18 1.36 42.89
C ALA D 250 -33.79 0.47 43.97
N GLY D 251 -34.91 -0.16 43.65
CA GLY D 251 -35.54 -1.08 44.57
C GLY D 251 -36.30 -0.46 45.74
N VAL D 252 -36.56 0.84 45.68
CA VAL D 252 -37.43 1.45 46.70
C VAL D 252 -38.85 0.91 46.49
N SER D 253 -39.73 1.13 47.47
CA SER D 253 -41.09 0.63 47.35
C SER D 253 -41.79 1.26 46.15
N ALA D 254 -42.76 0.55 45.60
CA ALA D 254 -43.55 1.07 44.49
C ALA D 254 -44.15 2.43 44.83
N LYS D 255 -44.70 2.55 46.03
CA LYS D 255 -45.35 3.78 46.47
C LYS D 255 -44.39 4.96 46.53
N LEU D 256 -43.21 4.74 47.11
CA LEU D 256 -42.22 5.81 47.22
C LEU D 256 -41.72 6.22 45.83
N PHE D 257 -41.49 5.25 44.96
CA PHE D 257 -41.04 5.56 43.60
C PHE D 257 -42.07 6.42 42.89
N GLN D 258 -43.34 6.07 43.03
CA GLN D 258 -44.40 6.85 42.39
C GLN D 258 -44.44 8.30 42.88
N ASP D 259 -44.31 8.48 44.20
CA ASP D 259 -44.28 9.82 44.78
C ASP D 259 -43.04 10.58 44.33
N THR D 260 -41.95 9.85 44.14
CA THR D 260 -40.70 10.45 43.70
C THR D 260 -40.85 11.05 42.31
N LEU D 261 -41.55 10.34 41.43
CA LEU D 261 -41.78 10.80 40.07
C LEU D 261 -42.65 12.05 40.06
N VAL D 262 -43.67 12.06 40.91
CA VAL D 262 -44.50 13.24 41.07
C VAL D 262 -43.66 14.43 41.54
N PHE D 263 -42.82 14.19 42.55
CA PHE D 263 -41.97 15.25 43.07
C PHE D 263 -40.97 15.76 42.04
N ALA D 264 -40.41 14.84 41.25
CA ALA D 264 -39.46 15.21 40.20
C ALA D 264 -40.10 16.19 39.23
N ALA D 265 -41.27 15.82 38.71
CA ALA D 265 -41.97 16.64 37.73
C ALA D 265 -42.34 18.00 38.31
N GLU D 266 -42.84 18.00 39.54
CA GLU D 266 -43.21 19.23 40.22
C GLU D 266 -42.02 20.16 40.36
N SER D 267 -40.85 19.58 40.56
CA SER D 267 -39.64 20.34 40.80
C SER D 267 -39.05 20.93 39.51
N GLY D 268 -39.43 20.36 38.38
CA GLY D 268 -38.96 20.86 37.09
C GLY D 268 -38.09 19.88 36.32
N ALA D 269 -37.96 18.65 36.82
CA ALA D 269 -37.23 17.64 36.08
C ALA D 269 -38.04 17.22 34.86
N LYS D 270 -37.41 17.26 33.70
CA LYS D 270 -38.06 16.82 32.48
C LYS D 270 -37.56 15.42 32.11
N PHE D 271 -37.77 14.45 33.01
CA PHE D 271 -37.36 13.08 32.76
C PHE D 271 -38.28 12.44 31.74
N ASN D 272 -37.78 11.47 31.00
CA ASN D 272 -38.50 10.96 29.84
C ASN D 272 -39.04 9.55 30.02
N GLY D 273 -39.22 9.15 31.27
CA GLY D 273 -39.72 7.83 31.56
C GLY D 273 -38.88 7.10 32.59
N VAL D 274 -39.01 5.79 32.62
CA VAL D 274 -38.33 4.98 33.62
C VAL D 274 -37.87 3.65 33.02
N LEU D 275 -36.84 3.08 33.62
CA LEU D 275 -36.52 1.67 33.42
C LEU D 275 -36.66 1.09 34.81
N CYS D 276 -37.87 0.63 35.13
CA CYS D 276 -38.23 0.29 36.50
C CYS D 276 -38.31 -1.22 36.65
N GLY D 277 -37.54 -1.75 37.58
CA GLY D 277 -37.48 -3.19 37.76
C GLY D 277 -38.04 -3.67 39.10
N ARG D 278 -37.20 -3.63 40.13
CA ARG D 278 -37.54 -4.24 41.41
C ARG D 278 -38.83 -3.67 42.02
N ALA D 279 -38.99 -2.35 41.96
CA ALA D 279 -40.19 -1.72 42.49
C ALA D 279 -41.46 -2.35 41.90
N THR D 280 -41.33 -2.96 40.71
CA THR D 280 -42.48 -3.59 40.06
C THR D 280 -42.64 -5.09 40.31
N TRP D 281 -41.58 -5.87 40.12
CA TRP D 281 -41.71 -7.32 40.13
C TRP D 281 -41.09 -8.02 41.35
N ALA D 282 -40.45 -7.23 42.22
CA ALA D 282 -39.74 -7.80 43.37
C ALA D 282 -40.56 -8.78 44.19
N GLY D 283 -41.85 -8.49 44.35
CA GLY D 283 -42.72 -9.30 45.18
C GLY D 283 -43.01 -10.68 44.58
N SER D 284 -42.78 -10.83 43.29
CA SER D 284 -43.05 -12.10 42.61
C SER D 284 -42.02 -13.18 42.95
N VAL D 285 -40.83 -12.75 43.38
CA VAL D 285 -39.74 -13.70 43.60
C VAL D 285 -40.06 -14.73 44.69
N LYS D 286 -40.43 -14.24 45.87
CA LYS D 286 -40.77 -15.12 46.98
C LYS D 286 -41.90 -16.09 46.62
N VAL D 287 -42.94 -15.57 45.99
CA VAL D 287 -44.05 -16.39 45.54
C VAL D 287 -43.55 -17.48 44.59
N TYR D 288 -42.74 -17.09 43.61
CA TYR D 288 -42.24 -18.05 42.63
C TYR D 288 -41.45 -19.17 43.28
N ILE D 289 -40.59 -18.83 44.22
CA ILE D 289 -39.72 -19.81 44.86
C ILE D 289 -40.47 -20.72 45.83
N GLU D 290 -41.31 -20.13 46.66
CA GLU D 290 -42.03 -20.90 47.67
C GLU D 290 -43.27 -21.64 47.14
N GLU D 291 -43.89 -21.12 46.10
CA GLU D 291 -45.17 -21.67 45.63
C GLU D 291 -45.16 -22.11 44.16
N GLY D 292 -44.14 -21.71 43.42
CA GLY D 292 -43.98 -22.17 42.05
C GLY D 292 -44.43 -21.17 41.00
N PRO D 293 -44.21 -21.53 39.74
CA PRO D 293 -44.50 -20.66 38.60
C PRO D 293 -45.97 -20.23 38.54
N GLN D 294 -46.89 -21.19 38.62
CA GLN D 294 -48.30 -20.86 38.48
C GLN D 294 -48.72 -19.82 39.50
N ALA D 295 -48.23 -19.97 40.73
CA ALA D 295 -48.49 -19.01 41.79
C ALA D 295 -47.89 -17.66 41.45
N ALA D 296 -46.65 -17.68 40.96
CA ALA D 296 -45.96 -16.46 40.55
C ALA D 296 -46.72 -15.77 39.43
N ARG D 297 -47.25 -16.55 38.49
CA ARG D 297 -48.02 -15.99 37.39
C ARG D 297 -49.25 -15.27 37.94
N GLU D 298 -49.91 -15.90 38.91
CA GLU D 298 -51.05 -15.29 39.58
C GLU D 298 -50.68 -13.92 40.16
N TRP D 299 -49.59 -13.88 40.91
CA TRP D 299 -49.15 -12.64 41.53
C TRP D 299 -48.88 -11.58 40.47
N LEU D 300 -48.26 -11.99 39.36
CA LEU D 300 -47.90 -11.05 38.31
C LEU D 300 -49.13 -10.49 37.60
N ARG D 301 -50.15 -11.32 37.44
CA ARG D 301 -51.39 -10.91 36.76
C ARG D 301 -52.25 -9.99 37.62
N THR D 302 -51.97 -9.96 38.92
CA THR D 302 -52.78 -9.19 39.86
C THR D 302 -51.98 -8.08 40.53
N GLU D 303 -51.16 -8.45 41.51
CA GLU D 303 -50.32 -7.47 42.19
C GLU D 303 -49.30 -6.83 41.25
N GLY D 304 -48.72 -7.65 40.38
CA GLY D 304 -47.74 -7.18 39.41
C GLY D 304 -48.35 -6.17 38.47
N PHE D 305 -49.49 -6.52 37.90
CA PHE D 305 -50.21 -5.62 36.99
C PHE D 305 -50.61 -4.33 37.68
N LYS D 306 -51.08 -4.43 38.92
CA LYS D 306 -51.47 -3.25 39.68
C LYS D 306 -50.27 -2.32 39.83
N ASN D 307 -49.11 -2.89 40.13
CA ASN D 307 -47.88 -2.12 40.25
C ASN D 307 -47.57 -1.33 38.99
N ILE D 308 -47.56 -2.00 37.85
CA ILE D 308 -47.16 -1.38 36.60
C ILE D 308 -48.27 -0.47 36.07
N ASP D 309 -49.51 -0.81 36.38
CA ASP D 309 -50.64 0.03 36.00
C ASP D 309 -50.63 1.37 36.72
N GLU D 310 -50.41 1.34 38.04
CA GLU D 310 -50.34 2.57 38.83
C GLU D 310 -49.14 3.40 38.41
N LEU D 311 -48.03 2.73 38.14
CA LEU D 311 -46.85 3.41 37.65
C LEU D 311 -47.17 4.16 36.37
N ASN D 312 -47.82 3.46 35.44
CA ASN D 312 -48.16 4.03 34.13
C ASN D 312 -49.06 5.26 34.26
N LYS D 313 -50.01 5.22 35.21
CA LYS D 313 -50.89 6.36 35.43
C LYS D 313 -50.08 7.56 35.91
N VAL D 314 -49.11 7.32 36.80
CA VAL D 314 -48.25 8.38 37.28
C VAL D 314 -47.37 8.93 36.15
N LEU D 315 -46.84 8.02 35.32
CA LEU D 315 -46.01 8.43 34.19
C LEU D 315 -46.78 9.32 33.22
N ASP D 316 -48.06 9.01 33.03
CA ASP D 316 -48.92 9.80 32.14
C ASP D 316 -48.97 11.28 32.50
N LYS D 317 -48.83 11.61 33.77
CA LYS D 317 -48.87 13.02 34.17
C LYS D 317 -47.56 13.55 34.76
N THR D 318 -46.47 12.81 34.59
CA THR D 318 -45.19 13.28 35.12
C THR D 318 -44.08 13.31 34.08
N ALA D 319 -44.05 12.30 33.22
CA ALA D 319 -42.97 12.16 32.24
C ALA D 319 -43.13 13.12 31.07
N SER D 320 -42.01 13.59 30.53
CA SER D 320 -41.98 14.42 29.33
C SER D 320 -41.47 13.58 28.15
N PRO D 321 -42.02 13.81 26.95
CA PRO D 321 -41.58 13.01 25.80
C PRO D 321 -40.16 13.35 25.38
N TRP D 322 -39.35 12.34 25.06
CA TRP D 322 -37.98 12.58 24.62
C TRP D 322 -37.95 13.23 23.24
N THR D 323 -39.08 13.18 22.53
CA THR D 323 -39.16 13.77 21.19
C THR D 323 -38.96 15.28 21.18
N GLU D 324 -39.09 15.92 22.34
CA GLU D 324 -38.72 17.33 22.46
C GLU D 324 -37.38 17.48 23.16
N LYS D 325 -36.66 16.36 23.26
CA LYS D 325 -35.30 16.34 23.81
C LYS D 325 -35.27 16.27 25.34
N MET D 326 -34.10 15.95 25.88
CA MET D 326 -33.85 16.06 27.31
C MET D 326 -34.97 15.45 28.16
P 13P E . 4.05 25.67 -18.87
O1P 13P E . 3.56 26.49 -20.21
O2P 13P E . 2.84 24.70 -18.35
O3P 13P E . 4.43 26.60 -17.80
O1 13P E . 5.37 24.78 -19.28
C1 13P E . 5.99 24.03 -18.29
C2 13P E . 6.81 22.86 -18.81
C3 13P E . 6.90 22.73 -20.32
O3 13P E . 7.49 21.57 -20.81
CA CA F . 19.45 39.25 -12.21
CA CA G . 13.14 6.36 -1.20
CA CA H . 8.10 16.32 1.67
P 13P I . 19.60 -19.92 -32.78
O1P 13P I . 18.25 -20.88 -32.88
O2P 13P I . 19.79 -19.07 -34.18
O3P 13P I . 20.80 -20.72 -32.52
O1 13P I . 19.39 -18.91 -31.50
C1 13P I . 20.28 -17.85 -31.30
C2 13P I . 19.82 -16.81 -30.29
C3 13P I . 18.32 -16.79 -29.99
O3 13P I . 17.77 -15.58 -29.55
CA CA J . 31.83 -33.09 -39.55
P 13P K . 8.02 -8.45 13.56
O1P 13P K . 9.24 -8.15 14.62
O2P 13P K . 7.42 -9.98 13.74
O3P 13P K . 8.47 -8.28 12.18
O1 13P K . 6.84 -7.33 13.82
C1 13P K . 5.65 -7.40 13.11
C2 13P K . 4.47 -6.73 13.78
C3 13P K . 4.78 -6.05 15.11
O3 13P K . 3.70 -5.70 15.93
CA CA L . -7.25 -14.38 -2.52
CA CA M . 20.15 -7.78 33.24
P 13P N . -34.26 -1.21 39.19
O1P 13P N . -34.63 -2.61 39.95
O2P 13P N . -33.14 -0.36 40.03
O3P 13P N . -35.45 -0.37 38.99
O1 13P N . -33.67 -1.61 37.69
C1 13P N . -33.29 -0.60 36.82
C2 13P N . -32.37 -1.03 35.70
C3 13P N . -31.78 -2.42 35.81
O3 13P N . -30.76 -2.74 34.93
CA CA O . -45.11 -0.12 20.96
#